data_1JNH
#
_entry.id   1JNH
#
_cell.length_a   70.200
_cell.length_b   192.900
_cell.length_c   71.120
_cell.angle_alpha   90.00
_cell.angle_beta   92.93
_cell.angle_gamma   90.00
#
_symmetry.space_group_name_H-M   'P 1 21 1'
#
loop_
_entity.id
_entity.type
_entity.pdbx_description
1 polymer 'monoclonal anti-estradiol 10G6D6 Fab light chain'
2 polymer 'monoclonal anti-estradiol 10G6D6 Fab heavy chain'
3 non-polymer 'ESTRADIOL-6 CARBOXYL-METHYL-OXIME'
4 water water
#
loop_
_entity_poly.entity_id
_entity_poly.type
_entity_poly.pdbx_seq_one_letter_code
_entity_poly.pdbx_strand_id
1 'polypeptide(L)'
;QAVVTQESALTTSPGETVTLTCRSSSGAITTSHYANWIQEKPDHLFTGLISGTNNRAPGVPARFSGSLIGDKAALTITGA
QTEDEAIYICALWFSNQFIFGSGTKVTVLGQPKSSPSVTLFPPSSEELETNKATLVCTITDFYPGVVTVDWKVDGTPVTQ
GMETTQPSKQSNNKYMASSYLTLTARAWERHSSYSCQVTHEGHTVEKSLSAA
;
A,C,E,G
2 'polypeptide(L)'
;EVQLQQSGAELARPGASVKLSCRTSGYSFTTYWMQWVRQRPGQGLEWIAAIYPGDDDARYTQKFKGKATLTADRSSSIVY
LQLNSLTSEDSAVYSCSRGRSLYYTMDYWGQGTSVTVSSAKTTPPSVYPLAPGSAAQTNSMVTLGCLVKGYFPEPVTVSW
NTGSLSSGVHTFPAVLQSDLYTLSSSVTVPSSTWPSETVTCNVAHPASSTKVDKKIVP
;
B,D,F,H
#
loop_
_chem_comp.id
_chem_comp.type
_chem_comp.name
_chem_comp.formula
ECO non-polymer 'ESTRADIOL-6 CARBOXYL-METHYL-OXIME' 'C20 H25 N O5'
#
# COMPACT_ATOMS: atom_id res chain seq x y z
N GLN A 1 8.04 -13.59 -8.64
CA GLN A 1 9.34 -14.30 -8.94
C GLN A 1 10.48 -13.32 -9.21
N ALA A 2 11.72 -13.78 -9.04
CA ALA A 2 12.88 -12.94 -9.29
C ALA A 2 13.60 -13.44 -10.54
N VAL A 3 13.41 -12.75 -11.65
CA VAL A 3 14.04 -13.13 -12.92
C VAL A 3 15.57 -13.09 -12.84
N VAL A 4 16.19 -14.15 -13.32
CA VAL A 4 17.64 -14.25 -13.34
C VAL A 4 18.11 -14.07 -14.77
N THR A 5 19.21 -13.37 -14.95
CA THR A 5 19.69 -13.12 -16.29
C THR A 5 21.10 -13.61 -16.53
N GLN A 6 21.42 -13.84 -17.80
CA GLN A 6 22.75 -14.30 -18.21
C GLN A 6 23.08 -13.77 -19.61
N GLU A 7 24.25 -14.13 -20.12
CA GLU A 7 24.65 -13.70 -21.44
C GLU A 7 24.15 -14.72 -22.45
N SER A 8 23.37 -14.26 -23.42
CA SER A 8 22.81 -15.12 -24.46
C SER A 8 23.82 -16.17 -24.91
N ALA A 9 24.88 -15.71 -25.58
CA ALA A 9 25.90 -16.60 -26.09
C ALA A 9 27.32 -16.03 -25.99
N LEU A 10 28.32 -16.89 -26.09
CA LEU A 10 29.72 -16.49 -26.02
C LEU A 10 30.58 -17.39 -26.89
N THR A 11 31.30 -16.78 -27.83
CA THR A 11 32.19 -17.52 -28.73
C THR A 11 33.59 -17.42 -28.15
N THR A 12 34.15 -18.54 -27.75
CA THR A 12 35.48 -18.54 -27.17
C THR A 12 36.43 -19.47 -27.93
N SER A 13 37.70 -19.44 -27.55
CA SER A 13 38.71 -20.27 -28.20
C SER A 13 39.36 -21.18 -27.17
N PRO A 14 39.99 -22.28 -27.63
CA PRO A 14 40.66 -23.22 -26.73
C PRO A 14 41.67 -22.54 -25.81
N GLY A 15 42.01 -23.21 -24.71
CA GLY A 15 42.98 -22.66 -23.77
C GLY A 15 42.56 -21.41 -23.00
N GLU A 16 41.92 -20.47 -23.70
CA GLU A 16 41.48 -19.22 -23.09
C GLU A 16 40.74 -19.40 -21.78
N THR A 17 40.26 -18.27 -21.27
CA THR A 17 39.48 -18.25 -20.05
C THR A 17 38.27 -17.36 -20.35
N VAL A 18 37.10 -17.86 -19.97
CA VAL A 18 35.86 -17.12 -20.18
C VAL A 18 35.17 -16.93 -18.83
N THR A 19 34.40 -15.86 -18.71
CA THR A 19 33.66 -15.60 -17.49
C THR A 19 32.20 -15.43 -17.84
N LEU A 20 31.34 -16.10 -17.08
CA LEU A 20 29.91 -16.00 -17.31
C LEU A 20 29.31 -15.36 -16.08
N THR A 21 28.49 -14.34 -16.28
CA THR A 21 27.88 -13.67 -15.15
C THR A 21 26.44 -14.11 -15.00
N CYS A 22 25.91 -13.90 -13.80
CA CYS A 22 24.55 -14.28 -13.44
C CYS A 22 23.99 -13.14 -12.59
N ARG A 23 23.21 -12.26 -13.21
CA ARG A 23 22.64 -11.13 -12.47
C ARG A 23 21.18 -11.30 -12.11
N SER A 24 20.86 -11.01 -10.85
CA SER A 24 19.51 -11.15 -10.35
C SER A 24 18.71 -9.86 -10.46
N SER A 25 17.43 -9.97 -10.79
CA SER A 25 16.55 -8.83 -10.94
C SER A 25 16.08 -8.33 -9.59
N SER A 26 16.42 -9.05 -8.52
CA SER A 26 16.02 -8.64 -7.19
C SER A 26 17.06 -7.69 -6.60
N GLY A 27 18.27 -7.74 -7.12
CA GLY A 27 19.33 -6.88 -6.62
C GLY A 27 20.69 -7.56 -6.60
N ALA A 28 21.43 -7.33 -5.53
CA ALA A 28 22.76 -7.91 -5.39
C ALA A 28 22.71 -9.39 -5.08
N ILE A 29 23.52 -10.18 -5.78
CA ILE A 29 23.56 -11.62 -5.56
C ILE A 29 24.55 -11.86 -4.44
N THR A 30 24.10 -12.57 -3.41
CA THR A 30 24.93 -12.86 -2.25
C THR A 30 25.13 -14.34 -2.01
N THR A 31 25.80 -14.67 -0.92
CA THR A 31 26.05 -16.05 -0.57
C THR A 31 24.73 -16.74 -0.22
N SER A 32 23.70 -15.96 0.03
CA SER A 32 22.40 -16.51 0.40
C SER A 32 21.55 -16.88 -0.82
N HIS A 33 22.11 -16.68 -2.00
CA HIS A 33 21.43 -17.02 -3.25
C HIS A 33 21.99 -18.36 -3.71
N TYR A 34 22.87 -18.92 -2.86
CA TYR A 34 23.53 -20.19 -3.09
C TYR A 34 23.66 -20.50 -4.58
N ALA A 35 24.20 -19.51 -5.29
CA ALA A 35 24.40 -19.60 -6.73
C ALA A 35 24.81 -21.02 -7.09
N ASN A 36 24.24 -21.53 -8.17
CA ASN A 36 24.54 -22.87 -8.64
C ASN A 36 24.61 -22.80 -10.16
N TRP A 37 25.72 -23.28 -10.72
CA TRP A 37 25.89 -23.30 -12.16
C TRP A 37 25.71 -24.72 -12.70
N ILE A 38 24.93 -24.84 -13.76
CA ILE A 38 24.64 -26.12 -14.38
C ILE A 38 25.00 -26.15 -15.85
N GLN A 39 25.66 -27.23 -16.26
CA GLN A 39 26.06 -27.43 -17.65
C GLN A 39 25.05 -28.29 -18.35
N GLU A 40 24.63 -27.83 -19.52
CA GLU A 40 23.65 -28.56 -20.30
C GLU A 40 24.18 -28.88 -21.71
N LYS A 41 24.19 -30.17 -22.04
CA LYS A 41 24.66 -30.64 -23.33
C LYS A 41 23.49 -31.27 -24.10
N PRO A 42 23.61 -31.33 -25.44
CA PRO A 42 22.59 -31.90 -26.33
C PRO A 42 21.86 -33.11 -25.76
N ASP A 43 20.54 -33.10 -25.88
CA ASP A 43 19.66 -34.18 -25.39
C ASP A 43 19.29 -34.06 -23.92
N HIS A 44 19.17 -32.83 -23.42
CA HIS A 44 18.80 -32.59 -22.03
C HIS A 44 19.73 -33.24 -21.02
N LEU A 45 21.03 -33.21 -21.29
CA LEU A 45 22.02 -33.77 -20.39
C LEU A 45 22.53 -32.72 -19.44
N PHE A 46 21.96 -32.70 -18.23
CA PHE A 46 22.35 -31.74 -17.21
C PHE A 46 23.43 -32.29 -16.31
N THR A 47 24.38 -31.43 -15.94
CA THR A 47 25.49 -31.81 -15.07
C THR A 47 25.81 -30.68 -14.11
N GLY A 48 26.00 -31.03 -12.84
CA GLY A 48 26.32 -30.04 -11.83
C GLY A 48 27.76 -29.59 -11.92
N LEU A 49 27.96 -28.28 -11.82
CA LEU A 49 29.30 -27.71 -11.87
C LEU A 49 29.67 -27.06 -10.56
N ILE A 50 28.87 -26.09 -10.13
CA ILE A 50 29.14 -25.40 -8.87
C ILE A 50 27.85 -25.18 -8.09
N SER A 51 27.90 -25.40 -6.79
CA SER A 51 26.74 -25.18 -5.94
C SER A 51 27.21 -24.28 -4.80
N GLY A 52 26.31 -23.93 -3.89
CA GLY A 52 26.71 -23.07 -2.78
C GLY A 52 27.62 -21.91 -3.16
N THR A 53 27.32 -21.31 -4.30
CA THR A 53 28.08 -20.17 -4.81
C THR A 53 29.49 -20.45 -5.33
N ASN A 54 30.20 -21.40 -4.75
CA ASN A 54 31.56 -21.63 -5.24
C ASN A 54 32.19 -23.00 -5.03
N ASN A 55 31.40 -24.00 -4.69
CA ASN A 55 31.93 -25.34 -4.47
C ASN A 55 31.88 -26.25 -5.69
N ARG A 56 33.04 -26.64 -6.21
CA ARG A 56 33.11 -27.53 -7.37
C ARG A 56 32.52 -28.86 -6.96
N ALA A 57 31.81 -29.51 -7.89
CA ALA A 57 31.20 -30.80 -7.61
C ALA A 57 32.19 -31.89 -7.98
N PRO A 58 31.90 -33.14 -7.57
CA PRO A 58 32.80 -34.25 -7.89
C PRO A 58 32.95 -34.48 -9.39
N GLY A 59 34.20 -34.44 -9.86
CA GLY A 59 34.46 -34.67 -11.27
C GLY A 59 34.42 -33.42 -12.12
N VAL A 60 34.82 -32.30 -11.53
CA VAL A 60 34.80 -31.05 -12.26
C VAL A 60 36.20 -30.49 -12.49
N PRO A 61 36.60 -30.36 -13.77
CA PRO A 61 37.93 -29.83 -14.11
C PRO A 61 38.14 -28.50 -13.40
N ALA A 62 39.17 -28.47 -12.56
CA ALA A 62 39.47 -27.27 -11.79
C ALA A 62 39.48 -25.98 -12.60
N ARG A 63 39.44 -26.09 -13.92
CA ARG A 63 39.43 -24.89 -14.76
C ARG A 63 38.13 -24.12 -14.57
N PHE A 64 37.17 -24.78 -13.93
CA PHE A 64 35.87 -24.21 -13.64
C PHE A 64 35.89 -23.59 -12.25
N SER A 65 35.49 -22.33 -12.17
CA SER A 65 35.47 -21.64 -10.89
C SER A 65 34.23 -20.75 -10.73
N GLY A 66 33.62 -20.84 -9.55
CA GLY A 66 32.45 -20.04 -9.27
C GLY A 66 32.81 -19.04 -8.20
N SER A 67 32.32 -17.82 -8.32
CA SER A 67 32.62 -16.80 -7.33
C SER A 67 31.72 -15.58 -7.53
N LEU A 68 31.57 -14.79 -6.47
CA LEU A 68 30.74 -13.58 -6.52
C LEU A 68 31.64 -12.43 -6.92
N ILE A 69 31.36 -11.85 -8.09
CA ILE A 69 32.12 -10.74 -8.62
C ILE A 69 31.23 -9.51 -8.74
N GLY A 70 31.14 -8.76 -7.65
CA GLY A 70 30.30 -7.58 -7.64
C GLY A 70 28.92 -7.97 -7.16
N ASP A 71 27.89 -7.40 -7.79
CA ASP A 71 26.52 -7.72 -7.42
C ASP A 71 26.14 -9.01 -8.11
N LYS A 72 27.09 -9.55 -8.89
CA LYS A 72 26.87 -10.77 -9.65
C LYS A 72 27.58 -12.02 -9.15
N ALA A 73 27.12 -13.15 -9.67
CA ALA A 73 27.67 -14.47 -9.38
C ALA A 73 28.20 -14.85 -10.75
N ALA A 74 29.45 -15.30 -10.82
CA ALA A 74 29.99 -15.65 -12.12
C ALA A 74 30.69 -17.00 -12.16
N LEU A 75 30.80 -17.55 -13.37
CA LEU A 75 31.48 -18.81 -13.58
C LEU A 75 32.68 -18.47 -14.45
N THR A 76 33.84 -18.98 -14.05
CA THR A 76 35.07 -18.72 -14.78
C THR A 76 35.62 -20.01 -15.34
N ILE A 77 36.01 -19.99 -16.60
CA ILE A 77 36.57 -21.18 -17.23
C ILE A 77 38.00 -20.89 -17.67
N THR A 78 38.93 -21.29 -16.80
CA THR A 78 40.35 -21.10 -17.04
C THR A 78 40.91 -22.29 -17.80
N GLY A 79 40.95 -22.18 -19.12
CA GLY A 79 41.47 -23.25 -19.94
C GLY A 79 40.38 -23.98 -20.69
N ALA A 80 39.85 -23.34 -21.72
CA ALA A 80 38.78 -23.90 -22.54
C ALA A 80 39.14 -25.23 -23.22
N GLN A 81 38.12 -26.06 -23.43
CA GLN A 81 38.28 -27.34 -24.10
C GLN A 81 37.20 -27.39 -25.18
N THR A 82 37.36 -28.23 -26.19
CA THR A 82 36.35 -28.32 -27.24
C THR A 82 35.08 -28.91 -26.63
N GLU A 83 35.25 -29.72 -25.60
CA GLU A 83 34.15 -30.37 -24.91
C GLU A 83 33.42 -29.41 -23.99
N ASP A 84 34.08 -28.32 -23.62
CA ASP A 84 33.48 -27.33 -22.74
C ASP A 84 32.43 -26.49 -23.46
N GLU A 85 32.13 -26.85 -24.71
CA GLU A 85 31.12 -26.10 -25.44
C GLU A 85 29.75 -26.59 -25.00
N ALA A 86 28.92 -25.68 -24.50
CA ALA A 86 27.60 -26.05 -24.02
C ALA A 86 26.77 -24.85 -23.57
N ILE A 87 25.67 -25.15 -22.88
CA ILE A 87 24.78 -24.13 -22.36
C ILE A 87 24.91 -24.09 -20.86
N TYR A 88 25.30 -22.93 -20.37
CA TYR A 88 25.50 -22.71 -18.96
C TYR A 88 24.34 -22.00 -18.29
N ILE A 89 23.76 -22.72 -17.34
CA ILE A 89 22.60 -22.24 -16.62
C ILE A 89 22.94 -21.97 -15.16
N CYS A 90 22.71 -20.75 -14.70
CA CYS A 90 22.97 -20.47 -13.31
C CYS A 90 21.62 -20.43 -12.60
N ALA A 91 21.63 -20.81 -11.33
CA ALA A 91 20.39 -20.85 -10.57
C ALA A 91 20.61 -20.19 -9.21
N LEU A 92 19.75 -19.22 -8.91
CA LEU A 92 19.85 -18.51 -7.65
C LEU A 92 18.71 -18.92 -6.73
N TRP A 93 19.04 -19.14 -5.47
CA TRP A 93 18.05 -19.52 -4.49
C TRP A 93 17.23 -18.32 -4.06
N PHE A 94 15.93 -18.49 -4.00
CA PHE A 94 15.02 -17.43 -3.59
C PHE A 94 14.03 -18.02 -2.62
N SER A 95 14.57 -18.51 -1.50
CA SER A 95 13.79 -19.09 -0.42
C SER A 95 12.64 -19.97 -0.88
N ASN A 96 12.87 -21.28 -0.89
CA ASN A 96 11.85 -22.27 -1.26
C ASN A 96 11.77 -22.73 -2.71
N GLN A 97 12.75 -22.34 -3.53
CA GLN A 97 12.78 -22.77 -4.94
C GLN A 97 13.95 -22.13 -5.66
N PHE A 98 14.47 -22.81 -6.66
CA PHE A 98 15.56 -22.23 -7.40
C PHE A 98 14.96 -21.56 -8.60
N ILE A 99 15.52 -20.43 -8.99
CA ILE A 99 15.05 -19.74 -10.16
C ILE A 99 16.23 -19.78 -11.10
N PHE A 100 15.98 -20.28 -12.31
CA PHE A 100 17.01 -20.47 -13.31
C PHE A 100 17.14 -19.35 -14.33
N GLY A 101 18.31 -19.30 -14.97
CA GLY A 101 18.54 -18.33 -16.02
C GLY A 101 18.22 -19.03 -17.32
N SER A 102 17.81 -18.29 -18.36
CA SER A 102 17.48 -18.91 -19.64
C SER A 102 18.71 -19.59 -20.24
N GLY A 103 19.88 -19.34 -19.66
CA GLY A 103 21.10 -19.97 -20.12
C GLY A 103 22.04 -19.19 -21.04
N THR A 104 23.33 -19.36 -20.79
CA THR A 104 24.38 -18.74 -21.58
C THR A 104 24.87 -19.90 -22.45
N LYS A 105 25.02 -19.66 -23.75
CA LYS A 105 25.47 -20.71 -24.67
C LYS A 105 26.87 -20.43 -25.19
N VAL A 106 27.84 -21.22 -24.75
CA VAL A 106 29.22 -21.01 -25.16
C VAL A 106 29.69 -21.91 -26.32
N THR A 107 30.37 -21.30 -27.27
CA THR A 107 30.87 -22.00 -28.45
C THR A 107 32.39 -22.12 -28.45
N VAL A 108 32.90 -23.27 -28.88
CA VAL A 108 34.34 -23.49 -28.95
C VAL A 108 34.68 -23.73 -30.42
N LYS A 113 38.17 -30.46 -37.78
CA LYS A 113 37.58 -30.62 -39.11
C LYS A 113 37.72 -32.10 -39.44
N SER A 114 36.59 -32.77 -39.57
CA SER A 114 36.56 -34.19 -39.86
C SER A 114 35.69 -34.53 -41.07
N SER A 115 36.19 -35.39 -41.95
CA SER A 115 35.38 -35.78 -43.10
C SER A 115 34.32 -36.74 -42.63
N PRO A 116 33.13 -36.67 -43.23
CA PRO A 116 32.02 -37.55 -42.88
C PRO A 116 32.16 -38.99 -43.39
N SER A 117 31.58 -39.92 -42.65
CA SER A 117 31.58 -41.32 -43.02
C SER A 117 30.20 -41.59 -43.53
N VAL A 118 30.11 -41.96 -44.79
CA VAL A 118 28.83 -42.24 -45.42
C VAL A 118 28.50 -43.74 -45.27
N THR A 119 27.23 -44.06 -45.01
CA THR A 119 26.76 -45.45 -44.90
C THR A 119 25.39 -45.63 -45.58
N LEU A 120 25.36 -46.28 -46.75
CA LEU A 120 24.12 -46.53 -47.51
C LEU A 120 23.53 -47.87 -47.07
N PHE A 121 22.22 -48.01 -47.23
CA PHE A 121 21.49 -49.23 -46.90
C PHE A 121 20.41 -49.39 -47.97
N PRO A 122 20.34 -50.58 -48.61
CA PRO A 122 19.31 -50.77 -49.63
C PRO A 122 17.91 -51.03 -49.05
N PRO A 123 16.87 -50.94 -49.88
CA PRO A 123 15.52 -51.18 -49.37
C PRO A 123 15.41 -52.51 -48.63
N SER A 124 14.53 -52.54 -47.64
CA SER A 124 14.28 -53.76 -46.88
C SER A 124 13.36 -54.63 -47.70
N SER A 125 13.62 -55.93 -47.70
CA SER A 125 12.77 -56.85 -48.45
C SER A 125 11.32 -56.54 -48.08
N GLU A 126 11.05 -56.58 -46.78
CA GLU A 126 9.73 -56.32 -46.28
C GLU A 126 9.14 -55.05 -46.90
N GLU A 127 9.91 -53.97 -46.93
CA GLU A 127 9.38 -52.73 -47.50
C GLU A 127 9.11 -52.85 -48.98
N LEU A 128 10.01 -53.50 -49.71
CA LEU A 128 9.83 -53.69 -51.14
C LEU A 128 8.48 -54.33 -51.41
N GLU A 129 8.18 -55.36 -50.62
CA GLU A 129 6.91 -56.08 -50.74
C GLU A 129 5.74 -55.10 -50.74
N THR A 130 5.86 -53.98 -50.04
CA THR A 130 4.80 -52.98 -49.98
C THR A 130 4.91 -52.03 -51.17
N ASN A 131 5.70 -52.45 -52.18
CA ASN A 131 5.91 -51.67 -53.39
C ASN A 131 6.57 -50.34 -53.11
N LYS A 132 7.19 -50.23 -51.94
CA LYS A 132 7.90 -49.03 -51.52
C LYS A 132 9.39 -49.36 -51.44
N ALA A 133 10.24 -48.35 -51.52
CA ALA A 133 11.66 -48.58 -51.43
C ALA A 133 12.32 -47.33 -50.85
N THR A 134 12.87 -47.46 -49.66
CA THR A 134 13.54 -46.32 -49.01
C THR A 134 15.05 -46.51 -48.92
N LEU A 135 15.80 -45.71 -49.69
CA LEU A 135 17.26 -45.77 -49.65
C LEU A 135 17.71 -44.93 -48.46
N VAL A 136 18.49 -45.55 -47.57
CA VAL A 136 18.97 -44.85 -46.38
C VAL A 136 20.46 -44.50 -46.46
N CYS A 137 20.78 -43.23 -46.25
CA CYS A 137 22.16 -42.78 -46.29
C CYS A 137 22.48 -42.08 -44.98
N THR A 138 23.10 -42.81 -44.05
CA THR A 138 23.43 -42.24 -42.74
C THR A 138 24.87 -41.67 -42.70
N ILE A 139 24.94 -40.34 -42.59
CA ILE A 139 26.17 -39.54 -42.55
C ILE A 139 26.72 -39.24 -41.14
N THR A 140 27.96 -39.61 -40.86
CA THR A 140 28.54 -39.38 -39.53
C THR A 140 29.96 -38.86 -39.45
N ASP A 141 30.43 -38.70 -38.21
CA ASP A 141 31.78 -38.25 -37.93
C ASP A 141 32.26 -36.98 -38.58
N PHE A 142 31.39 -35.99 -38.75
CA PHE A 142 31.87 -34.78 -39.37
C PHE A 142 31.71 -33.56 -38.50
N TYR A 143 32.62 -32.61 -38.75
CA TYR A 143 32.70 -31.32 -38.07
C TYR A 143 33.55 -30.52 -39.04
N PRO A 144 33.17 -29.26 -39.31
CA PRO A 144 32.00 -28.55 -38.79
C PRO A 144 30.69 -29.17 -39.24
N GLY A 145 29.62 -28.90 -38.50
CA GLY A 145 28.32 -29.45 -38.82
C GLY A 145 27.68 -28.63 -39.92
N VAL A 146 28.01 -28.97 -41.16
CA VAL A 146 27.49 -28.26 -42.32
C VAL A 146 27.84 -29.07 -43.57
N VAL A 147 26.86 -29.79 -44.10
CA VAL A 147 27.05 -30.62 -45.28
C VAL A 147 25.96 -30.42 -46.30
N THR A 148 26.16 -30.95 -47.49
CA THR A 148 25.19 -30.86 -48.58
C THR A 148 25.07 -32.23 -49.19
N VAL A 149 23.95 -32.92 -48.98
CA VAL A 149 23.84 -34.23 -49.58
C VAL A 149 23.08 -34.13 -50.91
N ASP A 150 23.47 -34.97 -51.86
CA ASP A 150 22.84 -35.02 -53.18
C ASP A 150 22.73 -36.48 -53.53
N TRP A 151 21.69 -36.87 -54.23
CA TRP A 151 21.52 -38.27 -54.60
C TRP A 151 21.61 -38.42 -56.09
N LYS A 152 22.21 -39.50 -56.53
CA LYS A 152 22.33 -39.74 -57.95
C LYS A 152 21.84 -41.13 -58.28
N VAL A 153 21.19 -41.25 -59.43
CA VAL A 153 20.66 -42.52 -59.89
C VAL A 153 21.21 -42.72 -61.29
N ASP A 154 22.01 -43.75 -61.47
CA ASP A 154 22.63 -44.01 -62.76
C ASP A 154 23.47 -42.79 -63.09
N GLY A 155 24.24 -42.34 -62.12
CA GLY A 155 25.11 -41.19 -62.31
C GLY A 155 24.36 -39.89 -62.54
N THR A 156 23.04 -39.96 -62.66
CA THR A 156 22.23 -38.77 -62.90
C THR A 156 21.63 -38.29 -61.58
N PRO A 157 21.67 -36.98 -61.33
CA PRO A 157 21.12 -36.42 -60.08
C PRO A 157 19.60 -36.42 -60.00
N VAL A 158 19.07 -36.74 -58.82
CA VAL A 158 17.62 -36.76 -58.59
C VAL A 158 17.25 -35.73 -57.53
N THR A 159 16.14 -35.03 -57.73
CA THR A 159 15.74 -34.01 -56.78
C THR A 159 14.56 -34.44 -55.93
N GLN A 160 13.61 -35.12 -56.56
CA GLN A 160 12.40 -35.56 -55.87
C GLN A 160 12.55 -36.81 -55.02
N GLY A 161 11.78 -36.86 -53.95
CA GLY A 161 11.80 -38.00 -53.05
C GLY A 161 12.98 -38.10 -52.13
N MET A 162 13.65 -36.97 -51.88
CA MET A 162 14.81 -36.99 -51.00
C MET A 162 14.56 -36.15 -49.76
N GLU A 163 14.79 -36.77 -48.59
CA GLU A 163 14.57 -36.14 -47.28
C GLU A 163 15.87 -36.19 -46.50
N THR A 164 16.41 -35.03 -46.12
CA THR A 164 17.67 -35.01 -45.36
C THR A 164 17.50 -34.28 -44.02
N THR A 165 17.95 -34.91 -42.95
CA THR A 165 17.86 -34.36 -41.60
C THR A 165 18.69 -33.10 -41.37
N GLN A 166 18.74 -32.73 -40.10
CA GLN A 166 19.51 -31.57 -39.68
C GLN A 166 20.67 -32.14 -38.90
N PRO A 167 21.86 -31.52 -39.02
CA PRO A 167 22.99 -32.05 -38.28
C PRO A 167 22.66 -32.15 -36.78
N SER A 168 23.18 -33.17 -36.10
CA SER A 168 22.96 -33.32 -34.67
C SER A 168 24.28 -33.61 -34.02
N LYS A 169 24.64 -32.77 -33.04
CA LYS A 169 25.89 -32.92 -32.32
C LYS A 169 25.87 -34.27 -31.60
N GLN A 170 26.95 -35.03 -31.73
CA GLN A 170 27.05 -36.34 -31.07
C GLN A 170 27.93 -36.21 -29.84
N SER A 171 27.83 -37.17 -28.93
CA SER A 171 28.61 -37.17 -27.70
C SER A 171 30.11 -37.08 -27.97
N ASN A 172 30.53 -37.51 -29.16
CA ASN A 172 31.93 -37.46 -29.55
C ASN A 172 32.29 -36.08 -30.09
N ASN A 173 31.42 -35.11 -29.85
CA ASN A 173 31.64 -33.74 -30.32
C ASN A 173 31.81 -33.66 -31.83
N LYS A 174 30.90 -34.32 -32.54
CA LYS A 174 30.90 -34.33 -34.00
C LYS A 174 29.46 -34.44 -34.43
N TYR A 175 29.15 -33.97 -35.63
CA TYR A 175 27.78 -33.99 -36.14
C TYR A 175 27.43 -35.26 -36.92
N MET A 176 26.14 -35.47 -37.09
CA MET A 176 25.64 -36.64 -37.82
C MET A 176 24.32 -36.23 -38.43
N ALA A 177 23.95 -36.89 -39.52
CA ALA A 177 22.70 -36.59 -40.20
C ALA A 177 22.28 -37.77 -41.08
N SER A 178 21.08 -37.71 -41.61
CA SER A 178 20.62 -38.79 -42.45
C SER A 178 19.79 -38.31 -43.63
N SER A 179 19.92 -39.00 -44.75
CA SER A 179 19.16 -38.64 -45.93
C SER A 179 18.40 -39.85 -46.43
N TYR A 180 17.19 -39.59 -46.92
CA TYR A 180 16.33 -40.65 -47.42
C TYR A 180 15.92 -40.41 -48.87
N LEU A 181 15.93 -41.49 -49.63
CA LEU A 181 15.53 -41.48 -51.03
C LEU A 181 14.32 -42.39 -51.11
N THR A 182 13.14 -41.80 -51.26
CA THR A 182 11.91 -42.57 -51.33
C THR A 182 11.63 -42.96 -52.77
N LEU A 183 11.59 -44.26 -53.04
CA LEU A 183 11.33 -44.78 -54.39
C LEU A 183 10.24 -45.85 -54.37
N THR A 184 9.91 -46.34 -55.55
CA THR A 184 8.90 -47.38 -55.67
C THR A 184 9.70 -48.63 -55.99
N ALA A 185 9.18 -49.79 -55.61
CA ALA A 185 9.87 -51.04 -55.88
C ALA A 185 10.32 -51.01 -57.33
N ARG A 186 9.47 -50.44 -58.18
CA ARG A 186 9.73 -50.34 -59.62
C ARG A 186 11.04 -49.63 -59.84
N ALA A 187 11.00 -48.32 -59.60
CA ALA A 187 12.15 -47.46 -59.75
C ALA A 187 13.43 -48.08 -59.17
N TRP A 188 13.36 -48.68 -57.98
CA TRP A 188 14.51 -49.30 -57.36
C TRP A 188 15.22 -50.35 -58.23
N GLU A 189 14.44 -51.18 -58.92
CA GLU A 189 14.95 -52.24 -59.79
C GLU A 189 15.24 -51.73 -61.21
N ARG A 190 14.51 -50.70 -61.59
CA ARG A 190 14.64 -50.05 -62.90
C ARG A 190 15.99 -49.37 -63.14
N HIS A 191 16.82 -49.24 -62.11
CA HIS A 191 18.11 -48.57 -62.28
C HIS A 191 19.32 -49.42 -61.97
N SER A 192 20.49 -48.95 -62.41
CA SER A 192 21.74 -49.67 -62.20
C SER A 192 22.42 -49.36 -60.88
N SER A 193 22.31 -48.13 -60.41
CA SER A 193 22.95 -47.76 -59.16
C SER A 193 22.40 -46.48 -58.60
N TYR A 194 22.61 -46.29 -57.30
CA TYR A 194 22.19 -45.07 -56.63
C TYR A 194 23.38 -44.61 -55.86
N SER A 195 23.64 -43.32 -55.95
CA SER A 195 24.77 -42.73 -55.30
C SER A 195 24.36 -41.65 -54.27
N CYS A 196 24.80 -41.84 -53.04
CA CYS A 196 24.55 -40.87 -51.98
C CYS A 196 25.80 -40.03 -51.99
N GLN A 197 25.67 -38.74 -52.31
CA GLN A 197 26.84 -37.88 -52.35
C GLN A 197 26.79 -36.76 -51.33
N VAL A 198 27.88 -36.64 -50.58
CA VAL A 198 27.99 -35.62 -49.56
C VAL A 198 29.13 -34.67 -49.85
N THR A 199 28.87 -33.38 -49.72
CA THR A 199 29.91 -32.39 -49.93
C THR A 199 30.12 -31.69 -48.60
N HIS A 200 31.36 -31.71 -48.13
CA HIS A 200 31.70 -31.10 -46.86
C HIS A 200 33.07 -30.42 -46.91
N GLU A 201 33.11 -29.21 -46.40
CA GLU A 201 34.33 -28.41 -46.34
C GLU A 201 35.23 -28.50 -47.54
N GLY A 202 34.69 -28.27 -48.73
CA GLY A 202 35.55 -28.29 -49.89
C GLY A 202 35.65 -29.60 -50.63
N HIS A 203 35.66 -30.72 -49.93
CA HIS A 203 35.71 -31.95 -50.68
C HIS A 203 34.44 -32.83 -50.64
N THR A 204 34.32 -33.71 -51.64
CA THR A 204 33.17 -34.59 -51.79
C THR A 204 33.42 -36.05 -51.46
N VAL A 205 32.41 -36.69 -50.89
CA VAL A 205 32.47 -38.11 -50.55
C VAL A 205 31.22 -38.77 -51.10
N GLU A 206 31.37 -39.87 -51.80
CA GLU A 206 30.17 -40.53 -52.30
C GLU A 206 30.21 -42.05 -52.31
N LYS A 207 29.07 -42.66 -52.00
CA LYS A 207 28.93 -44.09 -52.00
C LYS A 207 27.77 -44.46 -52.89
N SER A 208 27.78 -45.69 -53.37
CA SER A 208 26.73 -46.16 -54.25
C SER A 208 26.38 -47.59 -53.96
N LEU A 209 25.17 -47.98 -54.35
CA LEU A 209 24.73 -49.35 -54.20
C LEU A 209 23.93 -49.69 -55.45
N SER A 210 24.03 -50.94 -55.89
CA SER A 210 23.35 -51.38 -57.10
C SER A 210 22.25 -52.43 -56.85
N ALA A 211 21.02 -52.13 -57.29
CA ALA A 211 19.93 -53.09 -57.08
C ALA A 211 20.37 -54.52 -57.47
N ALA A 212 21.38 -54.61 -58.35
CA ALA A 212 21.92 -55.89 -58.84
C ALA A 212 22.54 -56.80 -57.76
N GLU B 1 29.80 -43.39 -9.51
CA GLU B 1 28.76 -44.43 -9.78
C GLU B 1 27.41 -43.99 -9.26
N VAL B 2 26.87 -42.91 -9.82
CA VAL B 2 25.55 -42.41 -9.42
C VAL B 2 24.70 -42.20 -10.64
N GLN B 3 23.48 -42.71 -10.60
CA GLN B 3 22.59 -42.54 -11.73
C GLN B 3 21.13 -42.46 -11.31
N LEU B 4 20.40 -41.52 -11.91
CA LEU B 4 18.98 -41.35 -11.65
C LEU B 4 18.34 -41.51 -13.00
N GLN B 5 17.65 -42.62 -13.18
CA GLN B 5 16.97 -42.93 -14.44
C GLN B 5 15.48 -42.65 -14.32
N GLN B 6 14.93 -42.03 -15.36
CA GLN B 6 13.53 -41.67 -15.39
C GLN B 6 12.73 -42.52 -16.35
N SER B 7 11.40 -42.46 -16.23
CA SER B 7 10.50 -43.21 -17.08
C SER B 7 10.48 -42.64 -18.49
N GLY B 8 9.76 -43.34 -19.38
CA GLY B 8 9.70 -42.93 -20.78
C GLY B 8 8.76 -41.82 -21.19
N ALA B 9 8.90 -41.41 -22.45
CA ALA B 9 8.06 -40.36 -23.02
C ALA B 9 6.62 -40.64 -22.62
N GLU B 10 5.86 -39.58 -22.49
CA GLU B 10 4.46 -39.72 -22.12
C GLU B 10 3.60 -38.78 -22.98
N LEU B 11 2.54 -39.34 -23.55
CA LEU B 11 1.61 -38.58 -24.36
C LEU B 11 0.34 -38.66 -23.54
N ALA B 12 -0.29 -37.52 -23.28
CA ALA B 12 -1.50 -37.52 -22.47
C ALA B 12 -2.52 -36.55 -23.03
N ARG B 13 -3.79 -36.84 -22.78
CA ARG B 13 -4.82 -35.95 -23.25
C ARG B 13 -4.96 -34.80 -22.25
N PRO B 14 -5.59 -33.71 -22.67
CA PRO B 14 -5.73 -32.61 -21.72
C PRO B 14 -6.72 -33.05 -20.63
N GLY B 15 -6.57 -32.47 -19.43
CA GLY B 15 -7.49 -32.81 -18.35
C GLY B 15 -7.08 -34.05 -17.59
N ALA B 16 -6.29 -34.91 -18.24
CA ALA B 16 -5.83 -36.13 -17.61
C ALA B 16 -4.75 -35.86 -16.58
N SER B 17 -3.88 -36.84 -16.36
CA SER B 17 -2.80 -36.71 -15.39
C SER B 17 -1.82 -37.85 -15.51
N VAL B 18 -0.55 -37.52 -15.66
CA VAL B 18 0.52 -38.50 -15.79
C VAL B 18 1.22 -38.78 -14.47
N LYS B 19 1.96 -39.88 -14.43
CA LYS B 19 2.71 -40.30 -13.26
C LYS B 19 4.13 -40.53 -13.77
N LEU B 20 5.05 -39.65 -13.40
CA LEU B 20 6.42 -39.78 -13.83
C LEU B 20 7.20 -40.45 -12.71
N SER B 21 8.44 -40.85 -12.96
CA SER B 21 9.22 -41.53 -11.93
C SER B 21 10.73 -41.45 -12.10
N CYS B 22 11.43 -41.18 -10.99
CA CYS B 22 12.89 -41.09 -10.96
C CYS B 22 13.38 -42.08 -9.93
N ARG B 23 14.22 -43.02 -10.37
CA ARG B 23 14.81 -44.05 -9.50
C ARG B 23 16.29 -43.76 -9.31
N THR B 24 16.74 -43.88 -8.07
CA THR B 24 18.14 -43.60 -7.75
C THR B 24 18.98 -44.85 -7.49
N SER B 25 20.27 -44.76 -7.83
CA SER B 25 21.22 -45.85 -7.64
C SER B 25 22.61 -45.29 -7.38
N GLY B 26 23.20 -45.67 -6.25
CA GLY B 26 24.54 -45.18 -5.94
C GLY B 26 24.62 -44.30 -4.72
N TYR B 27 23.50 -44.08 -4.04
CA TYR B 27 23.53 -43.25 -2.85
C TYR B 27 22.34 -43.41 -1.91
N SER B 28 22.50 -42.83 -0.72
CA SER B 28 21.49 -42.89 0.35
C SER B 28 20.18 -42.24 -0.05
N PHE B 29 19.27 -43.05 -0.57
CA PHE B 29 17.99 -42.55 -0.99
C PHE B 29 17.31 -41.67 0.06
N THR B 30 17.38 -42.10 1.31
CA THR B 30 16.75 -41.39 2.42
C THR B 30 17.48 -40.15 2.96
N THR B 31 18.80 -40.12 2.84
CA THR B 31 19.53 -38.95 3.32
C THR B 31 20.00 -38.12 2.14
N TYR B 32 19.04 -37.65 1.35
CA TYR B 32 19.28 -36.84 0.15
C TYR B 32 17.97 -36.25 -0.35
N TRP B 33 18.03 -35.05 -0.92
CA TRP B 33 16.83 -34.40 -1.44
C TRP B 33 16.62 -34.79 -2.91
N MET B 34 15.38 -34.67 -3.36
CA MET B 34 14.97 -35.00 -4.73
C MET B 34 14.11 -33.84 -5.27
N GLN B 35 14.62 -33.14 -6.28
CA GLN B 35 13.86 -32.02 -6.86
C GLN B 35 13.45 -32.38 -8.26
N TRP B 36 12.45 -31.66 -8.76
CA TRP B 36 11.97 -31.86 -10.11
C TRP B 36 11.94 -30.51 -10.78
N VAL B 37 12.43 -30.48 -12.00
CA VAL B 37 12.42 -29.25 -12.75
C VAL B 37 11.77 -29.60 -14.06
N ARG B 38 11.33 -28.61 -14.81
CA ARG B 38 10.72 -28.90 -16.10
C ARG B 38 11.19 -27.87 -17.09
N GLN B 39 11.20 -28.24 -18.35
CA GLN B 39 11.64 -27.32 -19.37
C GLN B 39 10.64 -27.29 -20.49
N ARG B 40 9.94 -26.18 -20.57
CA ARG B 40 8.93 -26.00 -21.58
C ARG B 40 9.64 -25.70 -22.89
N PRO B 41 8.97 -25.96 -24.02
CA PRO B 41 9.41 -25.79 -25.41
C PRO B 41 10.58 -24.86 -25.69
N GLY B 42 11.04 -24.11 -24.70
CA GLY B 42 12.19 -23.25 -24.92
C GLY B 42 12.18 -22.17 -23.87
N GLN B 43 11.60 -22.51 -22.72
CA GLN B 43 11.45 -21.55 -21.64
C GLN B 43 12.26 -21.72 -20.38
N GLY B 44 13.54 -22.08 -20.47
CA GLY B 44 14.32 -22.24 -19.24
C GLY B 44 13.65 -23.10 -18.17
N LEU B 45 14.48 -23.71 -17.34
CA LEU B 45 13.99 -24.58 -16.28
C LEU B 45 13.09 -23.85 -15.27
N GLU B 46 12.06 -24.56 -14.79
CA GLU B 46 11.11 -24.05 -13.81
C GLU B 46 11.19 -24.99 -12.63
N TRP B 47 11.28 -24.45 -11.43
CA TRP B 47 11.32 -25.31 -10.25
C TRP B 47 9.91 -25.77 -9.92
N ILE B 48 9.76 -27.05 -9.59
CA ILE B 48 8.44 -27.60 -9.26
C ILE B 48 8.26 -27.93 -7.78
N ALA B 49 8.94 -28.97 -7.33
CA ALA B 49 8.84 -29.42 -5.95
C ALA B 49 10.04 -30.26 -5.61
N ALA B 50 10.20 -30.57 -4.33
CA ALA B 50 11.32 -31.37 -3.90
C ALA B 50 10.81 -32.29 -2.81
N ILE B 51 11.50 -33.40 -2.61
CA ILE B 51 11.07 -34.34 -1.58
C ILE B 51 12.25 -34.96 -0.88
N TYR B 52 12.11 -35.15 0.43
CA TYR B 52 13.15 -35.76 1.22
C TYR B 52 12.58 -37.15 1.52
N PRO B 53 13.01 -38.15 0.74
CA PRO B 53 12.57 -39.55 0.87
C PRO B 53 12.48 -40.10 2.29
N GLY B 54 13.62 -40.16 2.99
CA GLY B 54 13.65 -40.71 4.33
C GLY B 54 13.13 -39.80 5.43
N ASP B 55 11.95 -39.22 5.20
CA ASP B 55 11.35 -38.31 6.15
C ASP B 55 10.16 -37.66 5.42
N ASP B 56 9.72 -38.33 4.36
CA ASP B 56 8.60 -37.90 3.49
C ASP B 56 8.24 -36.42 3.51
N ASP B 57 9.27 -35.57 3.58
CA ASP B 57 9.04 -34.12 3.61
C ASP B 57 9.08 -33.54 2.20
N ALA B 58 7.90 -33.37 1.60
CA ALA B 58 7.80 -32.82 0.25
C ALA B 58 7.45 -31.34 0.32
N ARG B 59 8.22 -30.51 -0.37
CA ARG B 59 7.98 -29.07 -0.40
C ARG B 59 7.68 -28.57 -1.80
N TYR B 60 6.55 -27.86 -1.95
CA TYR B 60 6.11 -27.35 -3.24
C TYR B 60 6.26 -25.83 -3.34
N THR B 61 5.85 -25.28 -4.48
CA THR B 61 5.88 -23.84 -4.69
C THR B 61 4.48 -23.42 -5.08
N GLN B 62 4.17 -22.14 -4.88
CA GLN B 62 2.85 -21.60 -5.21
C GLN B 62 2.31 -22.25 -6.48
N LYS B 63 3.02 -21.99 -7.57
CA LYS B 63 2.67 -22.48 -8.90
C LYS B 63 2.17 -23.92 -9.00
N PHE B 64 2.96 -24.87 -8.55
CA PHE B 64 2.59 -26.29 -8.64
C PHE B 64 1.89 -26.89 -7.43
N LYS B 65 1.70 -26.10 -6.39
CA LYS B 65 1.08 -26.62 -5.18
C LYS B 65 -0.25 -27.33 -5.39
N GLY B 66 -0.91 -27.09 -6.53
CA GLY B 66 -2.18 -27.75 -6.76
C GLY B 66 -2.19 -29.00 -7.64
N LYS B 67 -1.58 -28.91 -8.82
CA LYS B 67 -1.57 -30.03 -9.74
C LYS B 67 -0.40 -30.98 -9.57
N ALA B 68 0.51 -30.66 -8.66
CA ALA B 68 1.69 -31.49 -8.45
C ALA B 68 1.78 -32.16 -7.10
N THR B 69 1.75 -33.48 -7.07
CA THR B 69 1.91 -34.20 -5.80
C THR B 69 3.20 -35.01 -6.00
N LEU B 70 3.85 -35.38 -4.90
CA LEU B 70 5.12 -36.07 -4.99
C LEU B 70 5.28 -37.14 -3.91
N THR B 71 5.42 -38.40 -4.32
CA THR B 71 5.59 -39.49 -3.34
C THR B 71 6.89 -40.25 -3.54
N ALA B 72 7.31 -40.94 -2.49
CA ALA B 72 8.55 -41.71 -2.53
C ALA B 72 8.26 -43.15 -2.15
N ASP B 73 9.03 -44.07 -2.72
CA ASP B 73 8.89 -45.48 -2.41
C ASP B 73 10.28 -45.89 -1.95
N ARG B 74 10.54 -45.62 -0.67
CA ARG B 74 11.83 -45.90 -0.07
C ARG B 74 12.29 -47.34 -0.27
N SER B 75 11.33 -48.20 -0.61
CA SER B 75 11.59 -49.63 -0.83
C SER B 75 11.93 -50.01 -2.29
N SER B 76 12.15 -49.01 -3.13
CA SER B 76 12.47 -49.26 -4.53
C SER B 76 13.36 -48.16 -5.04
N SER B 77 13.57 -47.16 -4.18
CA SER B 77 14.39 -46.00 -4.52
C SER B 77 13.84 -45.31 -5.75
N ILE B 78 12.53 -45.05 -5.71
CA ILE B 78 11.83 -44.40 -6.80
C ILE B 78 10.96 -43.27 -6.27
N VAL B 79 10.97 -42.16 -6.99
CA VAL B 79 10.17 -41.00 -6.61
C VAL B 79 9.16 -40.68 -7.71
N TYR B 80 7.88 -40.69 -7.35
CA TYR B 80 6.85 -40.40 -8.32
C TYR B 80 6.41 -38.94 -8.28
N LEU B 81 6.42 -38.31 -9.45
CA LEU B 81 5.96 -36.94 -9.59
C LEU B 81 4.68 -37.14 -10.37
N GLN B 82 3.57 -36.68 -9.82
CA GLN B 82 2.32 -36.83 -10.53
C GLN B 82 1.77 -35.46 -10.83
N LEU B 83 1.27 -35.27 -12.04
CA LEU B 83 0.70 -33.99 -12.42
C LEU B 83 -0.77 -34.21 -12.76
N ASN B 84 -1.64 -33.36 -12.21
CA ASN B 84 -3.07 -33.49 -12.45
C ASN B 84 -3.60 -32.43 -13.39
N SER B 85 -4.75 -32.70 -14.00
CA SER B 85 -5.37 -31.78 -14.93
C SER B 85 -4.33 -31.22 -15.87
N LEU B 86 -3.91 -32.02 -16.84
CA LEU B 86 -2.88 -31.60 -17.79
C LEU B 86 -3.42 -30.59 -18.80
N THR B 87 -2.55 -29.69 -19.23
CA THR B 87 -2.87 -28.64 -20.19
C THR B 87 -1.74 -28.55 -21.20
N SER B 88 -1.99 -27.90 -22.32
CA SER B 88 -0.93 -27.77 -23.32
C SER B 88 0.24 -27.09 -22.60
N GLU B 89 -0.09 -26.27 -21.61
CA GLU B 89 0.92 -25.56 -20.84
C GLU B 89 1.93 -26.52 -20.26
N ASP B 90 1.47 -27.69 -19.83
CA ASP B 90 2.38 -28.65 -19.21
C ASP B 90 3.28 -29.49 -20.12
N SER B 91 3.09 -29.38 -21.44
CA SER B 91 3.92 -30.11 -22.37
C SER B 91 5.37 -29.66 -22.21
N ALA B 92 6.21 -30.54 -21.67
CA ALA B 92 7.61 -30.17 -21.46
C ALA B 92 8.47 -31.37 -21.05
N VAL B 93 9.75 -31.11 -20.81
CA VAL B 93 10.64 -32.18 -20.39
C VAL B 93 10.92 -32.07 -18.89
N TYR B 94 10.43 -33.04 -18.15
CA TYR B 94 10.63 -33.04 -16.72
C TYR B 94 11.88 -33.81 -16.36
N SER B 95 12.79 -33.18 -15.64
CA SER B 95 14.01 -33.88 -15.26
C SER B 95 13.99 -33.99 -13.75
N CYS B 96 15.01 -34.64 -13.21
CA CYS B 96 15.11 -34.78 -11.77
C CYS B 96 16.58 -34.82 -11.36
N SER B 97 16.89 -34.17 -10.24
CA SER B 97 18.26 -34.14 -9.75
C SER B 97 18.22 -34.38 -8.25
N ARG B 98 19.39 -34.52 -7.64
CA ARG B 98 19.47 -34.76 -6.21
C ARG B 98 20.22 -33.61 -5.55
N GLY B 99 20.13 -33.55 -4.22
CA GLY B 99 20.80 -32.48 -3.48
C GLY B 99 20.92 -32.76 -2.00
N ARG B 100 22.05 -32.36 -1.41
CA ARG B 100 22.29 -32.57 0.02
C ARG B 100 21.97 -31.31 0.85
N SER B 101 22.23 -30.14 0.27
CA SER B 101 21.98 -28.87 0.95
C SER B 101 22.11 -27.71 -0.05
N LEU B 102 21.72 -26.52 0.37
CA LEU B 102 21.80 -25.37 -0.53
C LEU B 102 23.21 -25.10 -1.04
N TYR B 103 24.20 -25.70 -0.38
CA TYR B 103 25.58 -25.52 -0.79
C TYR B 103 26.00 -26.60 -1.78
N TYR B 104 25.44 -27.79 -1.58
CA TYR B 104 25.73 -28.92 -2.45
C TYR B 104 24.45 -29.55 -2.96
N THR B 105 24.11 -29.25 -4.21
CA THR B 105 22.90 -29.77 -4.80
C THR B 105 22.80 -29.58 -6.33
N MET B 106 22.07 -30.49 -6.98
CA MET B 106 21.88 -30.46 -8.43
C MET B 106 23.14 -30.80 -9.19
N ASP B 107 23.85 -31.81 -8.70
CA ASP B 107 25.06 -32.25 -9.35
C ASP B 107 24.70 -33.32 -10.37
N TYR B 108 23.98 -34.35 -9.93
CA TYR B 108 23.54 -35.43 -10.80
C TYR B 108 22.07 -35.30 -11.13
N TRP B 109 21.71 -35.72 -12.34
CA TRP B 109 20.32 -35.64 -12.81
C TRP B 109 19.89 -36.89 -13.55
N GLY B 110 18.71 -36.79 -14.16
CA GLY B 110 18.16 -37.88 -14.94
C GLY B 110 18.20 -37.36 -16.36
N GLN B 111 17.91 -38.21 -17.34
CA GLN B 111 17.92 -37.79 -18.73
C GLN B 111 16.68 -36.94 -18.99
N GLY B 112 15.74 -37.02 -18.06
CA GLY B 112 14.49 -36.28 -18.15
C GLY B 112 13.45 -36.99 -18.98
N THR B 113 12.19 -36.87 -18.60
CA THR B 113 11.15 -37.50 -19.37
C THR B 113 10.22 -36.47 -20.03
N SER B 114 9.97 -36.67 -21.32
CA SER B 114 9.13 -35.78 -22.08
C SER B 114 7.64 -36.08 -22.01
N VAL B 115 6.85 -35.04 -21.76
CA VAL B 115 5.41 -35.17 -21.69
C VAL B 115 4.78 -34.32 -22.77
N THR B 116 3.85 -34.91 -23.53
CA THR B 116 3.17 -34.18 -24.58
C THR B 116 1.71 -34.27 -24.25
N VAL B 117 1.01 -33.15 -24.37
CA VAL B 117 -0.41 -33.08 -24.08
C VAL B 117 -1.11 -32.65 -25.38
N THR B 122 -2.72 -40.09 -33.24
CA THR B 122 -1.49 -40.91 -33.17
C THR B 122 -1.38 -42.07 -34.13
N THR B 123 -0.22 -42.25 -34.74
CA THR B 123 -0.01 -43.38 -35.64
C THR B 123 1.30 -44.07 -35.33
N PRO B 124 1.27 -45.39 -35.04
CA PRO B 124 2.48 -46.17 -34.72
C PRO B 124 3.40 -46.34 -35.93
N PRO B 125 4.67 -46.66 -35.67
CA PRO B 125 5.67 -46.85 -36.72
C PRO B 125 5.74 -48.21 -37.38
N SER B 126 6.38 -48.24 -38.55
CA SER B 126 6.61 -49.47 -39.29
C SER B 126 8.11 -49.64 -39.16
N VAL B 127 8.56 -50.73 -38.56
CA VAL B 127 9.99 -50.93 -38.39
C VAL B 127 10.51 -51.92 -39.41
N TYR B 128 11.57 -51.53 -40.12
CA TYR B 128 12.17 -52.36 -41.16
C TYR B 128 13.63 -52.62 -40.84
N PRO B 129 14.07 -53.89 -40.84
CA PRO B 129 15.47 -54.17 -40.54
C PRO B 129 16.34 -53.81 -41.74
N LEU B 130 17.54 -53.30 -41.48
CA LEU B 130 18.45 -52.92 -42.56
C LEU B 130 19.74 -53.73 -42.50
N ALA B 131 19.83 -54.75 -43.35
CA ALA B 131 21.02 -55.60 -43.42
C ALA B 131 22.08 -54.85 -44.19
N PRO B 132 23.34 -55.05 -43.82
CA PRO B 132 24.46 -54.38 -44.48
C PRO B 132 24.82 -54.89 -45.88
N GLY B 133 25.23 -53.96 -46.72
CA GLY B 133 25.62 -54.29 -48.07
C GLY B 133 27.12 -54.06 -48.20
N SER B 134 27.57 -53.67 -49.38
CA SER B 134 28.99 -53.43 -49.59
C SER B 134 29.35 -52.08 -48.98
N ALA B 135 28.35 -51.24 -48.73
CA ALA B 135 28.57 -49.91 -48.16
C ALA B 135 28.20 -49.81 -46.68
N ALA B 136 28.19 -50.94 -45.99
CA ALA B 136 27.88 -51.00 -44.56
C ALA B 136 28.80 -52.05 -43.90
N GLN B 137 28.99 -53.19 -44.56
CA GLN B 137 29.90 -54.20 -44.05
C GLN B 137 31.23 -53.65 -44.54
N THR B 138 32.10 -53.29 -43.61
CA THR B 138 33.39 -52.72 -43.97
C THR B 138 34.62 -53.30 -43.29
N ASN B 139 34.92 -54.54 -43.64
CA ASN B 139 36.11 -55.26 -43.16
C ASN B 139 36.13 -55.84 -41.76
N SER B 140 36.30 -54.96 -40.76
CA SER B 140 36.36 -55.39 -39.38
C SER B 140 35.08 -55.02 -38.64
N MET B 141 34.47 -53.93 -39.08
CA MET B 141 33.24 -53.44 -38.49
C MET B 141 32.11 -53.56 -39.51
N VAL B 142 31.01 -54.18 -39.10
CA VAL B 142 29.85 -54.28 -39.97
C VAL B 142 28.80 -53.46 -39.24
N THR B 143 27.95 -52.74 -39.97
CA THR B 143 26.92 -51.98 -39.26
C THR B 143 25.50 -52.30 -39.74
N LEU B 144 24.68 -52.75 -38.79
CA LEU B 144 23.29 -53.07 -39.09
C LEU B 144 22.48 -51.79 -38.84
N GLY B 145 21.25 -51.75 -39.30
CA GLY B 145 20.42 -50.57 -39.10
C GLY B 145 18.94 -50.88 -38.95
N CYS B 146 18.17 -49.88 -38.53
CA CYS B 146 16.72 -50.03 -38.40
C CYS B 146 15.99 -48.79 -38.88
N LEU B 147 15.07 -49.00 -39.82
CA LEU B 147 14.28 -47.91 -40.39
C LEU B 147 12.96 -47.84 -39.64
N VAL B 148 12.75 -46.77 -38.89
CA VAL B 148 11.52 -46.58 -38.12
C VAL B 148 10.72 -45.53 -38.87
N LYS B 149 9.86 -46.01 -39.78
CA LYS B 149 9.08 -45.17 -40.68
C LYS B 149 7.62 -44.80 -40.38
N GLY B 150 7.28 -43.56 -40.74
CA GLY B 150 5.93 -43.05 -40.58
C GLY B 150 5.19 -43.19 -39.26
N TYR B 151 5.78 -42.70 -38.18
CA TYR B 151 5.15 -42.75 -36.87
C TYR B 151 4.82 -41.34 -36.43
N PHE B 152 4.00 -41.22 -35.39
CA PHE B 152 3.62 -39.93 -34.85
C PHE B 152 2.93 -40.06 -33.50
N PRO B 153 3.27 -39.18 -32.55
CA PRO B 153 4.23 -38.08 -32.64
C PRO B 153 5.58 -38.53 -32.11
N GLU B 154 6.49 -37.58 -31.92
CA GLU B 154 7.80 -37.90 -31.35
C GLU B 154 7.55 -38.17 -29.88
N PRO B 155 8.40 -38.98 -29.25
CA PRO B 155 9.55 -39.64 -29.86
C PRO B 155 9.37 -41.14 -29.93
N VAL B 156 10.38 -41.80 -30.50
CA VAL B 156 10.44 -43.25 -30.57
C VAL B 156 11.71 -43.56 -29.81
N THR B 157 11.76 -44.71 -29.16
CA THR B 157 12.94 -45.08 -28.42
C THR B 157 13.51 -46.32 -29.08
N VAL B 158 14.65 -46.17 -29.72
CA VAL B 158 15.30 -47.30 -30.37
C VAL B 158 16.44 -47.84 -29.53
N SER B 159 16.45 -49.16 -29.37
CA SER B 159 17.45 -49.83 -28.59
C SER B 159 17.97 -51.03 -29.35
N TRP B 160 19.16 -51.50 -29.02
CA TRP B 160 19.69 -52.66 -29.69
C TRP B 160 19.95 -53.75 -28.67
N ASN B 161 19.46 -54.96 -28.96
CA ASN B 161 19.61 -56.09 -28.06
C ASN B 161 19.20 -55.74 -26.64
N THR B 162 18.04 -55.08 -26.53
CA THR B 162 17.47 -54.69 -25.25
C THR B 162 18.42 -53.84 -24.41
N GLY B 163 19.28 -53.09 -25.09
CA GLY B 163 20.21 -52.24 -24.39
C GLY B 163 21.57 -52.85 -24.16
N SER B 164 21.72 -54.14 -24.45
CA SER B 164 23.00 -54.82 -24.27
C SER B 164 24.04 -54.20 -25.19
N LEU B 165 23.60 -53.85 -26.39
CA LEU B 165 24.46 -53.21 -27.36
C LEU B 165 24.35 -51.73 -27.09
N SER B 166 25.27 -51.20 -26.29
CA SER B 166 25.24 -49.80 -25.94
C SER B 166 26.24 -48.92 -26.67
N SER B 167 27.38 -49.47 -27.08
CA SER B 167 28.37 -48.68 -27.78
C SER B 167 28.23 -48.84 -29.28
N GLY B 168 28.63 -47.82 -30.03
CA GLY B 168 28.55 -47.90 -31.48
C GLY B 168 27.15 -47.68 -32.00
N VAL B 169 26.22 -47.43 -31.08
CA VAL B 169 24.84 -47.17 -31.44
C VAL B 169 24.71 -45.72 -31.86
N HIS B 170 23.99 -45.48 -32.95
CA HIS B 170 23.79 -44.13 -33.44
C HIS B 170 22.36 -44.00 -33.92
N THR B 171 21.59 -43.19 -33.20
CA THR B 171 20.21 -42.97 -33.60
C THR B 171 20.20 -41.60 -34.25
N PHE B 172 19.85 -41.55 -35.52
CA PHE B 172 19.86 -40.27 -36.21
C PHE B 172 18.62 -39.44 -36.02
N PRO B 173 18.73 -38.14 -36.26
CA PRO B 173 17.58 -37.25 -36.11
C PRO B 173 16.45 -37.66 -37.07
N ALA B 174 15.23 -37.59 -36.59
CA ALA B 174 14.08 -37.94 -37.40
C ALA B 174 13.82 -36.88 -38.45
N VAL B 175 13.02 -37.24 -39.45
CA VAL B 175 12.66 -36.30 -40.50
C VAL B 175 11.15 -36.35 -40.63
N LEU B 176 10.58 -35.19 -40.86
CA LEU B 176 9.15 -35.04 -41.00
C LEU B 176 8.77 -34.92 -42.47
N GLN B 177 7.79 -35.71 -42.89
CA GLN B 177 7.33 -35.65 -44.27
C GLN B 177 5.84 -36.00 -44.25
N SER B 178 5.01 -34.97 -44.25
CA SER B 178 3.56 -35.13 -44.22
C SER B 178 3.09 -35.59 -42.85
N ASP B 179 3.30 -34.74 -41.85
CA ASP B 179 2.89 -35.04 -40.49
C ASP B 179 3.26 -36.43 -40.00
N LEU B 180 4.27 -37.03 -40.63
CA LEU B 180 4.73 -38.35 -40.22
C LEU B 180 6.25 -38.40 -40.12
N TYR B 181 6.73 -38.80 -38.96
CA TYR B 181 8.15 -38.90 -38.73
C TYR B 181 8.71 -40.24 -39.19
N THR B 182 9.99 -40.23 -39.54
CA THR B 182 10.68 -41.41 -39.96
C THR B 182 12.12 -41.14 -39.55
N LEU B 183 12.70 -42.13 -38.88
CA LEU B 183 14.06 -42.02 -38.37
C LEU B 183 14.80 -43.31 -38.63
N SER B 184 16.10 -43.28 -38.39
CA SER B 184 16.92 -44.46 -38.59
C SER B 184 17.92 -44.58 -37.46
N SER B 185 18.22 -45.80 -37.06
CA SER B 185 19.16 -46.02 -35.98
C SER B 185 20.11 -47.09 -36.48
N SER B 186 21.39 -46.94 -36.15
CA SER B 186 22.38 -47.91 -36.57
C SER B 186 23.25 -48.35 -35.40
N VAL B 187 23.85 -49.52 -35.55
CA VAL B 187 24.74 -50.03 -34.53
C VAL B 187 25.89 -50.70 -35.26
N THR B 188 27.08 -50.50 -34.76
CA THR B 188 28.25 -51.09 -35.37
C THR B 188 28.86 -52.14 -34.47
N VAL B 189 29.19 -53.28 -35.05
CA VAL B 189 29.77 -54.37 -34.29
C VAL B 189 30.89 -55.00 -35.11
N PRO B 190 31.71 -55.85 -34.47
CA PRO B 190 32.81 -56.51 -35.17
C PRO B 190 32.27 -57.48 -36.21
N SER B 191 32.86 -57.47 -37.39
CA SER B 191 32.41 -58.34 -38.47
C SER B 191 32.27 -59.81 -38.08
N SER B 192 32.88 -60.20 -36.97
CA SER B 192 32.79 -61.58 -36.50
C SER B 192 31.51 -61.77 -35.71
N THR B 193 31.10 -60.72 -35.01
CA THR B 193 29.89 -60.72 -34.17
C THR B 193 28.59 -61.11 -34.87
N TRP B 194 28.40 -60.64 -36.09
CA TRP B 194 27.17 -60.90 -36.83
C TRP B 194 27.55 -61.43 -38.22
N PRO B 195 26.73 -62.31 -38.82
CA PRO B 195 25.44 -62.89 -38.39
C PRO B 195 25.59 -63.86 -37.26
N SER B 196 26.83 -64.20 -36.96
CA SER B 196 27.12 -65.15 -35.89
C SER B 196 26.14 -64.96 -34.74
N GLU B 197 26.29 -63.85 -34.01
CA GLU B 197 25.44 -63.54 -32.88
C GLU B 197 24.19 -62.78 -33.35
N THR B 198 23.09 -62.92 -32.62
CA THR B 198 21.85 -62.24 -32.99
C THR B 198 21.85 -60.75 -32.69
N VAL B 199 21.29 -59.98 -33.62
CA VAL B 199 21.17 -58.54 -33.44
C VAL B 199 19.71 -58.14 -33.67
N THR B 200 19.11 -57.53 -32.67
CA THR B 200 17.72 -57.11 -32.78
C THR B 200 17.59 -55.66 -32.36
N CYS B 201 16.81 -54.89 -33.09
CA CYS B 201 16.62 -53.51 -32.68
C CYS B 201 15.23 -53.43 -32.06
N ASN B 202 15.16 -52.85 -30.86
CA ASN B 202 13.88 -52.70 -30.17
C ASN B 202 13.40 -51.28 -30.29
N VAL B 203 12.32 -51.09 -31.04
CA VAL B 203 11.75 -49.76 -31.21
C VAL B 203 10.53 -49.63 -30.31
N ALA B 204 10.34 -48.48 -29.68
CA ALA B 204 9.18 -48.28 -28.82
C ALA B 204 8.57 -46.92 -29.11
N HIS B 205 7.25 -46.87 -29.22
CA HIS B 205 6.55 -45.65 -29.51
C HIS B 205 5.55 -45.45 -28.40
N PRO B 206 5.98 -44.84 -27.29
CA PRO B 206 5.09 -44.62 -26.15
C PRO B 206 3.72 -44.09 -26.56
N ALA B 207 3.68 -43.04 -27.37
CA ALA B 207 2.42 -42.44 -27.78
C ALA B 207 1.33 -43.41 -28.26
N SER B 208 1.72 -44.53 -28.85
CA SER B 208 0.72 -45.48 -29.34
C SER B 208 0.74 -46.84 -28.66
N SER B 209 1.42 -46.94 -27.53
CA SER B 209 1.51 -48.19 -26.78
C SER B 209 2.02 -49.32 -27.69
N THR B 210 2.92 -48.96 -28.58
CA THR B 210 3.51 -49.90 -29.54
C THR B 210 4.99 -50.17 -29.29
N LYS B 211 5.36 -51.43 -29.40
CA LYS B 211 6.72 -51.85 -29.19
C LYS B 211 7.02 -52.91 -30.22
N VAL B 212 8.11 -52.74 -30.96
CA VAL B 212 8.48 -53.72 -31.98
C VAL B 212 9.94 -54.10 -31.89
N ASP B 213 10.20 -55.39 -31.82
CA ASP B 213 11.55 -55.94 -31.78
C ASP B 213 11.66 -56.59 -33.14
N LYS B 214 12.61 -56.13 -33.95
CA LYS B 214 12.80 -56.64 -35.30
C LYS B 214 14.18 -57.27 -35.39
N LYS B 215 14.25 -58.58 -35.58
CA LYS B 215 15.57 -59.21 -35.71
C LYS B 215 16.13 -58.80 -37.06
N ILE B 216 17.39 -58.39 -37.07
CA ILE B 216 18.01 -58.00 -38.32
C ILE B 216 18.80 -59.20 -38.84
N VAL B 217 18.30 -59.80 -39.91
CA VAL B 217 18.93 -60.97 -40.52
C VAL B 217 19.55 -60.65 -41.88
N PRO B 218 20.57 -61.42 -42.29
CA PRO B 218 21.28 -61.23 -43.56
C PRO B 218 20.40 -61.39 -44.79
N GLN C 1 -3.27 35.55 -22.14
CA GLN C 1 -2.10 35.13 -21.31
C GLN C 1 -0.79 35.24 -22.09
N ALA C 2 0.34 35.13 -21.39
CA ALA C 2 1.66 35.25 -22.03
C ALA C 2 2.15 34.01 -22.78
N VAL C 3 2.31 34.16 -24.09
CA VAL C 3 2.80 33.08 -24.94
C VAL C 3 4.33 33.14 -24.94
N VAL C 4 4.96 32.18 -24.26
CA VAL C 4 6.41 32.15 -24.20
C VAL C 4 6.99 31.68 -25.52
N THR C 5 8.23 32.09 -25.82
CA THR C 5 8.91 31.70 -27.04
C THR C 5 10.40 31.47 -26.81
N GLN C 6 11.02 30.80 -27.77
CA GLN C 6 12.44 30.50 -27.71
C GLN C 6 12.90 30.01 -29.08
N GLU C 7 14.21 29.82 -29.23
CA GLU C 7 14.78 29.36 -30.49
C GLU C 7 14.15 28.05 -30.95
N SER C 8 13.71 28.03 -32.21
CA SER C 8 13.07 26.86 -32.80
C SER C 8 14.00 25.64 -32.88
N ALA C 9 15.26 25.89 -33.24
CA ALA C 9 16.26 24.84 -33.36
C ALA C 9 17.66 25.40 -33.59
N LEU C 10 18.65 24.79 -32.95
CA LEU C 10 20.03 25.22 -33.09
C LEU C 10 20.88 24.04 -33.54
N THR C 11 22.19 24.27 -33.63
CA THR C 11 23.14 23.23 -34.03
C THR C 11 24.49 23.52 -33.38
N THR C 12 25.25 22.47 -33.05
CA THR C 12 26.53 22.64 -32.39
C THR C 12 27.39 21.36 -32.47
N SER C 13 28.61 21.45 -31.93
CA SER C 13 29.54 20.31 -31.92
C SER C 13 30.05 20.12 -30.49
N PRO C 14 30.59 18.92 -30.17
CA PRO C 14 31.10 18.69 -28.81
C PRO C 14 32.09 19.77 -28.40
N GLY C 15 32.33 19.88 -27.09
CA GLY C 15 33.26 20.87 -26.59
C GLY C 15 32.75 22.31 -26.60
N GLU C 16 31.91 22.63 -27.58
CA GLU C 16 31.34 23.97 -27.75
C GLU C 16 30.50 24.46 -26.56
N THR C 17 30.17 25.75 -26.58
CA THR C 17 29.35 26.37 -25.54
C THR C 17 28.20 27.15 -26.20
N VAL C 18 26.97 26.78 -25.85
CA VAL C 18 25.79 27.43 -26.43
C VAL C 18 24.94 28.15 -25.38
N THR C 19 23.94 28.88 -25.86
CA THR C 19 23.03 29.63 -24.99
C THR C 19 21.62 29.72 -25.55
N LEU C 20 20.66 29.16 -24.82
CA LEU C 20 19.27 29.20 -25.24
C LEU C 20 18.58 30.28 -24.42
N THR C 21 17.51 30.84 -24.96
CA THR C 21 16.79 31.90 -24.28
C THR C 21 15.30 31.63 -24.12
N CYS C 22 14.68 32.34 -23.18
CA CYS C 22 13.26 32.21 -22.89
C CYS C 22 12.68 33.62 -22.73
N ARG C 23 11.73 34.00 -23.58
CA ARG C 23 11.17 35.34 -23.47
C ARG C 23 9.68 35.41 -23.18
N SER C 24 9.33 36.27 -22.23
CA SER C 24 7.94 36.46 -21.83
C SER C 24 7.29 37.55 -22.67
N SER C 25 6.30 37.16 -23.47
CA SER C 25 5.59 38.08 -24.33
C SER C 25 4.71 39.02 -23.52
N SER C 26 5.32 39.68 -22.53
CA SER C 26 4.61 40.61 -21.68
C SER C 26 5.60 41.54 -20.97
N GLY C 27 6.79 41.02 -20.72
CA GLY C 27 7.80 41.82 -20.04
C GLY C 27 9.00 41.03 -19.55
N ALA C 28 10.08 41.76 -19.25
CA ALA C 28 11.31 41.17 -18.78
C ALA C 28 11.12 40.06 -17.75
N ILE C 29 11.79 38.94 -18.01
CA ILE C 29 11.73 37.81 -17.11
C ILE C 29 12.66 38.18 -15.97
N THR C 30 12.36 37.69 -14.77
CA THR C 30 13.18 37.99 -13.61
C THR C 30 13.15 36.86 -12.61
N THR C 31 13.85 37.04 -11.50
CA THR C 31 13.90 36.03 -10.45
C THR C 31 12.47 35.59 -10.12
N SER C 32 11.52 36.48 -10.38
CA SER C 32 10.10 36.25 -10.10
C SER C 32 9.42 35.12 -10.86
N HIS C 33 9.89 34.79 -12.06
CA HIS C 33 9.27 33.71 -12.83
C HIS C 33 9.86 32.33 -12.54
N TYR C 34 10.89 32.30 -11.69
CA TYR C 34 11.58 31.08 -11.32
C TYR C 34 11.58 30.13 -12.51
N ALA C 35 11.85 30.70 -13.69
CA ALA C 35 11.88 29.95 -14.94
C ALA C 35 12.45 28.56 -14.72
N ASN C 36 11.94 27.59 -15.48
CA ASN C 36 12.39 26.20 -15.37
C ASN C 36 13.00 25.73 -16.69
N TRP C 37 13.97 24.82 -16.62
CA TRP C 37 14.62 24.28 -17.80
C TRP C 37 14.40 22.78 -17.90
N ILE C 38 13.62 22.36 -18.88
CA ILE C 38 13.33 20.95 -19.04
C ILE C 38 13.95 20.40 -20.33
N GLN C 39 14.50 19.19 -20.25
CA GLN C 39 15.13 18.54 -21.40
C GLN C 39 14.30 17.36 -21.85
N GLU C 40 13.85 17.41 -23.11
CA GLU C 40 13.02 16.35 -23.68
C GLU C 40 13.75 15.43 -24.65
N LYS C 41 13.94 14.19 -24.24
CA LYS C 41 14.58 13.20 -25.08
C LYS C 41 13.48 12.35 -25.70
N PRO C 42 13.68 11.90 -26.96
CA PRO C 42 12.68 11.08 -27.66
C PRO C 42 11.90 10.17 -26.74
N ASP C 43 10.59 10.09 -26.98
CA ASP C 43 9.67 9.27 -26.20
C ASP C 43 9.22 9.90 -24.90
N HIS C 44 8.99 11.21 -24.93
CA HIS C 44 8.53 11.90 -23.75
C HIS C 44 9.41 11.52 -22.57
N LEU C 45 10.66 11.95 -22.62
CA LEU C 45 11.62 11.70 -21.56
C LEU C 45 11.96 13.08 -21.00
N PHE C 46 11.26 13.49 -19.95
CA PHE C 46 11.50 14.80 -19.36
C PHE C 46 12.41 14.76 -18.15
N THR C 47 13.41 15.64 -18.18
CA THR C 47 14.36 15.79 -17.09
C THR C 47 14.60 17.28 -16.93
N GLY C 48 14.27 17.79 -15.75
CA GLY C 48 14.48 19.19 -15.48
C GLY C 48 15.95 19.43 -15.18
N LEU C 49 16.50 20.49 -15.75
CA LEU C 49 17.90 20.85 -15.54
C LEU C 49 18.01 21.96 -14.50
N ILE C 50 17.52 23.14 -14.86
CA ILE C 50 17.57 24.27 -13.96
C ILE C 50 16.16 24.70 -13.50
N SER C 51 16.08 25.14 -12.25
CA SER C 51 14.81 25.58 -11.67
C SER C 51 15.04 26.84 -10.84
N GLY C 52 14.03 27.70 -10.77
CA GLY C 52 14.17 28.93 -10.00
C GLY C 52 15.18 29.86 -10.63
N THR C 53 15.14 29.95 -11.96
CA THR C 53 16.04 30.80 -12.72
C THR C 53 17.52 30.39 -12.70
N ASN C 54 17.95 29.59 -11.72
CA ASN C 54 19.35 29.15 -11.69
C ASN C 54 19.75 28.09 -10.64
N ASN C 55 18.78 27.56 -9.91
CA ASN C 55 19.10 26.53 -8.92
C ASN C 55 19.35 25.21 -9.65
N ARG C 56 20.53 24.64 -9.44
CA ARG C 56 20.89 23.38 -10.12
C ARG C 56 20.05 22.21 -9.66
N ALA C 57 20.00 21.17 -10.49
CA ALA C 57 19.24 19.96 -10.19
C ALA C 57 20.12 18.87 -9.57
N PRO C 58 19.51 17.94 -8.80
CA PRO C 58 20.21 16.85 -8.13
C PRO C 58 20.99 15.86 -9.01
N GLY C 59 21.47 16.32 -10.16
CA GLY C 59 22.22 15.44 -11.03
C GLY C 59 22.78 16.12 -12.26
N VAL C 60 22.07 17.15 -12.73
CA VAL C 60 22.48 17.90 -13.90
C VAL C 60 23.97 18.26 -13.90
N PRO C 61 24.62 18.15 -15.07
CA PRO C 61 26.04 18.44 -15.30
C PRO C 61 26.50 19.85 -14.97
N ALA C 62 27.77 19.95 -14.60
CA ALA C 62 28.36 21.24 -14.26
C ALA C 62 28.36 22.13 -15.49
N ARG C 63 28.37 21.53 -16.67
CA ARG C 63 28.37 22.29 -17.91
C ARG C 63 27.02 22.96 -18.20
N PHE C 64 25.96 22.42 -17.61
CA PHE C 64 24.62 22.97 -17.79
C PHE C 64 24.30 24.04 -16.77
N SER C 65 24.07 25.26 -17.24
CA SER C 65 23.75 26.36 -16.34
C SER C 65 22.62 27.18 -16.95
N GLY C 66 22.03 28.05 -16.13
CA GLY C 66 20.95 28.89 -16.58
C GLY C 66 20.82 30.10 -15.68
N SER C 67 20.52 31.24 -16.28
CA SER C 67 20.39 32.47 -15.52
C SER C 67 19.59 33.50 -16.28
N LEU C 68 19.48 34.70 -15.70
CA LEU C 68 18.78 35.79 -16.33
C LEU C 68 19.80 36.68 -17.00
N ILE C 69 19.63 36.88 -18.30
CA ILE C 69 20.53 37.73 -19.06
C ILE C 69 19.65 38.60 -19.92
N GLY C 70 19.88 39.91 -19.86
CA GLY C 70 19.07 40.83 -20.65
C GLY C 70 17.67 40.86 -20.09
N ASP C 71 16.68 40.94 -20.97
CA ASP C 71 15.28 40.95 -20.53
C ASP C 71 14.68 39.57 -20.77
N LYS C 72 15.47 38.54 -20.54
CA LYS C 72 15.06 37.15 -20.74
C LYS C 72 15.84 36.16 -19.87
N ALA C 73 15.33 34.93 -19.83
CA ALA C 73 15.94 33.84 -19.08
C ALA C 73 16.83 33.08 -20.04
N ALA C 74 17.97 32.57 -19.56
CA ALA C 74 18.87 31.86 -20.45
C ALA C 74 19.55 30.61 -19.93
N LEU C 75 19.67 29.63 -20.83
CA LEU C 75 20.30 28.35 -20.57
C LEU C 75 21.62 28.28 -21.34
N THR C 76 22.70 27.98 -20.63
CA THR C 76 24.03 27.88 -21.24
C THR C 76 24.70 26.53 -21.01
N ILE C 77 25.17 25.96 -22.11
CA ILE C 77 25.85 24.68 -22.10
C ILE C 77 27.33 24.93 -22.36
N THR C 78 28.17 24.56 -21.40
CA THR C 78 29.61 24.75 -21.53
C THR C 78 30.35 23.43 -21.45
N GLY C 79 30.60 22.86 -22.62
CA GLY C 79 31.28 21.58 -22.71
C GLY C 79 30.35 20.59 -23.38
N ALA C 80 29.61 21.09 -24.39
CA ALA C 80 28.66 20.28 -25.12
C ALA C 80 29.17 18.89 -25.42
N GLN C 81 28.23 17.98 -25.61
CA GLN C 81 28.53 16.59 -25.90
C GLN C 81 27.58 16.26 -27.04
N THR C 82 27.58 15.01 -27.47
CA THR C 82 26.66 14.62 -28.51
C THR C 82 25.32 14.38 -27.83
N GLU C 83 25.38 13.94 -26.58
CA GLU C 83 24.20 13.65 -25.77
C GLU C 83 23.38 14.88 -25.44
N ASP C 84 24.02 16.04 -25.35
CA ASP C 84 23.29 17.26 -25.05
C ASP C 84 22.38 17.61 -26.22
N GLU C 85 22.22 16.65 -27.13
CA GLU C 85 21.33 16.82 -28.27
C GLU C 85 19.97 16.32 -27.80
N ALA C 86 19.05 17.25 -27.63
CA ALA C 86 17.70 16.96 -27.17
C ALA C 86 16.86 18.20 -27.39
N ILE C 87 15.79 18.33 -26.64
CA ILE C 87 14.93 19.48 -26.75
C ILE C 87 14.99 20.27 -25.46
N TYR C 88 14.83 21.58 -25.54
CA TYR C 88 14.85 22.40 -24.34
C TYR C 88 13.67 23.35 -24.22
N ILE C 89 12.66 22.89 -23.48
CA ILE C 89 11.45 23.65 -23.23
C ILE C 89 11.62 24.41 -21.94
N CYS C 90 11.16 25.66 -21.94
CA CYS C 90 11.27 26.51 -20.76
C CYS C 90 9.89 26.98 -20.32
N ALA C 91 9.65 26.84 -19.02
CA ALA C 91 8.40 27.26 -18.41
C ALA C 91 8.67 28.39 -17.43
N LEU C 92 7.75 29.35 -17.38
CA LEU C 92 7.87 30.47 -16.49
C LEU C 92 6.70 30.46 -15.52
N TRP C 93 6.93 30.98 -14.32
CA TRP C 93 5.86 31.02 -13.33
C TRP C 93 5.03 32.26 -13.58
N PHE C 94 3.71 32.06 -13.63
CA PHE C 94 2.80 33.17 -13.85
C PHE C 94 1.71 33.12 -12.80
N SER C 95 2.14 32.98 -11.55
CA SER C 95 1.23 32.94 -10.41
C SER C 95 0.03 32.06 -10.64
N ASN C 96 0.15 30.79 -10.26
CA ASN C 96 -0.91 29.79 -10.38
C ASN C 96 -0.68 28.73 -11.46
N GLN C 97 0.10 29.04 -12.49
CA GLN C 97 0.37 28.06 -13.54
C GLN C 97 1.60 28.35 -14.39
N PHE C 98 2.48 27.36 -14.47
CA PHE C 98 3.69 27.45 -15.28
C PHE C 98 3.32 27.34 -16.76
N ILE C 99 3.75 28.29 -17.59
CA ILE C 99 3.47 28.21 -19.02
C ILE C 99 4.77 27.84 -19.73
N PHE C 100 4.68 26.92 -20.70
CA PHE C 100 5.87 26.46 -21.43
C PHE C 100 6.04 26.90 -22.88
N GLY C 101 7.30 27.07 -23.29
CA GLY C 101 7.57 27.46 -24.66
C GLY C 101 7.50 26.20 -25.52
N SER C 102 7.66 26.34 -26.84
CA SER C 102 7.59 25.16 -27.70
C SER C 102 8.95 24.51 -27.94
N GLY C 103 9.84 24.62 -26.96
CA GLY C 103 11.16 24.02 -27.03
C GLY C 103 12.17 24.51 -28.06
N THR C 104 13.41 24.06 -27.86
CA THR C 104 14.53 24.38 -28.73
C THR C 104 15.24 23.08 -29.11
N LYS C 105 15.24 22.76 -30.40
CA LYS C 105 15.88 21.55 -30.91
C LYS C 105 17.38 21.70 -30.97
N VAL C 106 18.08 20.99 -30.09
CA VAL C 106 19.54 21.06 -30.07
C VAL C 106 20.12 19.82 -30.75
N THR C 107 21.19 20.04 -31.50
CA THR C 107 21.86 18.96 -32.22
C THR C 107 23.37 19.09 -32.10
N VAL C 108 24.03 17.94 -31.99
CA VAL C 108 25.48 17.88 -31.90
C VAL C 108 25.92 16.86 -32.95
N LYS C 113 28.64 7.74 -35.74
CA LYS C 113 28.03 7.57 -37.05
C LYS C 113 28.16 6.09 -37.39
N SER C 114 27.02 5.42 -37.54
CA SER C 114 26.99 3.99 -37.84
C SER C 114 26.07 3.67 -39.01
N SER C 115 26.54 2.87 -39.95
CA SER C 115 25.74 2.47 -41.10
C SER C 115 24.69 1.47 -40.67
N PRO C 116 23.48 1.62 -41.19
CA PRO C 116 22.40 0.70 -40.83
C PRO C 116 22.53 -0.72 -41.34
N SER C 117 21.93 -1.64 -40.61
CA SER C 117 21.89 -3.03 -40.97
C SER C 117 20.46 -3.28 -41.40
N VAL C 118 20.32 -3.66 -42.66
CA VAL C 118 19.03 -3.94 -43.25
C VAL C 118 18.65 -5.45 -43.11
N THR C 119 17.38 -5.75 -42.83
CA THR C 119 16.89 -7.12 -42.72
C THR C 119 15.53 -7.26 -43.37
N LEU C 120 15.47 -7.95 -44.51
CA LEU C 120 14.22 -8.17 -45.26
C LEU C 120 13.61 -9.53 -44.82
N PHE C 121 12.29 -9.66 -44.91
CA PHE C 121 11.56 -10.88 -44.56
C PHE C 121 10.46 -11.02 -45.60
N PRO C 122 10.33 -12.20 -46.23
CA PRO C 122 9.29 -12.39 -47.24
C PRO C 122 7.91 -12.61 -46.61
N PRO C 123 6.84 -12.51 -47.41
CA PRO C 123 5.50 -12.70 -46.87
C PRO C 123 5.36 -14.02 -46.15
N SER C 124 4.53 -14.04 -45.12
CA SER C 124 4.32 -15.25 -44.36
C SER C 124 3.39 -16.14 -45.19
N SER C 125 3.66 -17.43 -45.21
CA SER C 125 2.81 -18.36 -45.94
C SER C 125 1.35 -18.05 -45.55
N GLU C 126 1.11 -18.01 -44.24
CA GLU C 126 -0.21 -17.75 -43.68
C GLU C 126 -0.80 -16.48 -44.26
N GLU C 127 -0.02 -15.42 -44.32
CA GLU C 127 -0.54 -14.17 -44.88
C GLU C 127 -0.85 -14.29 -46.35
N LEU C 128 0.02 -14.94 -47.12
CA LEU C 128 -0.20 -15.14 -48.55
C LEU C 128 -1.56 -15.76 -48.80
N GLU C 129 -1.88 -16.79 -48.01
CA GLU C 129 -3.15 -17.50 -48.10
C GLU C 129 -4.32 -16.52 -48.09
N THR C 130 -4.16 -15.41 -47.39
CA THR C 130 -5.20 -14.39 -47.30
C THR C 130 -5.11 -13.44 -48.49
N ASN C 131 -4.35 -13.85 -49.50
CA ASN C 131 -4.14 -13.05 -50.71
C ASN C 131 -3.44 -11.73 -50.43
N LYS C 132 -2.82 -11.64 -49.25
CA LYS C 132 -2.09 -10.45 -48.83
C LYS C 132 -0.60 -10.80 -48.77
N ALA C 133 0.25 -9.80 -48.91
CA ALA C 133 1.68 -10.03 -48.85
C ALA C 133 2.38 -8.80 -48.30
N THR C 134 2.93 -8.91 -47.10
CA THR C 134 3.63 -7.77 -46.49
C THR C 134 5.13 -7.98 -46.44
N LEU C 135 5.87 -7.18 -47.22
CA LEU C 135 7.33 -7.25 -47.21
C LEU C 135 7.83 -6.44 -46.03
N VAL C 136 8.61 -7.07 -45.16
CA VAL C 136 9.12 -6.41 -43.98
C VAL C 136 10.60 -6.07 -44.10
N CYS C 137 10.95 -4.82 -43.85
CA CYS C 137 12.35 -4.40 -43.90
C CYS C 137 12.68 -3.71 -42.58
N THR C 138 13.39 -4.42 -41.70
CA THR C 138 13.75 -3.85 -40.41
C THR C 138 15.19 -3.31 -40.42
N ILE C 139 15.27 -1.99 -40.29
CA ILE C 139 16.51 -1.18 -40.31
C ILE C 139 17.07 -0.92 -38.92
N THR C 140 18.32 -1.31 -38.67
CA THR C 140 18.91 -1.11 -37.34
C THR C 140 20.34 -0.63 -37.26
N ASP C 141 20.83 -0.44 -36.04
CA ASP C 141 22.20 -0.02 -35.80
C ASP C 141 22.69 1.26 -36.44
N PHE C 142 21.82 2.24 -36.62
CA PHE C 142 22.28 3.48 -37.23
C PHE C 142 22.16 4.71 -36.35
N TYR C 143 23.06 5.66 -36.62
CA TYR C 143 23.18 6.93 -35.93
C TYR C 143 24.02 7.74 -36.90
N PRO C 144 23.65 9.00 -37.17
CA PRO C 144 22.51 9.71 -36.59
C PRO C 144 21.19 9.08 -37.02
N GLY C 145 20.14 9.34 -36.23
CA GLY C 145 18.83 8.81 -36.53
C GLY C 145 18.19 9.66 -37.61
N VAL C 146 18.44 9.31 -38.86
CA VAL C 146 17.92 10.05 -39.99
C VAL C 146 18.20 9.28 -41.28
N VAL C 147 17.21 8.54 -41.74
CA VAL C 147 17.37 7.75 -42.96
C VAL C 147 16.23 7.95 -43.95
N THR C 148 16.41 7.41 -45.14
CA THR C 148 15.40 7.51 -46.19
C THR C 148 15.25 6.14 -46.80
N VAL C 149 14.11 5.48 -46.62
CA VAL C 149 13.96 4.16 -47.21
C VAL C 149 13.14 4.26 -48.48
N ASP C 150 13.56 3.50 -49.48
CA ASP C 150 12.90 3.44 -50.77
C ASP C 150 12.75 1.96 -51.11
N TRP C 151 11.67 1.59 -51.79
CA TRP C 151 11.49 0.19 -52.16
C TRP C 151 11.55 0.07 -53.65
N LYS C 152 12.15 -1.01 -54.12
CA LYS C 152 12.24 -1.24 -55.56
C LYS C 152 11.73 -2.64 -55.87
N VAL C 153 11.08 -2.76 -57.01
CA VAL C 153 10.53 -4.01 -57.47
C VAL C 153 11.03 -4.19 -58.88
N ASP C 154 11.82 -5.23 -59.11
CA ASP C 154 12.40 -5.48 -60.42
C ASP C 154 13.23 -4.26 -60.77
N GLY C 155 14.03 -3.82 -59.81
CA GLY C 155 14.90 -2.68 -60.02
C GLY C 155 14.15 -1.39 -60.24
N THR C 156 12.84 -1.45 -60.33
CA THR C 156 12.01 -0.26 -60.52
C THR C 156 11.44 0.22 -59.18
N PRO C 157 11.53 1.53 -58.91
CA PRO C 157 11.01 2.05 -57.64
C PRO C 157 9.48 2.02 -57.53
N VAL C 158 8.98 1.82 -56.32
CA VAL C 158 7.55 1.80 -56.06
C VAL C 158 7.20 2.80 -54.99
N THR C 159 6.09 3.52 -55.17
CA THR C 159 5.69 4.53 -54.21
C THR C 159 4.51 4.10 -53.34
N GLN C 160 3.54 3.47 -53.95
CA GLN C 160 2.34 3.03 -53.25
C GLN C 160 2.50 1.78 -52.40
N GLY C 161 1.80 1.74 -51.27
CA GLY C 161 1.83 0.59 -50.39
C GLY C 161 3.03 0.45 -49.48
N MET C 162 3.74 1.55 -49.27
CA MET C 162 4.91 1.52 -48.42
C MET C 162 4.70 2.36 -47.16
N GLU C 163 4.94 1.73 -46.01
CA GLU C 163 4.79 2.34 -44.69
C GLU C 163 6.12 2.26 -43.94
N THR C 164 6.69 3.39 -43.55
CA THR C 164 7.97 3.37 -42.85
C THR C 164 7.84 4.08 -41.51
N THR C 165 8.35 3.46 -40.45
CA THR C 165 8.28 4.02 -39.10
C THR C 165 9.14 5.25 -38.87
N GLN C 166 9.21 5.64 -37.60
CA GLN C 166 9.98 6.79 -37.18
C GLN C 166 11.16 6.21 -36.44
N PRO C 167 12.33 6.84 -36.57
CA PRO C 167 13.47 6.29 -35.85
C PRO C 167 13.14 6.17 -34.37
N SER C 168 13.73 5.18 -33.71
CA SER C 168 13.54 4.99 -32.27
C SER C 168 14.90 4.71 -31.66
N LYS C 169 15.27 5.51 -30.67
CA LYS C 169 16.55 5.33 -30.01
C LYS C 169 16.55 3.97 -29.32
N GLN C 170 17.64 3.23 -29.44
CA GLN C 170 17.73 1.93 -28.79
C GLN C 170 18.63 2.03 -27.57
N SER C 171 18.53 1.04 -26.69
CA SER C 171 19.33 1.01 -25.46
C SER C 171 20.82 1.12 -25.77
N ASN C 172 21.21 0.69 -26.97
CA ASN C 172 22.61 0.74 -27.39
C ASN C 172 22.97 2.12 -27.93
N ASN C 173 22.12 3.09 -27.67
CA ASN C 173 22.34 4.45 -28.15
C ASN C 173 22.49 4.50 -29.68
N LYS C 174 21.55 3.84 -30.36
CA LYS C 174 21.48 3.80 -31.80
C LYS C 174 20.02 3.73 -32.22
N TYR C 175 19.71 4.26 -33.39
CA TYR C 175 18.33 4.26 -33.86
C TYR C 175 17.95 3.00 -34.64
N MET C 176 16.64 2.81 -34.80
CA MET C 176 16.10 1.67 -35.54
C MET C 176 14.77 2.09 -36.11
N ALA C 177 14.38 1.45 -37.20
CA ALA C 177 13.11 1.77 -37.84
C ALA C 177 12.66 0.60 -38.68
N SER C 178 11.43 0.68 -39.18
CA SER C 178 10.90 -0.39 -40.01
C SER C 178 10.08 0.13 -41.19
N SER C 179 10.15 -0.59 -42.31
CA SER C 179 9.39 -0.22 -43.48
C SER C 179 8.59 -1.42 -43.96
N TYR C 180 7.40 -1.14 -44.46
CA TYR C 180 6.50 -2.19 -44.94
C TYR C 180 6.09 -1.92 -46.37
N LEU C 181 6.01 -3.00 -47.13
CA LEU C 181 5.59 -2.93 -48.53
C LEU C 181 4.37 -3.84 -48.60
N THR C 182 3.20 -3.23 -48.68
CA THR C 182 1.97 -3.97 -48.73
C THR C 182 1.63 -4.36 -50.17
N LEU C 183 1.62 -5.67 -50.46
CA LEU C 183 1.33 -6.20 -51.80
C LEU C 183 0.23 -7.24 -51.77
N THR C 184 -0.14 -7.73 -52.94
CA THR C 184 -1.16 -8.74 -53.03
C THR C 184 -0.41 -10.01 -53.37
N ALA C 185 -0.96 -11.15 -52.96
CA ALA C 185 -0.30 -12.41 -53.25
C ALA C 185 0.13 -12.38 -54.72
N ARG C 186 -0.73 -11.80 -55.55
CA ARG C 186 -0.50 -11.67 -56.98
C ARG C 186 0.82 -10.97 -57.22
N ALA C 187 0.80 -9.67 -57.01
CA ALA C 187 1.99 -8.84 -57.20
C ALA C 187 3.26 -9.49 -56.62
N TRP C 188 3.17 -10.04 -55.41
CA TRP C 188 4.35 -10.67 -54.80
C TRP C 188 5.01 -11.71 -55.72
N GLU C 189 4.22 -12.56 -56.36
CA GLU C 189 4.74 -13.61 -57.24
C GLU C 189 5.02 -13.09 -58.66
N ARG C 190 4.26 -12.07 -59.06
CA ARG C 190 4.36 -11.45 -60.37
C ARG C 190 5.72 -10.81 -60.63
N HIS C 191 6.54 -10.64 -59.60
CA HIS C 191 7.85 -9.99 -59.81
C HIS C 191 9.08 -10.85 -59.53
N SER C 192 10.23 -10.40 -60.03
CA SER C 192 11.48 -11.13 -59.87
C SER C 192 12.22 -10.82 -58.60
N SER C 193 12.11 -9.59 -58.13
CA SER C 193 12.80 -9.25 -56.90
C SER C 193 12.28 -7.96 -56.32
N TYR C 194 12.53 -7.79 -55.02
CA TYR C 194 12.12 -6.59 -54.32
C TYR C 194 13.32 -6.14 -53.55
N SER C 195 13.58 -4.86 -53.62
CA SER C 195 14.71 -4.31 -52.94
C SER C 195 14.31 -3.26 -51.93
N CYS C 196 14.81 -3.41 -50.71
CA CYS C 196 14.59 -2.45 -49.66
C CYS C 196 15.86 -1.62 -49.68
N GLN C 197 15.76 -0.34 -50.02
CA GLN C 197 16.95 0.52 -50.09
C GLN C 197 16.99 1.64 -49.03
N VAL C 198 18.08 1.72 -48.31
CA VAL C 198 18.19 2.75 -47.31
C VAL C 198 19.34 3.67 -47.60
N THR C 199 19.11 4.97 -47.44
CA THR C 199 20.13 5.96 -47.67
C THR C 199 20.38 6.65 -46.36
N HIS C 200 21.64 6.63 -45.92
CA HIS C 200 22.00 7.22 -44.66
C HIS C 200 23.36 7.91 -44.71
N GLU C 201 23.38 9.14 -44.23
CA GLU C 201 24.61 9.95 -44.18
C GLU C 201 25.48 9.89 -45.43
N GLY C 202 24.88 10.11 -46.59
CA GLY C 202 25.70 10.09 -47.78
C GLY C 202 25.77 8.78 -48.52
N HIS C 203 25.76 7.65 -47.82
CA HIS C 203 25.81 6.40 -48.56
C HIS C 203 24.56 5.53 -48.50
N THR C 204 24.44 4.64 -49.48
CA THR C 204 23.29 3.76 -49.62
C THR C 204 23.53 2.30 -49.28
N VAL C 205 22.50 1.67 -48.74
CA VAL C 205 22.57 0.27 -48.39
C VAL C 205 21.30 -0.37 -48.91
N GLU C 206 21.40 -1.49 -49.62
CA GLU C 206 20.18 -2.12 -50.09
C GLU C 206 20.23 -3.64 -50.11
N LYS C 207 19.09 -4.24 -49.78
CA LYS C 207 18.96 -5.68 -49.79
C LYS C 207 17.76 -6.03 -50.64
N SER C 208 17.72 -7.26 -51.14
CA SER C 208 16.64 -7.72 -51.98
C SER C 208 16.30 -9.16 -51.67
N LEU C 209 15.12 -9.59 -52.10
CA LEU C 209 14.69 -10.96 -51.91
C LEU C 209 13.89 -11.26 -53.16
N SER C 210 14.01 -12.49 -53.66
CA SER C 210 13.29 -12.88 -54.87
C SER C 210 12.15 -13.81 -54.55
N ALA C 211 10.95 -13.38 -54.92
CA ALA C 211 9.78 -14.19 -54.66
C ALA C 211 10.06 -15.69 -54.86
N ALA C 212 11.10 -16.02 -55.64
CA ALA C 212 11.39 -17.43 -55.89
C ALA C 212 12.62 -18.01 -55.18
N GLU D 1 16.79 7.63 -6.17
CA GLU D 1 15.66 6.72 -5.85
C GLU D 1 14.30 7.36 -6.12
N VAL D 2 14.29 8.34 -7.03
CA VAL D 2 13.05 9.03 -7.38
C VAL D 2 12.52 8.58 -8.72
N GLN D 3 11.24 8.23 -8.76
CA GLN D 3 10.60 7.78 -9.98
C GLN D 3 9.08 7.92 -9.87
N LEU D 4 8.47 8.34 -10.98
CA LEU D 4 7.03 8.52 -11.03
C LEU D 4 6.43 7.58 -12.06
N GLN D 5 5.88 6.47 -11.59
CA GLN D 5 5.29 5.48 -12.46
C GLN D 5 3.81 5.74 -12.65
N GLN D 6 3.43 6.06 -13.89
CA GLN D 6 2.05 6.31 -14.26
C GLN D 6 1.36 5.05 -14.83
N SER D 7 0.05 5.12 -15.01
CA SER D 7 -0.75 4.03 -15.54
C SER D 7 -0.49 3.89 -17.04
N GLY D 8 -1.07 2.86 -17.65
CA GLY D 8 -0.86 2.64 -19.08
C GLY D 8 -1.79 3.46 -19.95
N ALA D 9 -1.51 3.47 -21.25
CA ALA D 9 -2.33 4.22 -22.18
C ALA D 9 -3.78 3.81 -22.00
N GLU D 10 -4.69 4.67 -22.43
CA GLU D 10 -6.11 4.38 -22.32
C GLU D 10 -6.86 4.85 -23.57
N LEU D 11 -7.99 4.20 -23.82
CA LEU D 11 -8.82 4.51 -24.97
C LEU D 11 -10.16 4.95 -24.43
N ALA D 12 -10.50 6.22 -24.61
CA ALA D 12 -11.77 6.71 -24.10
C ALA D 12 -12.69 7.20 -25.20
N ARG D 13 -13.98 6.86 -25.09
CA ARG D 13 -14.95 7.31 -26.08
C ARG D 13 -15.25 8.76 -25.74
N PRO D 14 -15.47 9.61 -26.75
CA PRO D 14 -15.77 11.02 -26.46
C PRO D 14 -16.88 11.16 -25.44
N GLY D 15 -16.77 12.18 -24.60
CA GLY D 15 -17.80 12.43 -23.60
C GLY D 15 -17.65 11.71 -22.29
N ALA D 16 -16.97 10.56 -22.28
CA ALA D 16 -16.77 9.81 -21.05
C ALA D 16 -15.62 10.39 -20.23
N SER D 17 -15.16 9.61 -19.24
CA SER D 17 -14.08 10.05 -18.40
C SER D 17 -13.00 8.99 -18.17
N VAL D 18 -11.75 9.43 -18.11
CA VAL D 18 -10.63 8.54 -17.87
C VAL D 18 -10.08 8.83 -16.48
N LYS D 19 -9.45 7.84 -15.87
CA LYS D 19 -8.88 8.00 -14.55
C LYS D 19 -7.40 7.65 -14.58
N LEU D 20 -6.55 8.67 -14.71
CA LEU D 20 -5.10 8.47 -14.72
C LEU D 20 -4.60 8.32 -13.29
N SER D 21 -3.32 8.00 -13.13
CA SER D 21 -2.75 7.86 -11.80
C SER D 21 -1.24 7.96 -11.90
N CYS D 22 -0.60 8.45 -10.83
CA CYS D 22 0.85 8.61 -10.82
C CYS D 22 1.43 8.25 -9.47
N ARG D 23 1.70 6.97 -9.22
CA ARG D 23 2.28 6.54 -7.93
C ARG D 23 3.74 7.02 -7.80
N THR D 24 4.10 7.51 -6.61
CA THR D 24 5.45 8.01 -6.37
C THR D 24 6.33 7.00 -5.64
N SER D 25 7.63 7.09 -5.89
CA SER D 25 8.58 6.17 -5.29
C SER D 25 9.87 6.85 -4.85
N GLY D 26 10.28 6.54 -3.63
CA GLY D 26 11.52 7.12 -3.11
C GLY D 26 11.49 8.56 -2.62
N TYR D 27 10.60 8.86 -1.68
CA TYR D 27 10.51 10.20 -1.09
C TYR D 27 9.21 10.50 -0.34
N SER D 28 9.23 11.58 0.44
CA SER D 28 8.06 11.99 1.22
C SER D 28 6.92 12.43 0.29
N PHE D 29 6.05 11.47 0.04
CA PHE D 29 4.89 11.69 -0.80
C PHE D 29 4.10 12.89 -0.30
N THR D 30 3.98 12.95 1.02
CA THR D 30 3.24 13.99 1.73
C THR D 30 3.84 15.40 1.73
N THR D 31 5.16 15.50 1.62
CA THR D 31 5.83 16.79 1.67
C THR D 31 6.24 17.36 0.30
N TYR D 32 5.60 16.88 -0.77
CA TYR D 32 5.90 17.34 -2.14
C TYR D 32 4.64 17.63 -2.94
N TRP D 33 4.78 18.49 -3.93
CA TRP D 33 3.65 18.78 -4.80
C TRP D 33 3.71 17.81 -5.97
N MET D 34 2.60 17.70 -6.68
CA MET D 34 2.50 16.83 -7.84
C MET D 34 1.81 17.66 -8.91
N GLN D 35 2.44 17.81 -10.07
CA GLN D 35 1.81 18.60 -11.10
C GLN D 35 1.54 17.73 -12.32
N TRP D 36 0.43 18.00 -12.99
CA TRP D 36 0.12 17.25 -14.17
C TRP D 36 0.24 18.15 -15.38
N VAL D 37 1.12 17.76 -16.29
CA VAL D 37 1.31 18.51 -17.52
C VAL D 37 0.63 17.67 -18.59
N ARG D 38 0.32 18.31 -19.72
CA ARG D 38 -0.34 17.64 -20.82
C ARG D 38 0.36 17.97 -22.13
N GLN D 39 0.24 17.08 -23.11
CA GLN D 39 0.87 17.32 -24.40
C GLN D 39 0.14 16.62 -25.54
N ARG D 40 -0.41 17.43 -26.44
CA ARG D 40 -1.13 16.93 -27.60
C ARG D 40 -0.11 16.90 -28.75
N PRO D 41 -0.53 16.43 -29.95
CA PRO D 41 0.38 16.36 -31.09
C PRO D 41 1.49 17.41 -31.04
N GLY D 42 1.23 18.55 -31.67
CA GLY D 42 2.19 19.63 -31.66
C GLY D 42 1.56 20.78 -30.92
N GLN D 43 1.72 20.79 -29.60
CA GLN D 43 1.15 21.85 -28.79
C GLN D 43 1.90 22.12 -27.49
N GLY D 44 3.21 21.85 -27.47
CA GLY D 44 3.98 22.09 -26.26
C GLY D 44 3.30 21.60 -24.99
N LEU D 45 3.87 21.94 -23.84
CA LEU D 45 3.31 21.52 -22.57
C LEU D 45 2.29 22.48 -21.98
N GLU D 46 1.13 21.93 -21.61
CA GLU D 46 0.05 22.70 -21.02
C GLU D 46 -0.07 22.33 -19.54
N TRP D 47 0.00 23.33 -18.67
CA TRP D 47 -0.14 23.09 -17.24
C TRP D 47 -1.61 22.76 -16.95
N ILE D 48 -1.83 21.74 -16.13
CA ILE D 48 -3.18 21.32 -15.80
C ILE D 48 -3.62 21.62 -14.37
N ALA D 49 -2.85 21.11 -13.40
CA ALA D 49 -3.18 21.31 -12.00
C ALA D 49 -2.19 20.56 -11.12
N ALA D 50 -1.92 21.11 -9.93
CA ALA D 50 -0.97 20.53 -9.00
C ALA D 50 -1.67 20.10 -7.74
N ILE D 51 -0.97 19.37 -6.88
CA ILE D 51 -1.56 18.94 -5.64
C ILE D 51 -0.53 18.66 -4.56
N TYR D 52 -0.92 18.92 -3.32
CA TYR D 52 -0.07 18.68 -2.17
C TYR D 52 -0.84 17.63 -1.36
N PRO D 53 -0.38 16.36 -1.43
CA PRO D 53 -0.96 15.20 -0.74
C PRO D 53 -1.35 15.35 0.72
N GLY D 54 -0.36 15.52 1.60
CA GLY D 54 -0.66 15.64 3.02
C GLY D 54 -1.32 16.94 3.41
N ASP D 55 -2.37 17.30 2.67
CA ASP D 55 -3.11 18.54 2.89
C ASP D 55 -4.26 18.56 1.89
N ASP D 56 -4.29 17.57 1.01
CA ASP D 56 -5.29 17.46 -0.03
C ASP D 56 -5.50 18.82 -0.63
N ASP D 57 -4.39 19.51 -0.80
CA ASP D 57 -4.42 20.85 -1.37
C ASP D 57 -4.32 20.71 -2.88
N ALA D 58 -5.38 21.06 -3.58
CA ALA D 58 -5.38 20.97 -5.02
C ALA D 58 -5.68 22.29 -5.68
N ARG D 59 -4.72 22.77 -6.47
CA ARG D 59 -4.91 24.02 -7.16
C ARG D 59 -5.11 23.75 -8.67
N TYR D 60 -6.17 24.29 -9.23
CA TYR D 60 -6.47 24.13 -10.65
C TYR D 60 -6.25 25.44 -11.39
N THR D 61 -6.36 25.40 -12.71
CA THR D 61 -6.21 26.62 -13.51
C THR D 61 -7.56 26.83 -14.18
N GLN D 62 -7.90 28.09 -14.44
CA GLN D 62 -9.16 28.44 -15.08
C GLN D 62 -9.72 27.31 -15.92
N LYS D 63 -9.03 27.06 -17.04
CA LYS D 63 -9.38 26.04 -18.03
C LYS D 63 -9.82 24.69 -17.45
N PHE D 64 -8.89 24.00 -16.81
CA PHE D 64 -9.18 22.68 -16.23
C PHE D 64 -10.01 22.69 -14.98
N LYS D 65 -10.06 23.83 -14.30
CA LYS D 65 -10.83 23.93 -13.07
C LYS D 65 -12.18 23.25 -13.26
N GLY D 66 -12.59 23.13 -14.51
CA GLY D 66 -13.86 22.47 -14.79
C GLY D 66 -13.76 20.95 -14.65
N LYS D 67 -13.18 20.31 -15.66
CA LYS D 67 -13.06 18.86 -15.70
C LYS D 67 -11.99 18.21 -14.82
N ALA D 68 -10.72 18.53 -15.07
CA ALA D 68 -9.63 17.95 -14.32
C ALA D 68 -9.81 17.97 -12.80
N THR D 69 -9.60 16.81 -12.15
CA THR D 69 -9.71 16.72 -10.69
C THR D 69 -8.67 15.78 -10.05
N LEU D 70 -7.86 16.32 -9.14
CA LEU D 70 -6.83 15.55 -8.46
C LEU D 70 -7.37 14.92 -7.21
N THR D 71 -6.82 13.77 -6.88
CA THR D 71 -7.22 13.02 -5.70
C THR D 71 -5.95 12.34 -5.26
N ALA D 72 -5.71 12.26 -3.96
CA ALA D 72 -4.49 11.62 -3.51
C ALA D 72 -4.80 10.52 -2.52
N ASP D 73 -4.06 9.40 -2.62
CA ASP D 73 -4.26 8.29 -1.70
C ASP D 73 -3.02 8.24 -0.84
N ARG D 74 -3.08 8.95 0.30
CA ARG D 74 -1.96 9.00 1.23
C ARG D 74 -1.42 7.62 1.46
N SER D 75 -2.33 6.70 1.73
CA SER D 75 -1.98 5.31 2.01
C SER D 75 -1.09 4.63 0.98
N SER D 76 -1.31 4.92 -0.30
CA SER D 76 -0.55 4.28 -1.37
C SER D 76 0.41 5.18 -2.17
N SER D 77 0.56 6.43 -1.75
CA SER D 77 1.44 7.37 -2.45
C SER D 77 0.99 7.61 -3.90
N ILE D 78 -0.29 7.35 -4.18
CA ILE D 78 -0.83 7.53 -5.52
C ILE D 78 -1.70 8.78 -5.65
N VAL D 79 -1.56 9.48 -6.76
CA VAL D 79 -2.37 10.67 -7.03
C VAL D 79 -3.10 10.39 -8.34
N TYR D 80 -4.40 10.60 -8.35
CA TYR D 80 -5.18 10.35 -9.55
C TYR D 80 -5.65 11.64 -10.20
N LEU D 81 -5.57 11.66 -11.51
CA LEU D 81 -6.02 12.78 -12.32
C LEU D 81 -7.24 12.22 -13.02
N GLN D 82 -8.33 12.95 -12.99
CA GLN D 82 -9.52 12.48 -13.64
C GLN D 82 -10.06 13.56 -14.56
N LEU D 83 -10.13 13.24 -15.85
CA LEU D 83 -10.63 14.19 -16.83
C LEU D 83 -12.02 13.76 -17.27
N ASN D 84 -12.99 14.66 -17.16
CA ASN D 84 -14.36 14.34 -17.52
C ASN D 84 -14.70 14.93 -18.88
N SER D 85 -15.87 14.58 -19.39
CA SER D 85 -16.31 15.04 -20.70
C SER D 85 -15.10 15.06 -21.62
N LEU D 86 -14.71 13.87 -22.09
CA LEU D 86 -13.56 13.78 -22.99
C LEU D 86 -13.92 14.19 -24.40
N THR D 87 -12.97 14.82 -25.07
CA THR D 87 -13.16 15.27 -26.44
C THR D 87 -11.90 14.98 -27.24
N SER D 88 -12.00 15.07 -28.57
CA SER D 88 -10.85 14.82 -29.42
C SER D 88 -9.67 15.70 -29.04
N GLU D 89 -9.95 16.78 -28.30
CA GLU D 89 -8.90 17.71 -27.85
C GLU D 89 -8.17 17.16 -26.64
N ASP D 90 -8.84 16.31 -25.88
CA ASP D 90 -8.26 15.72 -24.69
C ASP D 90 -7.29 14.59 -25.00
N SER D 91 -7.22 14.20 -26.27
CA SER D 91 -6.30 13.15 -26.66
C SER D 91 -4.91 13.76 -26.69
N ALA D 92 -4.07 13.34 -25.74
CA ALA D 92 -2.71 13.84 -25.63
C ALA D 92 -1.92 12.93 -24.68
N VAL D 93 -0.71 13.34 -24.29
CA VAL D 93 0.07 12.55 -23.35
C VAL D 93 0.21 13.26 -22.02
N TYR D 94 -0.48 12.72 -21.02
CA TYR D 94 -0.48 13.28 -19.69
C TYR D 94 0.71 12.84 -18.90
N SER D 95 1.71 13.72 -18.87
CA SER D 95 2.93 13.47 -18.15
C SER D 95 2.68 13.93 -16.71
N CYS D 96 3.53 13.49 -15.79
CA CYS D 96 3.37 13.80 -14.38
C CYS D 96 4.72 14.08 -13.69
N SER D 97 4.76 15.13 -12.87
CA SER D 97 6.01 15.51 -12.16
C SER D 97 5.83 16.00 -10.72
N ARG D 98 6.96 16.33 -10.08
CA ARG D 98 6.97 16.80 -8.69
C ARG D 98 7.62 18.18 -8.50
N GLY D 99 7.59 18.66 -7.26
CA GLY D 99 8.16 19.95 -6.91
C GLY D 99 8.12 20.16 -5.40
N ARG D 100 9.03 20.97 -4.86
CA ARG D 100 9.08 21.26 -3.43
C ARG D 100 8.78 22.72 -3.18
N SER D 101 9.16 23.55 -4.14
CA SER D 101 8.96 24.99 -4.04
C SER D 101 9.13 25.57 -5.43
N LEU D 102 8.73 26.83 -5.62
CA LEU D 102 8.86 27.43 -6.92
C LEU D 102 10.33 27.58 -7.30
N TYR D 103 11.22 27.20 -6.39
CA TYR D 103 12.66 27.28 -6.62
C TYR D 103 13.22 25.92 -7.03
N TYR D 104 12.67 24.85 -6.44
CA TYR D 104 13.11 23.49 -6.71
C TYR D 104 11.95 22.60 -7.15
N THR D 105 11.51 22.80 -8.39
CA THR D 105 10.39 22.03 -8.92
C THR D 105 10.62 21.47 -10.32
N MET D 106 9.74 20.54 -10.70
CA MET D 106 9.77 19.88 -12.01
C MET D 106 11.09 19.22 -12.36
N ASP D 107 11.72 18.57 -11.38
CA ASP D 107 12.97 17.91 -11.64
C ASP D 107 12.73 16.48 -12.12
N TYR D 108 11.98 15.71 -11.36
CA TYR D 108 11.66 14.33 -11.72
C TYR D 108 10.23 14.14 -12.22
N TRP D 109 10.11 13.47 -13.36
CA TRP D 109 8.80 13.22 -13.93
C TRP D 109 8.49 11.73 -14.07
N GLY D 110 7.54 11.46 -14.94
CA GLY D 110 7.14 10.09 -15.21
C GLY D 110 7.26 9.87 -16.69
N GLN D 111 7.11 8.62 -17.12
CA GLN D 111 7.20 8.27 -18.53
C GLN D 111 6.00 8.84 -19.26
N GLY D 112 4.91 9.03 -18.52
CA GLY D 112 3.69 9.55 -19.11
C GLY D 112 2.70 8.46 -19.44
N THR D 113 1.50 8.86 -19.88
CA THR D 113 0.50 7.87 -20.27
C THR D 113 -0.25 8.44 -21.48
N SER D 114 -0.60 7.59 -22.44
CA SER D 114 -1.30 8.05 -23.63
C SER D 114 -2.81 7.93 -23.51
N VAL D 115 -3.52 8.99 -23.86
CA VAL D 115 -4.98 8.98 -23.79
C VAL D 115 -5.52 9.27 -25.18
N THR D 116 -6.24 8.29 -25.72
CA THR D 116 -6.83 8.44 -27.04
C THR D 116 -8.34 8.47 -26.87
N VAL D 117 -8.97 9.52 -27.38
CA VAL D 117 -10.41 9.62 -27.29
C VAL D 117 -10.91 9.33 -28.69
N THR D 122 -12.35 -1.12 -30.82
CA THR D 122 -11.13 -1.90 -30.60
C THR D 122 -11.08 -3.09 -31.55
N THR D 123 -9.92 -3.31 -32.15
CA THR D 123 -9.76 -4.44 -33.05
C THR D 123 -8.45 -5.15 -32.75
N PRO D 124 -8.51 -6.47 -32.48
CA PRO D 124 -7.33 -7.28 -32.16
C PRO D 124 -6.43 -7.47 -33.37
N PRO D 125 -5.16 -7.80 -33.13
CA PRO D 125 -4.19 -8.00 -34.20
C PRO D 125 -4.16 -9.35 -34.84
N SER D 126 -3.53 -9.41 -36.00
CA SER D 126 -3.33 -10.65 -36.73
C SER D 126 -1.84 -10.85 -36.56
N VAL D 127 -1.41 -11.99 -36.04
CA VAL D 127 0.00 -12.21 -35.89
C VAL D 127 0.50 -13.20 -36.96
N TYR D 128 1.55 -12.81 -37.67
CA TYR D 128 2.12 -13.65 -38.71
C TYR D 128 3.57 -13.97 -38.43
N PRO D 129 3.95 -15.26 -38.43
CA PRO D 129 5.36 -15.59 -38.17
C PRO D 129 6.22 -15.26 -39.39
N LEU D 130 7.41 -14.77 -39.12
CA LEU D 130 8.34 -14.41 -40.19
C LEU D 130 9.60 -15.25 -40.12
N ALA D 131 9.67 -16.25 -41.00
CA ALA D 131 10.83 -17.12 -41.05
C ALA D 131 11.92 -16.41 -41.85
N PRO D 132 13.18 -16.66 -41.52
CA PRO D 132 14.31 -16.04 -42.21
C PRO D 132 14.58 -16.55 -43.62
N GLY D 133 15.05 -15.64 -44.46
CA GLY D 133 15.39 -15.95 -45.83
C GLY D 133 16.89 -15.75 -45.97
N SER D 134 17.34 -15.36 -47.16
CA SER D 134 18.77 -15.15 -47.38
C SER D 134 19.19 -13.81 -46.78
N ALA D 135 18.21 -12.95 -46.50
CA ALA D 135 18.49 -11.64 -45.92
C ALA D 135 18.13 -11.54 -44.45
N ALA D 136 18.12 -12.68 -43.77
CA ALA D 136 17.82 -12.74 -42.34
C ALA D 136 18.72 -13.79 -41.68
N GLN D 137 18.88 -14.94 -42.33
CA GLN D 137 19.77 -15.98 -41.82
C GLN D 137 21.10 -15.43 -42.30
N THR D 138 22.01 -15.15 -41.38
CA THR D 138 23.28 -14.59 -41.79
C THR D 138 24.51 -15.18 -41.14
N ASN D 139 24.81 -16.43 -41.49
CA ASN D 139 25.99 -17.18 -41.06
C ASN D 139 26.07 -17.76 -39.64
N SER D 140 26.19 -16.89 -38.65
CA SER D 140 26.28 -17.31 -37.26
C SER D 140 25.01 -16.94 -36.51
N MET D 141 24.41 -15.83 -36.93
CA MET D 141 23.20 -15.33 -36.33
C MET D 141 22.05 -15.44 -37.33
N VAL D 142 20.92 -16.00 -36.90
CA VAL D 142 19.76 -16.06 -37.77
C VAL D 142 18.71 -15.23 -37.04
N THR D 143 17.88 -14.48 -37.76
CA THR D 143 16.90 -13.72 -37.03
C THR D 143 15.47 -13.98 -37.46
N LEU D 144 14.65 -14.41 -36.51
CA LEU D 144 13.23 -14.69 -36.76
C LEU D 144 12.48 -13.40 -36.49
N GLY D 145 11.23 -13.33 -36.94
CA GLY D 145 10.44 -12.13 -36.73
C GLY D 145 8.96 -12.42 -36.61
N CYS D 146 8.20 -11.41 -36.21
CA CYS D 146 6.75 -11.54 -36.06
C CYS D 146 6.08 -10.26 -36.52
N LEU D 147 5.11 -10.42 -37.41
CA LEU D 147 4.36 -9.30 -37.95
C LEU D 147 3.07 -9.21 -37.17
N VAL D 148 2.90 -8.12 -36.42
CA VAL D 148 1.68 -7.91 -35.64
C VAL D 148 0.88 -6.84 -36.38
N LYS D 149 -0.02 -7.29 -37.26
CA LYS D 149 -0.78 -6.41 -38.16
C LYS D 149 -2.21 -5.98 -37.84
N GLY D 150 -2.51 -4.73 -38.21
CA GLY D 150 -3.84 -4.15 -38.04
C GLY D 150 -4.56 -4.26 -36.72
N TYR D 151 -3.94 -3.81 -35.64
CA TYR D 151 -4.57 -3.86 -34.33
C TYR D 151 -4.86 -2.44 -33.84
N PHE D 152 -5.74 -2.32 -32.85
CA PHE D 152 -6.07 -1.02 -32.31
C PHE D 152 -6.76 -1.13 -30.96
N PRO D 153 -6.38 -0.29 -30.01
CA PRO D 153 -5.36 0.76 -30.07
C PRO D 153 -4.04 0.26 -29.54
N GLU D 154 -3.08 1.17 -29.36
CA GLU D 154 -1.79 0.80 -28.81
C GLU D 154 -2.02 0.53 -27.33
N PRO D 155 -1.19 -0.29 -26.73
CA PRO D 155 -0.06 -0.96 -27.36
C PRO D 155 -0.27 -2.44 -27.42
N VAL D 156 0.70 -3.13 -28.00
CA VAL D 156 0.73 -4.59 -28.06
C VAL D 156 1.98 -4.91 -27.30
N THR D 157 2.03 -6.08 -26.68
CA THR D 157 3.22 -6.49 -25.94
C THR D 157 3.75 -7.72 -26.61
N VAL D 158 4.91 -7.59 -27.24
CA VAL D 158 5.52 -8.72 -27.93
C VAL D 158 6.65 -9.33 -27.11
N SER D 159 6.60 -10.63 -26.94
CA SER D 159 7.61 -11.34 -26.19
C SER D 159 8.07 -12.57 -26.97
N TRP D 160 9.25 -13.06 -26.64
CA TRP D 160 9.75 -14.24 -27.33
C TRP D 160 10.01 -15.31 -26.30
N ASN D 161 9.48 -16.51 -26.57
CA ASN D 161 9.62 -17.64 -25.69
C ASN D 161 9.23 -17.26 -24.27
N THR D 162 8.07 -16.61 -24.18
CA THR D 162 7.52 -16.21 -22.90
C THR D 162 8.51 -15.40 -22.08
N GLY D 163 9.38 -14.65 -22.75
CA GLY D 163 10.35 -13.84 -22.06
C GLY D 163 11.68 -14.52 -21.84
N SER D 164 11.79 -15.81 -22.14
CA SER D 164 13.07 -16.50 -21.96
C SER D 164 14.10 -15.89 -22.88
N LEU D 165 13.66 -15.54 -24.08
CA LEU D 165 14.52 -14.93 -25.05
C LEU D 165 14.44 -13.46 -24.76
N SER D 166 15.41 -12.96 -24.02
CA SER D 166 15.42 -11.55 -23.65
C SER D 166 16.43 -10.73 -24.41
N SER D 167 17.57 -11.30 -24.79
CA SER D 167 18.57 -10.53 -25.53
C SER D 167 18.40 -10.69 -27.02
N GLY D 168 18.82 -9.68 -27.77
CA GLY D 168 18.70 -9.77 -29.21
C GLY D 168 17.30 -9.45 -29.69
N VAL D 169 16.40 -9.19 -28.75
CA VAL D 169 15.03 -8.88 -29.11
C VAL D 169 14.93 -7.41 -29.53
N HIS D 170 14.22 -7.17 -30.62
CA HIS D 170 14.05 -5.82 -31.11
C HIS D 170 12.62 -5.65 -31.55
N THR D 171 11.87 -4.84 -30.83
CA THR D 171 10.51 -4.60 -31.23
C THR D 171 10.56 -3.21 -31.84
N PHE D 172 10.16 -3.08 -33.10
CA PHE D 172 10.21 -1.79 -33.77
C PHE D 172 8.97 -0.94 -33.54
N PRO D 173 9.08 0.36 -33.79
CA PRO D 173 7.96 1.28 -33.61
C PRO D 173 6.81 0.93 -34.56
N ALA D 174 5.58 1.01 -34.07
CA ALA D 174 4.43 0.69 -34.90
C ALA D 174 4.19 1.76 -35.94
N VAL D 175 3.40 1.42 -36.96
CA VAL D 175 3.07 2.38 -37.99
C VAL D 175 1.56 2.39 -38.09
N LEU D 176 1.02 3.55 -38.37
CA LEU D 176 -0.41 3.74 -38.46
C LEU D 176 -0.84 3.91 -39.91
N GLN D 177 -1.82 3.11 -40.32
CA GLN D 177 -2.33 3.19 -41.68
C GLN D 177 -3.82 2.88 -41.65
N SER D 178 -4.63 3.93 -41.63
CA SER D 178 -6.09 3.81 -41.58
C SER D 178 -6.56 3.35 -40.21
N ASP D 179 -6.32 4.18 -39.21
CA ASP D 179 -6.73 3.88 -37.84
C ASP D 179 -6.37 2.47 -37.37
N LEU D 180 -5.40 1.84 -38.02
CA LEU D 180 -4.96 0.51 -37.60
C LEU D 180 -3.44 0.48 -37.49
N TYR D 181 -2.96 -0.02 -36.37
CA TYR D 181 -1.52 -0.13 -36.15
C TYR D 181 -0.98 -1.46 -36.62
N THR D 182 0.27 -1.44 -37.04
CA THR D 182 0.95 -2.65 -37.45
C THR D 182 2.41 -2.42 -37.06
N LEU D 183 2.94 -3.43 -36.39
CA LEU D 183 4.31 -3.39 -35.90
C LEU D 183 5.03 -4.71 -36.19
N SER D 184 6.33 -4.73 -35.93
CA SER D 184 7.11 -5.93 -36.15
C SER D 184 8.14 -6.12 -35.04
N SER D 185 8.37 -7.36 -34.64
CA SER D 185 9.32 -7.61 -33.59
C SER D 185 10.23 -8.70 -34.10
N SER D 186 11.52 -8.58 -33.81
CA SER D 186 12.48 -9.56 -34.25
C SER D 186 13.33 -10.02 -33.08
N VAL D 187 13.92 -11.20 -33.23
CA VAL D 187 14.81 -11.71 -32.21
C VAL D 187 15.92 -12.42 -32.94
N THR D 188 17.15 -12.22 -32.48
CA THR D 188 18.28 -12.85 -33.11
C THR D 188 18.86 -13.93 -32.22
N VAL D 189 19.15 -15.08 -32.82
CA VAL D 189 19.70 -16.21 -32.10
C VAL D 189 20.81 -16.85 -32.91
N PRO D 190 21.65 -17.67 -32.27
CA PRO D 190 22.74 -18.34 -32.99
C PRO D 190 22.15 -19.31 -34.02
N SER D 191 22.71 -19.32 -35.22
CA SER D 191 22.24 -20.20 -36.30
C SER D 191 22.07 -21.68 -35.92
N SER D 192 22.69 -22.07 -34.82
CA SER D 192 22.55 -23.45 -34.36
C SER D 192 21.25 -23.61 -33.57
N THR D 193 20.88 -22.56 -32.83
CA THR D 193 19.69 -22.52 -31.99
C THR D 193 18.35 -22.88 -32.64
N TRP D 194 18.17 -22.46 -33.89
CA TRP D 194 16.91 -22.68 -34.60
C TRP D 194 17.26 -23.19 -36.00
N PRO D 195 16.40 -24.04 -36.60
CA PRO D 195 15.12 -24.59 -36.16
C PRO D 195 15.27 -25.59 -35.04
N SER D 196 16.50 -25.96 -34.76
CA SER D 196 16.80 -26.90 -33.71
C SER D 196 15.83 -26.67 -32.55
N GLU D 197 16.03 -25.59 -31.79
CA GLU D 197 15.19 -25.23 -30.65
C GLU D 197 13.94 -24.45 -31.10
N THR D 198 12.85 -24.52 -30.33
CA THR D 198 11.63 -23.82 -30.66
C THR D 198 11.65 -22.32 -30.36
N VAL D 199 11.11 -21.53 -31.28
CA VAL D 199 11.04 -20.09 -31.10
C VAL D 199 9.61 -19.65 -31.33
N THR D 200 9.02 -19.03 -30.33
CA THR D 200 7.65 -18.57 -30.43
C THR D 200 7.58 -17.13 -30.00
N CYS D 201 6.81 -16.32 -30.73
CA CYS D 201 6.66 -14.96 -30.31
C CYS D 201 5.28 -14.86 -29.64
N ASN D 202 5.23 -14.26 -28.45
CA ASN D 202 3.97 -14.10 -27.73
C ASN D 202 3.46 -12.65 -27.81
N VAL D 203 2.38 -12.45 -28.55
CA VAL D 203 1.83 -11.12 -28.71
C VAL D 203 0.59 -10.98 -27.86
N ALA D 204 0.45 -9.85 -27.19
CA ALA D 204 -0.69 -9.61 -26.34
C ALA D 204 -1.25 -8.23 -26.60
N HIS D 205 -2.56 -8.16 -26.73
CA HIS D 205 -3.25 -6.90 -27.00
C HIS D 205 -4.24 -6.67 -25.88
N PRO D 206 -3.78 -6.08 -24.77
CA PRO D 206 -4.64 -5.80 -23.61
C PRO D 206 -6.01 -5.24 -23.97
N ALA D 207 -6.02 -4.19 -24.78
CA ALA D 207 -7.26 -3.57 -25.17
C ALA D 207 -8.35 -4.51 -25.64
N SER D 208 -8.00 -5.62 -26.26
CA SER D 208 -9.03 -6.53 -26.73
C SER D 208 -9.02 -7.90 -26.08
N SER D 209 -8.34 -8.02 -24.95
CA SER D 209 -8.27 -9.27 -24.22
C SER D 209 -7.83 -10.43 -25.14
N THR D 210 -6.93 -10.11 -26.07
CA THR D 210 -6.38 -11.07 -27.01
C THR D 210 -4.90 -11.35 -26.78
N LYS D 211 -4.55 -12.62 -26.87
CA LYS D 211 -3.18 -13.06 -26.68
C LYS D 211 -2.92 -14.14 -27.71
N VAL D 212 -1.83 -14.01 -28.45
CA VAL D 212 -1.50 -14.99 -29.48
C VAL D 212 -0.06 -15.43 -29.39
N ASP D 213 0.15 -16.74 -29.36
CA ASP D 213 1.48 -17.31 -29.35
C ASP D 213 1.58 -17.95 -30.73
N LYS D 214 2.55 -17.53 -31.52
CA LYS D 214 2.73 -18.04 -32.87
C LYS D 214 4.09 -18.68 -32.98
N LYS D 215 4.14 -19.99 -33.16
CA LYS D 215 5.43 -20.64 -33.31
C LYS D 215 5.99 -20.24 -34.66
N ILE D 216 7.25 -19.87 -34.69
CA ILE D 216 7.84 -19.49 -35.96
C ILE D 216 8.57 -20.70 -36.51
N VAL D 217 8.01 -21.28 -37.57
CA VAL D 217 8.59 -22.47 -38.21
C VAL D 217 9.21 -22.14 -39.57
N PRO D 218 10.23 -22.93 -39.99
CA PRO D 218 10.94 -22.75 -41.26
C PRO D 218 10.08 -22.87 -42.49
N GLN E 1 -15.08 -4.44 -2.68
CA GLN E 1 -15.15 -5.78 -2.02
C GLN E 1 -16.42 -5.90 -1.17
N ALA E 2 -17.17 -6.97 -1.41
CA ALA E 2 -18.42 -7.21 -0.69
C ALA E 2 -18.22 -7.19 0.82
N VAL E 3 -18.35 -6.01 1.42
CA VAL E 3 -18.20 -5.87 2.86
C VAL E 3 -19.36 -6.57 3.55
N VAL E 4 -19.09 -7.75 4.10
CA VAL E 4 -20.12 -8.53 4.78
C VAL E 4 -20.74 -7.71 5.89
N THR E 5 -22.03 -7.95 6.15
CA THR E 5 -22.74 -7.24 7.21
C THR E 5 -23.52 -8.24 8.05
N GLN E 6 -24.05 -7.78 9.18
CA GLN E 6 -24.80 -8.63 10.08
C GLN E 6 -25.86 -7.87 10.86
N GLU E 7 -26.03 -8.31 12.10
CA GLU E 7 -26.98 -7.71 13.04
C GLU E 7 -26.16 -7.12 14.18
N SER E 8 -25.98 -5.80 14.14
CA SER E 8 -25.20 -5.09 15.14
C SER E 8 -25.54 -5.41 16.60
N ALA E 9 -26.67 -6.07 16.82
CA ALA E 9 -27.06 -6.39 18.20
C ALA E 9 -28.24 -7.35 18.33
N LEU E 10 -28.08 -8.34 19.19
CA LEU E 10 -29.12 -9.33 19.43
C LEU E 10 -29.36 -9.57 20.91
N THR E 11 -30.48 -10.23 21.22
CA THR E 11 -30.87 -10.54 22.58
C THR E 11 -31.82 -11.74 22.66
N THR E 12 -31.40 -12.76 23.40
CA THR E 12 -32.19 -13.98 23.57
C THR E 12 -32.30 -14.38 25.04
N SER E 13 -33.01 -15.47 25.29
CA SER E 13 -33.19 -15.98 26.64
C SER E 13 -32.66 -17.41 26.67
N PRO E 14 -32.10 -17.84 27.81
CA PRO E 14 -31.57 -19.21 27.91
C PRO E 14 -32.61 -20.23 27.45
N GLY E 15 -32.16 -21.46 27.21
CA GLY E 15 -33.07 -22.51 26.78
C GLY E 15 -33.56 -22.41 25.35
N GLU E 16 -33.64 -21.19 24.85
CA GLU E 16 -34.10 -20.93 23.48
C GLU E 16 -33.19 -21.56 22.42
N THR E 17 -33.33 -21.05 21.20
CA THR E 17 -32.54 -21.47 20.05
C THR E 17 -32.44 -20.19 19.20
N VAL E 18 -31.27 -19.92 18.64
CA VAL E 18 -31.13 -18.71 17.86
C VAL E 18 -30.29 -18.92 16.60
N THR E 19 -30.41 -17.96 15.68
CA THR E 19 -29.68 -18.01 14.42
C THR E 19 -29.47 -16.62 13.79
N LEU E 20 -28.20 -16.25 13.63
CA LEU E 20 -27.80 -14.96 13.07
C LEU E 20 -27.49 -15.17 11.58
N THR E 21 -27.00 -14.13 10.93
CA THR E 21 -26.69 -14.23 9.50
C THR E 21 -25.37 -13.57 9.10
N CYS E 22 -24.92 -13.91 7.90
CA CYS E 22 -23.69 -13.39 7.33
C CYS E 22 -24.02 -13.17 5.86
N ARG E 23 -23.95 -11.93 5.40
CA ARG E 23 -24.25 -11.65 4.01
C ARG E 23 -23.18 -10.87 3.25
N SER E 24 -22.87 -11.36 2.05
CA SER E 24 -21.89 -10.74 1.19
C SER E 24 -22.56 -9.74 0.25
N SER E 25 -22.07 -8.51 0.25
CA SER E 25 -22.64 -7.49 -0.61
C SER E 25 -22.46 -7.88 -2.09
N SER E 26 -21.62 -8.88 -2.33
CA SER E 26 -21.35 -9.36 -3.68
C SER E 26 -22.56 -10.09 -4.26
N GLY E 27 -23.19 -10.91 -3.43
CA GLY E 27 -24.35 -11.66 -3.84
C GLY E 27 -24.53 -12.91 -2.99
N ALA E 28 -25.26 -13.89 -3.49
CA ALA E 28 -25.47 -15.12 -2.74
C ALA E 28 -24.13 -15.68 -2.28
N ILE E 29 -24.17 -16.55 -1.28
CA ILE E 29 -22.96 -17.16 -0.74
C ILE E 29 -23.06 -18.68 -0.89
N THR E 30 -22.09 -19.28 -1.59
CA THR E 30 -22.09 -20.73 -1.79
C THR E 30 -20.93 -21.37 -1.05
N THR E 31 -20.77 -22.68 -1.24
CA THR E 31 -19.70 -23.42 -0.60
C THR E 31 -18.36 -23.04 -1.24
N SER E 32 -18.25 -21.79 -1.67
CA SER E 32 -17.02 -21.29 -2.29
C SER E 32 -16.50 -20.15 -1.42
N HIS E 33 -17.34 -19.74 -0.48
CA HIS E 33 -17.01 -18.68 0.46
C HIS E 33 -16.57 -19.35 1.76
N TYR E 34 -16.82 -20.65 1.86
CA TYR E 34 -16.46 -21.46 3.03
C TYR E 34 -16.64 -20.66 4.32
N ALA E 35 -17.65 -19.80 4.34
CA ALA E 35 -17.94 -18.96 5.49
C ALA E 35 -17.46 -19.60 6.78
N ASN E 36 -16.87 -18.79 7.65
CA ASN E 36 -16.34 -19.25 8.93
C ASN E 36 -16.95 -18.40 10.04
N TRP E 37 -17.29 -19.04 11.16
CA TRP E 37 -17.85 -18.34 12.32
C TRP E 37 -16.90 -18.41 13.52
N ILE E 38 -16.60 -17.25 14.10
CA ILE E 38 -15.69 -17.18 15.24
C ILE E 38 -16.36 -16.48 16.41
N GLN E 39 -16.07 -16.95 17.62
CA GLN E 39 -16.63 -16.35 18.83
C GLN E 39 -15.56 -15.54 19.54
N GLU E 40 -15.89 -14.30 19.89
CA GLU E 40 -14.94 -13.42 20.59
C GLU E 40 -15.39 -13.05 21.99
N LYS E 41 -14.75 -13.65 22.99
CA LYS E 41 -15.04 -13.36 24.37
C LYS E 41 -14.22 -12.12 24.71
N PRO E 42 -14.80 -11.20 25.50
CA PRO E 42 -14.11 -9.96 25.89
C PRO E 42 -12.60 -10.10 26.10
N ASP E 43 -11.86 -9.08 25.66
CA ASP E 43 -10.40 -9.05 25.77
C ASP E 43 -9.68 -9.72 24.62
N HIS E 44 -10.40 -9.95 23.52
CA HIS E 44 -9.81 -10.55 22.33
C HIS E 44 -9.42 -12.02 22.48
N LEU E 45 -10.41 -12.86 22.75
CA LEU E 45 -10.19 -14.29 22.90
C LEU E 45 -11.14 -15.02 21.93
N PHE E 46 -10.70 -15.15 20.68
CA PHE E 46 -11.51 -15.79 19.64
C PHE E 46 -11.43 -17.33 19.67
N THR E 47 -12.51 -17.97 19.21
CA THR E 47 -12.57 -19.43 19.15
C THR E 47 -13.30 -19.89 17.90
N GLY E 48 -12.65 -20.77 17.14
CA GLY E 48 -13.24 -21.29 15.93
C GLY E 48 -14.55 -21.95 16.22
N LEU E 49 -15.55 -21.68 15.37
CA LEU E 49 -16.88 -22.26 15.56
C LEU E 49 -17.35 -23.07 14.36
N ILE E 50 -17.73 -22.39 13.29
CA ILE E 50 -18.20 -23.05 12.08
C ILE E 50 -17.36 -22.65 10.86
N SER E 51 -16.95 -23.65 10.08
CA SER E 51 -16.13 -23.40 8.90
C SER E 51 -16.65 -24.16 7.67
N GLY E 52 -16.05 -23.89 6.52
CA GLY E 52 -16.49 -24.56 5.31
C GLY E 52 -17.99 -24.43 5.11
N THR E 53 -18.57 -23.42 5.73
CA THR E 53 -20.01 -23.14 5.65
C THR E 53 -20.90 -23.99 6.57
N ASN E 54 -20.41 -25.14 7.01
CA ASN E 54 -21.24 -25.98 7.88
C ASN E 54 -20.45 -26.88 8.83
N ASN E 55 -19.13 -26.88 8.72
CA ASN E 55 -18.30 -27.69 9.60
C ASN E 55 -18.36 -27.15 11.03
N ARG E 56 -18.42 -28.06 12.00
CA ARG E 56 -18.46 -27.66 13.41
C ARG E 56 -17.10 -27.97 14.00
N ALA E 57 -16.42 -26.94 14.50
CA ALA E 57 -15.10 -27.09 15.08
C ALA E 57 -15.04 -28.20 16.14
N PRO E 58 -13.87 -28.84 16.29
CA PRO E 58 -13.67 -29.92 17.26
C PRO E 58 -13.82 -29.45 18.70
N GLY E 59 -14.97 -29.75 19.29
CA GLY E 59 -15.19 -29.34 20.66
C GLY E 59 -16.17 -28.18 20.77
N VAL E 60 -16.91 -27.91 19.69
CA VAL E 60 -17.87 -26.82 19.71
C VAL E 60 -19.23 -27.39 20.08
N PRO E 61 -19.84 -26.88 21.17
CA PRO E 61 -21.15 -27.33 21.65
C PRO E 61 -22.10 -27.70 20.52
N ALA E 62 -22.49 -28.96 20.51
CA ALA E 62 -23.38 -29.48 19.49
C ALA E 62 -24.48 -28.50 19.09
N ARG E 63 -25.01 -27.77 20.06
CA ARG E 63 -26.07 -26.80 19.78
C ARG E 63 -25.67 -25.85 18.67
N PHE E 64 -24.36 -25.76 18.43
CA PHE E 64 -23.82 -24.88 17.41
C PHE E 64 -23.91 -25.48 16.01
N SER E 65 -24.91 -25.03 15.27
CA SER E 65 -25.15 -25.48 13.90
C SER E 65 -24.93 -24.27 12.97
N GLY E 66 -25.02 -24.49 11.66
CA GLY E 66 -24.83 -23.37 10.74
C GLY E 66 -24.65 -23.77 9.29
N SER E 67 -25.27 -23.02 8.39
CA SER E 67 -25.18 -23.29 6.96
C SER E 67 -25.83 -22.19 6.14
N LEU E 68 -25.57 -22.20 4.84
CA LEU E 68 -26.14 -21.22 3.94
C LEU E 68 -27.65 -21.42 3.90
N ILE E 69 -28.40 -20.34 3.99
CA ILE E 69 -29.86 -20.40 3.93
C ILE E 69 -30.35 -19.15 3.24
N GLY E 70 -30.73 -19.31 1.97
CA GLY E 70 -31.19 -18.17 1.19
C GLY E 70 -29.96 -17.62 0.49
N ASP E 71 -29.97 -16.34 0.13
CA ASP E 71 -28.81 -15.76 -0.53
C ASP E 71 -27.75 -15.35 0.49
N LYS E 72 -27.84 -15.94 1.68
CA LYS E 72 -26.89 -15.67 2.76
C LYS E 72 -26.66 -16.91 3.66
N ALA E 73 -25.60 -16.85 4.45
CA ALA E 73 -25.27 -17.94 5.35
C ALA E 73 -25.64 -17.53 6.77
N ALA E 74 -25.84 -18.53 7.63
CA ALA E 74 -26.23 -18.24 9.00
C ALA E 74 -25.66 -19.24 10.01
N LEU E 75 -25.62 -18.80 11.26
CA LEU E 75 -25.10 -19.61 12.37
C LEU E 75 -26.26 -20.01 13.28
N THR E 76 -26.23 -21.25 13.78
CA THR E 76 -27.30 -21.74 14.65
C THR E 76 -26.86 -22.16 16.05
N ILE E 77 -27.72 -21.85 17.02
CA ILE E 77 -27.47 -22.18 18.41
C ILE E 77 -28.71 -22.89 18.95
N THR E 78 -28.62 -24.20 19.07
CA THR E 78 -29.72 -25.03 19.56
C THR E 78 -29.59 -25.27 21.06
N GLY E 79 -29.92 -24.25 21.84
CA GLY E 79 -29.83 -24.35 23.29
C GLY E 79 -29.17 -23.12 23.89
N ALA E 80 -29.62 -21.94 23.48
CA ALA E 80 -29.06 -20.69 23.97
C ALA E 80 -28.70 -20.76 25.43
N GLN E 81 -27.42 -20.95 25.71
CA GLN E 81 -26.91 -21.01 27.07
C GLN E 81 -26.64 -19.58 27.54
N THR E 82 -26.58 -19.39 28.85
CA THR E 82 -26.30 -18.09 29.39
C THR E 82 -24.85 -17.78 29.03
N GLU E 83 -24.08 -18.84 28.81
CA GLU E 83 -22.66 -18.72 28.48
C GLU E 83 -22.33 -18.40 27.03
N ASP E 84 -23.32 -18.48 26.14
CA ASP E 84 -23.07 -18.19 24.73
C ASP E 84 -23.14 -16.68 24.47
N GLU E 85 -23.32 -15.92 25.55
CA GLU E 85 -23.43 -14.47 25.49
C GLU E 85 -22.08 -13.89 25.06
N ALA E 86 -21.97 -13.46 23.80
CA ALA E 86 -20.72 -12.89 23.31
C ALA E 86 -20.87 -12.31 21.91
N ILE E 87 -19.76 -11.83 21.33
CA ILE E 87 -19.79 -11.27 19.98
C ILE E 87 -19.42 -12.32 18.93
N TYR E 88 -20.14 -12.29 17.81
CA TYR E 88 -19.93 -13.23 16.72
C TYR E 88 -19.54 -12.58 15.40
N ILE E 89 -18.35 -12.94 14.91
CA ILE E 89 -17.82 -12.43 13.66
C ILE E 89 -17.81 -13.56 12.64
N CYS E 90 -18.15 -13.25 11.39
CA CYS E 90 -18.17 -14.23 10.31
C CYS E 90 -17.26 -13.80 9.17
N ALA E 91 -16.56 -14.77 8.58
CA ALA E 91 -15.63 -14.50 7.50
C ALA E 91 -16.05 -15.15 6.19
N LEU E 92 -15.94 -14.39 5.10
CA LEU E 92 -16.30 -14.89 3.78
C LEU E 92 -15.12 -14.90 2.84
N TRP E 93 -14.57 -16.08 2.62
CA TRP E 93 -13.43 -16.24 1.74
C TRP E 93 -13.77 -15.72 0.36
N PHE E 94 -12.96 -14.80 -0.13
CA PHE E 94 -13.15 -14.23 -1.47
C PHE E 94 -11.88 -14.50 -2.24
N SER E 95 -11.37 -15.73 -2.12
CA SER E 95 -10.13 -16.12 -2.78
C SER E 95 -9.00 -15.18 -2.36
N ASN E 96 -7.90 -15.76 -1.92
CA ASN E 96 -6.75 -14.98 -1.48
C ASN E 96 -6.84 -14.47 -0.05
N GLN E 97 -8.05 -14.47 0.52
CA GLN E 97 -8.25 -13.99 1.89
C GLN E 97 -9.69 -14.01 2.37
N PHE E 98 -9.87 -13.81 3.67
CA PHE E 98 -11.19 -13.75 4.29
C PHE E 98 -11.44 -12.31 4.62
N ILE E 99 -12.70 -11.91 4.55
CA ILE E 99 -13.06 -10.55 4.92
C ILE E 99 -13.97 -10.81 6.10
N PHE E 100 -14.00 -9.91 7.08
CA PHE E 100 -14.86 -10.15 8.23
C PHE E 100 -16.00 -9.13 8.41
N GLY E 101 -17.06 -9.59 9.07
CA GLY E 101 -18.20 -8.74 9.33
C GLY E 101 -18.00 -8.06 10.68
N SER E 102 -18.47 -6.82 10.78
CA SER E 102 -18.35 -6.04 12.01
C SER E 102 -18.62 -6.87 13.26
N GLY E 103 -19.59 -7.77 13.17
CA GLY E 103 -19.91 -8.61 14.31
C GLY E 103 -21.32 -8.48 14.83
N THR E 104 -21.83 -9.57 15.39
CA THR E 104 -23.17 -9.61 15.94
C THR E 104 -23.10 -9.77 17.45
N LYS E 105 -23.38 -8.68 18.17
CA LYS E 105 -23.33 -8.69 19.64
C LYS E 105 -24.46 -9.55 20.20
N VAL E 106 -24.11 -10.55 20.99
CA VAL E 106 -25.08 -11.46 21.59
C VAL E 106 -25.31 -11.27 23.09
N THR E 107 -26.54 -11.50 23.50
CA THR E 107 -26.93 -11.35 24.90
C THR E 107 -27.89 -12.46 25.35
N VAL E 108 -27.56 -13.12 26.45
CA VAL E 108 -28.38 -14.18 27.01
C VAL E 108 -28.78 -13.71 28.41
N LYS E 113 -29.54 -11.06 38.20
CA LYS E 113 -29.56 -9.64 38.53
C LYS E 113 -29.01 -9.52 39.94
N SER E 114 -27.87 -8.84 40.08
CA SER E 114 -27.21 -8.70 41.36
C SER E 114 -26.85 -7.25 41.67
N SER E 115 -27.15 -6.79 42.87
CA SER E 115 -26.80 -5.42 43.24
C SER E 115 -25.31 -5.35 43.49
N PRO E 116 -24.69 -4.24 43.11
CA PRO E 116 -23.25 -4.04 43.28
C PRO E 116 -22.78 -3.78 44.71
N SER E 117 -21.55 -4.20 44.99
CA SER E 117 -20.95 -3.97 46.30
C SER E 117 -19.97 -2.87 46.07
N VAL E 118 -20.21 -1.74 46.74
CA VAL E 118 -19.37 -0.58 46.63
C VAL E 118 -18.23 -0.66 47.65
N THR E 119 -17.03 -0.19 47.33
CA THR E 119 -15.90 -0.19 48.27
C THR E 119 -15.07 1.08 48.09
N LEU E 120 -15.16 2.02 49.04
CA LEU E 120 -14.40 3.29 48.97
C LEU E 120 -13.05 3.12 49.69
N PHE E 121 -12.07 3.92 49.29
CA PHE E 121 -10.73 3.93 49.92
C PHE E 121 -10.28 5.39 49.93
N PRO E 122 -9.80 5.88 51.08
CA PRO E 122 -9.34 7.27 51.17
C PRO E 122 -7.94 7.48 50.61
N PRO E 123 -7.53 8.73 50.40
CA PRO E 123 -6.22 9.02 49.87
C PRO E 123 -5.12 8.36 50.68
N SER E 124 -4.08 7.92 49.98
CA SER E 124 -2.96 7.29 50.65
C SER E 124 -2.17 8.41 51.29
N SER E 125 -1.63 8.14 52.47
CA SER E 125 -0.82 9.15 53.13
C SER E 125 0.22 9.63 52.13
N GLU E 126 0.94 8.67 51.56
CA GLU E 126 2.01 8.93 50.60
C GLU E 126 1.53 9.85 49.49
N GLU E 127 0.37 9.58 48.90
CA GLU E 127 -0.14 10.43 47.84
C GLU E 127 -0.49 11.84 48.35
N LEU E 128 -1.09 11.94 49.54
CA LEU E 128 -1.44 13.24 50.09
C LEU E 128 -0.20 14.12 50.15
N GLU E 129 0.91 13.53 50.61
CA GLU E 129 2.17 14.22 50.72
C GLU E 129 2.53 14.93 49.41
N THR E 130 2.14 14.34 48.28
CA THR E 130 2.40 14.92 46.96
C THR E 130 1.34 15.96 46.61
N ASN E 131 0.58 16.37 47.63
CA ASN E 131 -0.52 17.34 47.49
C ASN E 131 -1.64 16.86 46.55
N LYS E 132 -1.65 15.55 46.29
CA LYS E 132 -2.64 14.90 45.44
C LYS E 132 -3.52 14.02 46.32
N ALA E 133 -4.75 13.75 45.89
CA ALA E 133 -5.66 12.90 46.66
C ALA E 133 -6.60 12.18 45.72
N THR E 134 -6.46 10.86 45.65
CA THR E 134 -7.30 10.06 44.77
C THR E 134 -8.28 9.20 45.53
N LEU E 135 -9.57 9.52 45.42
CA LEU E 135 -10.61 8.73 46.08
C LEU E 135 -10.89 7.55 45.17
N VAL E 136 -10.79 6.35 45.71
CA VAL E 136 -11.01 5.15 44.94
C VAL E 136 -12.33 4.47 45.30
N CYS E 137 -13.17 4.22 44.31
CA CYS E 137 -14.45 3.54 44.54
C CYS E 137 -14.49 2.30 43.67
N THR E 138 -14.31 1.13 44.29
CA THR E 138 -14.32 -0.11 43.52
C THR E 138 -15.66 -0.87 43.64
N ILE E 139 -16.37 -0.87 42.50
CA ILE E 139 -17.69 -1.48 42.30
C ILE E 139 -17.67 -2.93 41.82
N THR E 140 -18.28 -3.84 42.57
CA THR E 140 -18.28 -5.26 42.20
C THR E 140 -19.59 -6.04 42.35
N ASP E 141 -19.53 -7.31 41.99
CA ASP E 141 -20.68 -8.21 42.09
C ASP E 141 -21.99 -7.82 41.44
N PHE E 142 -21.94 -7.10 40.32
CA PHE E 142 -23.18 -6.73 39.67
C PHE E 142 -23.38 -7.30 38.29
N TYR E 143 -24.66 -7.52 37.97
CA TYR E 143 -25.11 -8.06 36.69
C TYR E 143 -26.56 -7.61 36.69
N PRO E 144 -27.05 -7.09 35.57
CA PRO E 144 -26.35 -6.90 34.30
C PRO E 144 -25.23 -5.87 34.43
N GLY E 145 -24.24 -5.97 33.54
CA GLY E 145 -23.13 -5.05 33.55
C GLY E 145 -23.55 -3.74 32.94
N VAL E 146 -24.11 -2.87 33.77
CA VAL E 146 -24.58 -1.57 33.35
C VAL E 146 -24.92 -0.71 34.57
N VAL E 147 -24.00 0.20 34.92
CA VAL E 147 -24.21 1.07 36.08
C VAL E 147 -23.90 2.51 35.78
N THR E 148 -24.24 3.38 36.71
CA THR E 148 -24.00 4.81 36.58
C THR E 148 -23.43 5.32 37.89
N VAL E 149 -22.15 5.67 37.92
CA VAL E 149 -21.60 6.16 39.19
C VAL E 149 -21.56 7.68 39.21
N ASP E 150 -21.90 8.23 40.38
CA ASP E 150 -21.93 9.67 40.60
C ASP E 150 -21.19 9.90 41.90
N TRP E 151 -20.47 11.00 42.00
CA TRP E 151 -19.76 11.29 43.24
C TRP E 151 -20.37 12.49 43.92
N LYS E 152 -20.41 12.48 45.24
CA LYS E 152 -20.95 13.63 45.93
C LYS E 152 -19.95 14.08 46.98
N VAL E 153 -19.88 15.38 47.21
CA VAL E 153 -18.98 15.92 48.21
C VAL E 153 -19.84 16.81 49.07
N ASP E 154 -19.96 16.45 50.34
CA ASP E 154 -20.80 17.22 51.24
C ASP E 154 -22.22 17.14 50.69
N GLY E 155 -22.61 15.94 50.27
CA GLY E 155 -23.95 15.72 49.74
C GLY E 155 -24.21 16.42 48.42
N THR E 156 -23.29 17.26 47.98
CA THR E 156 -23.42 17.99 46.72
C THR E 156 -22.67 17.23 45.64
N PRO E 157 -23.31 17.03 44.49
CA PRO E 157 -22.65 16.30 43.39
C PRO E 157 -21.49 17.08 42.77
N VAL E 158 -20.50 16.32 42.28
CA VAL E 158 -19.32 16.88 41.63
C VAL E 158 -19.13 16.23 40.26
N THR E 159 -18.80 17.04 39.26
CA THR E 159 -18.62 16.53 37.90
C THR E 159 -17.18 16.38 37.48
N GLN E 160 -16.36 17.36 37.87
CA GLN E 160 -14.95 17.37 37.51
C GLN E 160 -14.03 16.49 38.35
N GLY E 161 -13.03 15.91 37.69
CA GLY E 161 -12.06 15.07 38.36
C GLY E 161 -12.49 13.66 38.62
N MET E 162 -13.51 13.17 37.91
CA MET E 162 -13.99 11.82 38.13
C MET E 162 -13.78 10.92 36.90
N GLU E 163 -13.13 9.79 37.11
CA GLU E 163 -12.79 8.81 36.08
C GLU E 163 -13.43 7.46 36.42
N THR E 164 -14.28 6.93 35.54
CA THR E 164 -14.93 5.65 35.84
C THR E 164 -14.68 4.65 34.74
N THR E 165 -14.23 3.46 35.11
CA THR E 165 -13.93 2.41 34.13
C THR E 165 -15.12 1.91 33.33
N GLN E 166 -14.89 0.80 32.65
CA GLN E 166 -15.90 0.14 31.84
C GLN E 166 -16.13 -1.16 32.57
N PRO E 167 -17.35 -1.68 32.53
CA PRO E 167 -17.62 -2.94 33.22
C PRO E 167 -16.71 -4.04 32.65
N SER E 168 -16.28 -4.98 33.50
CA SER E 168 -15.43 -6.07 33.05
C SER E 168 -16.00 -7.34 33.66
N LYS E 169 -16.34 -8.30 32.79
CA LYS E 169 -16.89 -9.57 33.24
C LYS E 169 -15.88 -10.26 34.15
N GLN E 170 -16.35 -10.81 35.25
CA GLN E 170 -15.46 -11.50 36.19
C GLN E 170 -15.68 -13.00 36.04
N SER E 171 -14.70 -13.78 36.51
CA SER E 171 -14.78 -15.24 36.43
C SER E 171 -16.05 -15.77 37.08
N ASN E 172 -16.61 -15.00 38.02
CA ASN E 172 -17.84 -15.41 38.69
C ASN E 172 -19.07 -15.02 37.86
N ASN E 173 -18.84 -14.69 36.60
CA ASN E 173 -19.91 -14.30 35.71
C ASN E 173 -20.67 -13.11 36.26
N LYS E 174 -19.93 -12.07 36.65
CA LYS E 174 -20.49 -10.84 37.17
C LYS E 174 -19.54 -9.71 36.79
N TYR E 175 -20.07 -8.51 36.59
CA TYR E 175 -19.26 -7.37 36.21
C TYR E 175 -18.64 -6.62 37.40
N MET E 176 -17.66 -5.78 37.10
CA MET E 176 -16.97 -5.00 38.11
C MET E 176 -16.44 -3.76 37.42
N ALA E 177 -16.26 -2.70 38.19
CA ALA E 177 -15.77 -1.45 37.64
C ALA E 177 -15.18 -0.58 38.73
N SER E 178 -14.48 0.46 38.35
CA SER E 178 -13.90 1.34 39.34
C SER E 178 -14.05 2.79 38.92
N SER E 179 -14.15 3.67 39.90
CA SER E 179 -14.28 5.08 39.61
C SER E 179 -13.29 5.78 40.52
N TYR E 180 -12.73 6.87 40.00
CA TYR E 180 -11.75 7.66 40.72
C TYR E 180 -12.18 9.09 40.81
N LEU E 181 -11.89 9.69 41.96
CA LEU E 181 -12.19 11.09 42.20
C LEU E 181 -10.83 11.75 42.49
N THR E 182 -10.33 12.52 41.54
CA THR E 182 -9.05 13.18 41.69
C THR E 182 -9.22 14.53 42.40
N LEU E 183 -8.60 14.68 43.56
CA LEU E 183 -8.66 15.91 44.35
C LEU E 183 -7.28 16.40 44.78
N THR E 184 -7.24 17.55 45.43
CA THR E 184 -5.98 18.09 45.91
C THR E 184 -6.02 17.85 47.40
N ALA E 185 -4.84 17.68 48.01
CA ALA E 185 -4.80 17.45 49.44
C ALA E 185 -5.74 18.48 50.07
N ARG E 186 -5.73 19.69 49.51
CA ARG E 186 -6.58 20.76 50.01
C ARG E 186 -8.03 20.31 50.04
N ALA E 187 -8.63 20.24 48.85
CA ALA E 187 -10.01 19.84 48.68
C ALA E 187 -10.38 18.66 49.58
N TRP E 188 -9.55 17.62 49.61
CA TRP E 188 -9.80 16.45 50.44
C TRP E 188 -10.13 16.78 51.89
N GLU E 189 -9.34 17.66 52.50
CA GLU E 189 -9.53 18.06 53.90
C GLU E 189 -10.61 19.15 54.05
N ARG E 190 -10.76 19.94 52.99
CA ARG E 190 -11.71 21.03 52.93
C ARG E 190 -13.17 20.59 53.00
N HIS E 191 -13.43 19.29 52.93
CA HIS E 191 -14.82 18.82 52.97
C HIS E 191 -15.15 17.85 54.10
N SER E 192 -16.45 17.68 54.35
CA SER E 192 -16.91 16.80 55.43
C SER E 192 -17.07 15.35 55.02
N SER E 193 -17.45 15.12 53.78
CA SER E 193 -17.63 13.75 53.33
C SER E 193 -17.68 13.64 51.81
N TYR E 194 -17.38 12.45 51.32
CA TYR E 194 -17.45 12.16 49.89
C TYR E 194 -18.27 10.91 49.76
N SER E 195 -19.21 10.96 48.83
CA SER E 195 -20.10 9.84 48.62
C SER E 195 -19.92 9.26 47.22
N CYS E 196 -19.65 7.97 47.16
CA CYS E 196 -19.54 7.29 45.88
C CYS E 196 -20.94 6.73 45.70
N GLN E 197 -21.67 7.20 44.69
CA GLN E 197 -23.02 6.71 44.46
C GLN E 197 -23.20 5.91 43.18
N VAL E 198 -23.77 4.71 43.30
CA VAL E 198 -23.99 3.86 42.15
C VAL E 198 -25.49 3.57 41.93
N THR E 199 -25.92 3.68 40.67
CA THR E 199 -27.30 3.40 40.33
C THR E 199 -27.30 2.22 39.39
N HIS E 200 -28.05 1.19 39.76
CA HIS E 200 -28.09 -0.02 38.98
C HIS E 200 -29.47 -0.65 38.97
N GLU E 201 -29.96 -1.00 37.78
CA GLU E 201 -31.26 -1.61 37.61
C GLU E 201 -32.39 -1.03 38.45
N GLY E 202 -32.54 0.29 38.45
CA GLY E 202 -33.63 0.86 39.21
C GLY E 202 -33.28 1.34 40.59
N HIS E 203 -32.43 0.63 41.31
CA HIS E 203 -32.10 1.14 42.62
C HIS E 203 -30.69 1.66 42.81
N THR E 204 -30.52 2.46 43.86
CA THR E 204 -29.25 3.10 44.17
C THR E 204 -28.53 2.57 45.40
N VAL E 205 -27.20 2.57 45.31
CA VAL E 205 -26.37 2.16 46.42
C VAL E 205 -25.30 3.23 46.59
N GLU E 206 -25.08 3.66 47.83
CA GLU E 206 -24.05 4.66 48.06
C GLU E 206 -23.28 4.53 49.37
N LYS E 207 -22.00 4.85 49.30
CA LYS E 207 -21.13 4.81 50.46
C LYS E 207 -20.42 6.16 50.54
N SER E 208 -19.99 6.49 51.75
CA SER E 208 -19.29 7.75 51.99
C SER E 208 -18.13 7.52 52.94
N LEU E 209 -17.19 8.46 52.93
CA LEU E 209 -16.06 8.42 53.84
C LEU E 209 -15.81 9.87 54.18
N SER E 210 -15.47 10.12 55.45
CA SER E 210 -15.22 11.49 55.92
C SER E 210 -13.77 11.79 56.13
N ALA E 211 -13.33 12.84 55.44
CA ALA E 211 -11.94 13.25 55.51
C ALA E 211 -11.25 12.99 56.86
N ALA E 212 -9.97 12.58 56.74
CA ALA E 212 -9.06 12.27 57.85
C ALA E 212 -9.42 11.03 58.72
N GLU F 1 -5.16 -29.03 23.81
CA GLU F 1 -3.72 -29.42 23.71
C GLU F 1 -3.05 -28.51 22.69
N VAL F 2 -3.87 -27.87 21.88
CA VAL F 2 -3.39 -26.97 20.84
C VAL F 2 -3.38 -25.54 21.35
N GLN F 3 -2.32 -24.81 21.06
CA GLN F 3 -2.22 -23.43 21.52
C GLN F 3 -1.30 -22.52 20.70
N LEU F 4 -1.62 -21.23 20.71
CA LEU F 4 -0.86 -20.22 20.01
C LEU F 4 -0.48 -19.12 21.00
N GLN F 5 0.81 -19.05 21.34
CA GLN F 5 1.29 -18.05 22.29
C GLN F 5 2.00 -16.93 21.54
N GLN F 6 1.42 -15.73 21.61
CA GLN F 6 1.99 -14.57 20.93
C GLN F 6 2.92 -13.73 21.81
N SER F 7 3.70 -12.84 21.20
CA SER F 7 4.62 -11.99 21.94
C SER F 7 3.87 -10.92 22.75
N GLY F 8 4.56 -10.34 23.74
CA GLY F 8 3.97 -9.33 24.59
C GLY F 8 3.69 -8.01 23.90
N ALA F 9 2.86 -7.16 24.53
CA ALA F 9 2.50 -5.87 23.96
C ALA F 9 3.71 -5.18 23.34
N GLU F 10 3.47 -4.14 22.54
CA GLU F 10 4.57 -3.44 21.90
C GLU F 10 4.30 -1.95 21.73
N LEU F 11 5.32 -1.15 21.98
CA LEU F 11 5.23 0.30 21.83
C LEU F 11 6.32 0.72 20.84
N ALA F 12 5.95 0.96 19.59
CA ALA F 12 6.93 1.33 18.58
C ALA F 12 6.73 2.75 18.10
N ARG F 13 7.84 3.42 17.77
CA ARG F 13 7.82 4.79 17.29
C ARG F 13 7.03 4.85 15.97
N PRO F 14 6.58 6.04 15.57
CA PRO F 14 5.83 6.12 14.32
C PRO F 14 6.81 5.92 13.18
N GLY F 15 6.43 5.13 12.19
CA GLY F 15 7.30 4.89 11.05
C GLY F 15 8.45 3.93 11.35
N ALA F 16 8.39 3.27 12.49
CA ALA F 16 9.43 2.34 12.89
C ALA F 16 9.03 0.94 12.45
N SER F 17 9.74 -0.05 12.98
CA SER F 17 9.46 -1.43 12.64
C SER F 17 9.19 -2.24 13.91
N VAL F 18 8.50 -3.35 13.75
CA VAL F 18 8.20 -4.21 14.89
C VAL F 18 8.28 -5.66 14.47
N LYS F 19 8.50 -6.56 15.43
CA LYS F 19 8.59 -7.99 15.13
C LYS F 19 7.77 -8.84 16.10
N LEU F 20 6.55 -9.19 15.69
CA LEU F 20 5.65 -10.02 16.49
C LEU F 20 6.05 -11.46 16.28
N SER F 21 5.42 -12.37 17.02
CA SER F 21 5.75 -13.78 16.90
C SER F 21 4.66 -14.65 17.51
N CYS F 22 4.50 -15.84 16.93
CA CYS F 22 3.51 -16.79 17.37
C CYS F 22 4.12 -18.18 17.41
N ARG F 23 4.21 -18.77 18.60
CA ARG F 23 4.77 -20.12 18.76
C ARG F 23 3.61 -21.09 18.77
N THR F 24 3.80 -22.26 18.18
CA THR F 24 2.74 -23.28 18.15
C THR F 24 3.11 -24.46 19.00
N SER F 25 2.09 -25.14 19.52
CA SER F 25 2.28 -26.31 20.36
C SER F 25 1.01 -27.14 20.39
N GLY F 26 1.12 -28.40 19.99
CA GLY F 26 -0.04 -29.27 19.98
C GLY F 26 -0.43 -29.81 18.62
N TYR F 27 0.44 -29.63 17.64
CA TYR F 27 0.16 -30.12 16.29
C TYR F 27 1.35 -30.02 15.34
N SER F 28 1.20 -30.64 14.18
CA SER F 28 2.22 -30.61 13.16
C SER F 28 2.38 -29.16 12.71
N PHE F 29 3.50 -28.55 13.08
CA PHE F 29 3.78 -27.15 12.74
C PHE F 29 3.76 -26.93 11.24
N THR F 30 4.68 -27.63 10.58
CA THR F 30 4.87 -27.53 9.14
C THR F 30 3.66 -27.80 8.27
N THR F 31 2.92 -28.85 8.58
CA THR F 31 1.76 -29.25 7.79
C THR F 31 0.50 -28.40 8.01
N TYR F 32 0.59 -27.37 8.84
CA TYR F 32 -0.53 -26.49 9.13
C TYR F 32 -0.25 -25.08 8.64
N TRP F 33 -1.29 -24.28 8.40
CA TRP F 33 -1.08 -22.93 7.94
C TRP F 33 -0.78 -21.96 9.08
N MET F 34 -1.25 -20.72 8.93
CA MET F 34 -1.03 -19.67 9.93
C MET F 34 -1.43 -18.32 9.33
N GLN F 35 -2.49 -17.71 9.86
CA GLN F 35 -2.92 -16.42 9.36
C GLN F 35 -2.72 -15.37 10.44
N TRP F 36 -2.45 -14.14 10.02
CA TRP F 36 -2.31 -13.05 10.97
C TRP F 36 -3.47 -12.13 10.66
N VAL F 37 -4.26 -11.81 11.68
CA VAL F 37 -5.43 -10.94 11.54
C VAL F 37 -5.27 -9.78 12.51
N ARG F 38 -5.74 -8.60 12.14
CA ARG F 38 -5.60 -7.46 13.02
C ARG F 38 -6.89 -6.67 13.21
N GLN F 39 -7.11 -6.20 14.44
CA GLN F 39 -8.29 -5.40 14.71
C GLN F 39 -7.87 -4.04 15.25
N ARG F 40 -8.17 -3.00 14.49
CA ARG F 40 -7.86 -1.64 14.90
C ARG F 40 -8.98 -1.24 15.86
N PRO F 41 -8.67 -0.38 16.85
CA PRO F 41 -9.68 0.05 17.82
C PRO F 41 -11.06 -0.59 17.66
N GLY F 42 -11.88 -0.05 16.76
CA GLY F 42 -13.20 -0.59 16.53
C GLY F 42 -13.50 -0.69 15.06
N GLN F 43 -12.79 -1.59 14.37
CA GLN F 43 -12.97 -1.75 12.93
C GLN F 43 -13.00 -3.20 12.50
N GLY F 44 -13.66 -4.05 13.28
CA GLY F 44 -13.72 -5.46 12.91
C GLY F 44 -12.35 -6.04 12.58
N LEU F 45 -12.34 -7.31 12.18
CA LEU F 45 -11.08 -7.98 11.86
C LEU F 45 -10.56 -7.79 10.44
N GLU F 46 -9.29 -7.41 10.34
CA GLU F 46 -8.65 -7.24 9.04
C GLU F 46 -7.75 -8.46 8.78
N TRP F 47 -7.59 -8.83 7.52
CA TRP F 47 -6.74 -9.97 7.16
C TRP F 47 -5.44 -9.40 6.64
N ILE F 48 -4.33 -9.88 7.20
CA ILE F 48 -3.02 -9.39 6.79
C ILE F 48 -2.29 -10.33 5.85
N ALA F 49 -2.07 -11.56 6.31
CA ALA F 49 -1.37 -12.55 5.50
C ALA F 49 -1.49 -13.93 6.12
N ALA F 50 -1.07 -14.94 5.37
CA ALA F 50 -1.13 -16.32 5.83
C ALA F 50 0.18 -16.95 5.44
N ILE F 51 0.47 -18.11 6.00
CA ILE F 51 1.72 -18.77 5.67
C ILE F 51 1.73 -20.26 6.01
N TYR F 52 2.31 -21.04 5.12
CA TYR F 52 2.43 -22.47 5.31
C TYR F 52 3.90 -22.63 5.65
N PRO F 53 4.21 -22.86 6.93
CA PRO F 53 5.58 -23.03 7.41
C PRO F 53 6.40 -24.11 6.71
N GLY F 54 5.97 -25.36 6.84
CA GLY F 54 6.71 -26.45 6.23
C GLY F 54 6.72 -26.40 4.73
N ASP F 55 6.99 -25.22 4.18
CA ASP F 55 7.00 -25.05 2.74
C ASP F 55 7.48 -23.64 2.42
N ASP F 56 7.44 -22.78 3.42
CA ASP F 56 7.83 -21.36 3.32
C ASP F 56 6.98 -20.63 2.29
N ASP F 57 5.75 -21.12 2.11
CA ASP F 57 4.82 -20.52 1.18
C ASP F 57 3.98 -19.49 1.94
N ALA F 58 4.39 -18.24 1.86
CA ALA F 58 3.66 -17.18 2.56
C ALA F 58 2.85 -16.35 1.58
N ARG F 59 1.55 -16.25 1.81
CA ARG F 59 0.70 -15.48 0.94
C ARG F 59 0.26 -14.17 1.57
N TYR F 60 0.38 -13.08 0.82
CA TYR F 60 0.00 -11.76 1.30
C TYR F 60 -1.29 -11.29 0.67
N THR F 61 -1.62 -10.03 0.89
CA THR F 61 -2.81 -9.39 0.34
C THR F 61 -2.33 -8.08 -0.26
N GLN F 62 -3.09 -7.55 -1.20
CA GLN F 62 -2.73 -6.29 -1.84
C GLN F 62 -2.26 -5.26 -0.82
N LYS F 63 -3.08 -5.05 0.20
CA LYS F 63 -2.83 -4.08 1.26
C LYS F 63 -1.53 -4.23 2.04
N PHE F 64 -1.26 -5.43 2.53
CA PHE F 64 -0.07 -5.68 3.34
C PHE F 64 1.16 -6.25 2.68
N LYS F 65 1.08 -6.54 1.38
CA LYS F 65 2.24 -7.11 0.73
C LYS F 65 3.48 -6.25 0.93
N GLY F 66 3.28 -4.94 1.08
CA GLY F 66 4.40 -4.03 1.29
C GLY F 66 5.03 -4.03 2.67
N LYS F 67 4.25 -3.70 3.69
CA LYS F 67 4.76 -3.64 5.06
C LYS F 67 4.92 -4.97 5.76
N ALA F 68 3.85 -5.77 5.76
CA ALA F 68 3.90 -7.07 6.42
C ALA F 68 4.77 -8.06 5.68
N THR F 69 5.38 -8.97 6.43
CA THR F 69 6.25 -10.01 5.88
C THR F 69 6.42 -11.16 6.86
N LEU F 70 5.86 -12.32 6.53
CA LEU F 70 5.99 -13.46 7.40
C LEU F 70 7.31 -14.15 7.21
N THR F 71 7.68 -14.94 8.19
CA THR F 71 8.92 -15.71 8.20
C THR F 71 8.64 -16.80 9.21
N ALA F 72 9.32 -17.93 9.09
CA ALA F 72 9.06 -18.99 10.04
C ALA F 72 10.37 -19.58 10.48
N ASP F 73 10.31 -20.36 11.56
CA ASP F 73 11.48 -21.01 12.12
C ASP F 73 11.08 -22.43 12.46
N ARG F 74 10.93 -23.27 11.43
CA ARG F 74 10.52 -24.66 11.62
C ARG F 74 11.14 -25.31 12.84
N SER F 75 12.38 -24.92 13.13
CA SER F 75 13.11 -25.47 14.25
C SER F 75 12.62 -25.05 15.62
N SER F 76 11.67 -24.11 15.67
CA SER F 76 11.14 -23.62 16.93
C SER F 76 9.64 -23.42 16.87
N SER F 77 9.05 -23.80 15.75
CA SER F 77 7.62 -23.66 15.56
C SER F 77 7.13 -22.24 15.87
N ILE F 78 7.62 -21.28 15.10
CA ILE F 78 7.25 -19.87 15.27
C ILE F 78 7.15 -19.15 13.92
N VAL F 79 6.36 -18.09 13.88
CA VAL F 79 6.20 -17.30 12.68
C VAL F 79 6.37 -15.86 13.10
N TYR F 80 7.18 -15.12 12.38
CA TYR F 80 7.43 -13.74 12.76
C TYR F 80 6.81 -12.74 11.79
N LEU F 81 5.78 -12.05 12.27
CA LEU F 81 5.11 -11.03 11.46
C LEU F 81 5.88 -9.74 11.70
N GLN F 82 6.63 -9.30 10.70
CA GLN F 82 7.39 -8.07 10.80
C GLN F 82 6.59 -6.99 10.10
N LEU F 83 6.37 -5.85 10.77
CA LEU F 83 5.63 -4.73 10.19
C LEU F 83 6.58 -3.56 10.01
N ASN F 84 6.54 -2.93 8.85
CA ASN F 84 7.41 -1.80 8.56
C ASN F 84 6.59 -0.54 8.54
N SER F 85 7.27 0.60 8.50
CA SER F 85 6.63 1.91 8.48
C SER F 85 5.32 1.92 9.25
N LEU F 86 5.39 1.70 10.56
CA LEU F 86 4.20 1.69 11.40
C LEU F 86 3.60 3.08 11.51
N THR F 87 2.28 3.16 11.33
CA THR F 87 1.57 4.43 11.40
C THR F 87 0.53 4.43 12.52
N SER F 88 -0.07 5.58 12.78
CA SER F 88 -1.08 5.70 13.81
C SER F 88 -2.10 4.59 13.56
N GLU F 89 -2.38 4.37 12.28
CA GLU F 89 -3.34 3.36 11.85
C GLU F 89 -2.87 1.92 12.04
N ASP F 90 -1.57 1.71 12.23
CA ASP F 90 -1.07 0.35 12.42
C ASP F 90 -1.12 -0.05 13.87
N SER F 91 -1.69 0.84 14.68
CA SER F 91 -1.84 0.58 16.09
C SER F 91 -3.13 -0.21 16.23
N ALA F 92 -3.00 -1.46 16.65
CA ALA F 92 -4.15 -2.35 16.82
C ALA F 92 -3.69 -3.68 17.43
N VAL F 93 -4.63 -4.59 17.60
CA VAL F 93 -4.32 -5.89 18.16
C VAL F 93 -4.09 -6.84 17.01
N TYR F 94 -2.90 -7.40 16.95
CA TYR F 94 -2.53 -8.34 15.92
C TYR F 94 -2.70 -9.71 16.51
N SER F 95 -3.70 -10.43 16.01
CA SER F 95 -4.00 -11.78 16.48
C SER F 95 -3.58 -12.84 15.49
N CYS F 96 -3.00 -13.89 16.03
CA CYS F 96 -2.51 -15.03 15.28
C CYS F 96 -3.46 -16.23 15.35
N SER F 97 -3.51 -17.05 14.29
CA SER F 97 -4.37 -18.24 14.23
C SER F 97 -3.85 -19.29 13.25
N ARG F 98 -4.51 -20.44 13.18
CA ARG F 98 -4.08 -21.51 12.28
C ARG F 98 -5.20 -22.03 11.37
N GLY F 99 -4.85 -22.99 10.52
CA GLY F 99 -5.80 -23.60 9.59
C GLY F 99 -5.21 -24.80 8.84
N ARG F 100 -6.08 -25.58 8.18
CA ARG F 100 -5.64 -26.75 7.42
C ARG F 100 -6.17 -26.77 5.99
N SER F 101 -7.34 -26.14 5.79
CA SER F 101 -7.96 -26.07 4.47
C SER F 101 -8.90 -24.88 4.51
N LEU F 102 -9.61 -24.62 3.41
CA LEU F 102 -10.56 -23.52 3.42
C LEU F 102 -11.85 -24.04 4.06
N TYR F 103 -11.82 -25.30 4.49
CA TYR F 103 -12.97 -25.93 5.14
C TYR F 103 -12.73 -26.02 6.63
N TYR F 104 -11.49 -26.32 7.02
CA TYR F 104 -11.09 -26.43 8.42
C TYR F 104 -10.09 -25.32 8.72
N THR F 105 -10.58 -24.15 9.10
CA THR F 105 -9.69 -23.02 9.39
C THR F 105 -10.17 -22.14 10.53
N MET F 106 -9.21 -21.48 11.17
CA MET F 106 -9.48 -20.57 12.27
C MET F 106 -10.21 -21.23 13.44
N ASP F 107 -9.65 -22.32 13.96
CA ASP F 107 -10.24 -23.03 15.07
C ASP F 107 -9.60 -22.58 16.40
N TYR F 108 -8.27 -22.54 16.43
CA TYR F 108 -7.53 -22.12 17.61
C TYR F 108 -6.75 -20.84 17.31
N TRP F 109 -6.65 -19.94 18.29
CA TRP F 109 -5.93 -18.68 18.08
C TRP F 109 -4.93 -18.38 19.20
N GLY F 110 -4.54 -17.10 19.28
CA GLY F 110 -3.63 -16.62 20.30
C GLY F 110 -4.31 -15.44 20.99
N GLN F 111 -3.91 -15.14 22.22
CA GLN F 111 -4.53 -14.04 22.97
C GLN F 111 -4.42 -12.74 22.20
N GLY F 112 -3.41 -12.69 21.33
CA GLY F 112 -3.16 -11.52 20.51
C GLY F 112 -2.07 -10.67 21.11
N THR F 113 -1.49 -9.77 20.32
CA THR F 113 -0.49 -8.87 20.87
C THR F 113 -0.96 -7.47 20.53
N SER F 114 -0.84 -6.57 21.49
CA SER F 114 -1.29 -5.21 21.28
C SER F 114 -0.10 -4.35 20.87
N VAL F 115 -0.21 -3.72 19.71
CA VAL F 115 0.85 -2.86 19.22
C VAL F 115 0.37 -1.41 19.24
N THR F 116 1.09 -0.58 19.98
CA THR F 116 0.73 0.82 20.08
C THR F 116 1.86 1.61 19.42
N VAL F 117 1.53 2.40 18.41
CA VAL F 117 2.53 3.19 17.71
C VAL F 117 2.44 4.64 18.18
N THR F 122 7.58 6.26 27.36
CA THR F 122 7.16 5.31 28.37
C THR F 122 7.34 5.97 29.74
N THR F 123 6.35 5.82 30.60
CA THR F 123 6.45 6.39 31.93
C THR F 123 6.00 5.35 32.95
N PRO F 124 6.86 5.04 33.93
CA PRO F 124 6.55 4.05 34.96
C PRO F 124 5.48 4.56 35.91
N PRO F 125 4.81 3.66 36.61
CA PRO F 125 3.75 4.00 37.56
C PRO F 125 4.20 4.41 38.96
N SER F 126 3.27 5.01 39.69
CA SER F 126 3.48 5.42 41.08
C SER F 126 2.55 4.47 41.80
N VAL F 127 3.06 3.68 42.72
CA VAL F 127 2.20 2.76 43.43
C VAL F 127 1.91 3.23 44.85
N TYR F 128 0.63 3.35 45.18
CA TYR F 128 0.22 3.81 46.49
C TYR F 128 -0.56 2.76 47.23
N PRO F 129 -0.17 2.45 48.48
CA PRO F 129 -0.93 1.45 49.22
C PRO F 129 -2.25 2.01 49.71
N LEU F 130 -3.30 1.20 49.68
CA LEU F 130 -4.63 1.62 50.13
C LEU F 130 -5.12 0.81 51.31
N ALA F 131 -4.99 1.37 52.50
CA ALA F 131 -5.43 0.71 53.72
C ALA F 131 -6.93 0.86 53.85
N PRO F 132 -7.59 -0.12 54.45
CA PRO F 132 -9.05 -0.09 54.62
C PRO F 132 -9.55 0.88 55.65
N GLY F 133 -10.71 1.46 55.36
CA GLY F 133 -11.37 2.39 56.26
C GLY F 133 -12.65 1.73 56.74
N SER F 134 -13.68 2.52 57.03
CA SER F 134 -14.94 1.96 57.49
C SER F 134 -15.72 1.35 56.32
N ALA F 135 -15.32 1.70 55.10
CA ALA F 135 -15.98 1.20 53.89
C ALA F 135 -15.16 0.17 53.13
N ALA F 136 -14.25 -0.50 53.83
CA ALA F 136 -13.43 -1.55 53.25
C ALA F 136 -13.30 -2.70 54.27
N GLN F 137 -13.04 -2.34 55.53
CA GLN F 137 -12.95 -3.33 56.61
C GLN F 137 -14.42 -3.59 56.86
N THR F 138 -14.86 -4.82 56.67
CA THR F 138 -16.28 -5.11 56.86
C THR F 138 -16.58 -6.39 57.61
N ASN F 139 -16.29 -6.37 58.91
CA ASN F 139 -16.57 -7.46 59.85
C ASN F 139 -15.72 -8.72 59.85
N SER F 140 -15.88 -9.55 58.82
CA SER F 140 -15.14 -10.80 58.71
C SER F 140 -14.11 -10.69 57.62
N MET F 141 -14.44 -9.89 56.60
CA MET F 141 -13.56 -9.67 55.46
C MET F 141 -13.07 -8.22 55.43
N VAL F 142 -11.76 -8.03 55.34
CA VAL F 142 -11.19 -6.69 55.25
C VAL F 142 -10.55 -6.68 53.86
N THR F 143 -10.65 -5.57 53.15
CA THR F 143 -10.02 -5.56 51.84
C THR F 143 -9.02 -4.44 51.66
N LEU F 144 -7.79 -4.83 51.34
CA LEU F 144 -6.69 -3.90 51.11
C LEU F 144 -6.68 -3.60 49.61
N GLY F 145 -5.98 -2.55 49.22
CA GLY F 145 -5.91 -2.19 47.81
C GLY F 145 -4.62 -1.51 47.40
N CYS F 146 -4.42 -1.41 46.09
CA CYS F 146 -3.24 -0.76 45.54
C CYS F 146 -3.58 0.13 44.37
N LEU F 147 -3.13 1.39 44.45
CA LEU F 147 -3.39 2.37 43.42
C LEU F 147 -2.16 2.47 42.52
N VAL F 148 -2.28 2.00 41.30
CA VAL F 148 -1.20 2.05 40.32
C VAL F 148 -1.52 3.23 39.41
N LYS F 149 -0.94 4.38 39.72
CA LYS F 149 -1.25 5.62 39.02
C LYS F 149 -0.29 6.18 37.97
N GLY F 150 -0.87 6.70 36.89
CA GLY F 150 -0.13 7.35 35.82
C GLY F 150 1.03 6.65 35.17
N TYR F 151 0.80 5.45 34.66
CA TYR F 151 1.85 4.70 33.98
C TYR F 151 1.49 4.60 32.52
N PHE F 152 2.47 4.26 31.70
CA PHE F 152 2.25 4.11 30.25
C PHE F 152 3.40 3.33 29.60
N PRO F 153 3.08 2.42 28.68
CA PRO F 153 1.75 2.04 28.21
C PRO F 153 1.25 0.83 28.99
N GLU F 154 0.12 0.27 28.56
CA GLU F 154 -0.42 -0.92 29.19
C GLU F 154 0.50 -2.05 28.78
N PRO F 155 0.58 -3.09 29.59
CA PRO F 155 -0.14 -3.25 30.85
C PRO F 155 0.79 -3.22 32.05
N VAL F 156 0.17 -3.38 33.21
CA VAL F 156 0.88 -3.47 34.48
C VAL F 156 0.42 -4.81 35.01
N THR F 157 1.27 -5.48 35.76
CA THR F 157 0.91 -6.77 36.32
C THR F 157 0.90 -6.64 37.82
N VAL F 158 -0.29 -6.68 38.41
CA VAL F 158 -0.38 -6.54 39.84
C VAL F 158 -0.53 -7.90 40.48
N SER F 159 0.20 -8.12 41.55
CA SER F 159 0.15 -9.37 42.26
C SER F 159 0.12 -9.09 43.75
N TRP F 160 -0.33 -10.05 44.53
CA TRP F 160 -0.38 -9.85 45.97
C TRP F 160 0.42 -10.95 46.63
N ASN F 161 1.34 -10.53 47.49
CA ASN F 161 2.19 -11.49 48.19
C ASN F 161 2.86 -12.42 47.21
N THR F 162 3.41 -11.82 46.16
CA THR F 162 4.12 -12.56 45.14
C THR F 162 3.31 -13.71 44.59
N GLY F 163 2.00 -13.54 44.53
CA GLY F 163 1.15 -14.58 44.00
C GLY F 163 0.63 -15.57 45.00
N SER F 164 1.05 -15.48 46.26
CA SER F 164 0.56 -16.40 47.27
C SER F 164 -0.90 -16.10 47.50
N LEU F 165 -1.25 -14.82 47.45
CA LEU F 165 -2.64 -14.40 47.63
C LEU F 165 -3.25 -14.45 46.25
N SER F 166 -3.89 -15.57 45.96
CA SER F 166 -4.50 -15.75 44.64
C SER F 166 -5.99 -15.56 44.59
N SER F 167 -6.70 -15.93 45.65
CA SER F 167 -8.15 -15.79 45.66
C SER F 167 -8.58 -14.47 46.27
N GLY F 168 -9.73 -13.97 45.86
CA GLY F 168 -10.21 -12.71 46.40
C GLY F 168 -9.51 -11.51 45.80
N VAL F 169 -8.60 -11.78 44.87
CA VAL F 169 -7.88 -10.70 44.21
C VAL F 169 -8.74 -10.17 43.09
N HIS F 170 -8.83 -8.86 42.98
CA HIS F 170 -9.60 -8.22 41.93
C HIS F 170 -8.82 -7.07 41.36
N THR F 171 -8.42 -7.17 40.11
CA THR F 171 -7.70 -6.07 39.49
C THR F 171 -8.73 -5.47 38.55
N PHE F 172 -9.01 -4.18 38.73
CA PHE F 172 -10.01 -3.52 37.91
C PHE F 172 -9.43 -2.95 36.65
N PRO F 173 -10.30 -2.70 35.67
CA PRO F 173 -9.88 -2.13 34.38
C PRO F 173 -9.24 -0.75 34.57
N ALA F 174 -8.17 -0.50 33.83
CA ALA F 174 -7.47 0.78 33.93
C ALA F 174 -8.30 1.88 33.31
N VAL F 175 -7.95 3.12 33.63
CA VAL F 175 -8.64 4.27 33.07
C VAL F 175 -7.58 5.18 32.49
N LEU F 176 -7.91 5.80 31.38
CA LEU F 176 -6.99 6.68 30.70
C LEU F 176 -7.39 8.13 30.93
N GLN F 177 -6.44 8.94 31.35
CA GLN F 177 -6.67 10.36 31.59
C GLN F 177 -5.40 11.11 31.24
N SER F 178 -5.34 11.61 30.01
CA SER F 178 -4.17 12.34 29.51
C SER F 178 -3.01 11.41 29.21
N ASP F 179 -3.22 10.52 28.24
CA ASP F 179 -2.19 9.57 27.83
C ASP F 179 -1.50 8.86 28.99
N LEU F 180 -2.16 8.78 30.14
CA LEU F 180 -1.60 8.09 31.29
C LEU F 180 -2.63 7.21 31.94
N TYR F 181 -2.30 5.94 32.10
CA TYR F 181 -3.19 4.98 32.71
C TYR F 181 -3.06 4.96 34.23
N THR F 182 -4.15 4.60 34.87
CA THR F 182 -4.19 4.49 36.31
C THR F 182 -5.22 3.41 36.56
N LEU F 183 -4.83 2.42 37.36
CA LEU F 183 -5.66 1.27 37.69
C LEU F 183 -5.62 0.99 39.18
N SER F 184 -6.49 0.10 39.63
CA SER F 184 -6.53 -0.27 41.03
C SER F 184 -6.72 -1.76 41.19
N SER F 185 -6.07 -2.33 42.18
CA SER F 185 -6.20 -3.76 42.41
C SER F 185 -6.54 -3.91 43.88
N SER F 186 -7.40 -4.86 44.19
CA SER F 186 -7.80 -5.09 45.58
C SER F 186 -7.70 -6.57 45.88
N VAL F 187 -7.53 -6.88 47.16
CA VAL F 187 -7.49 -8.25 47.60
C VAL F 187 -8.27 -8.30 48.90
N THR F 188 -9.08 -9.34 49.08
CA THR F 188 -9.87 -9.50 50.28
C THR F 188 -9.36 -10.65 51.11
N VAL F 189 -9.21 -10.43 52.40
CA VAL F 189 -8.72 -11.45 53.29
C VAL F 189 -9.54 -11.44 54.58
N PRO F 190 -9.42 -12.50 55.40
CA PRO F 190 -10.17 -12.53 56.66
C PRO F 190 -9.64 -11.44 57.60
N SER F 191 -10.56 -10.75 58.26
CA SER F 191 -10.21 -9.67 59.18
C SER F 191 -9.15 -10.06 60.20
N SER F 192 -8.95 -11.36 60.40
CA SER F 192 -7.94 -11.81 61.35
C SER F 192 -6.58 -11.80 60.68
N THR F 193 -6.57 -12.07 59.38
CA THR F 193 -5.36 -12.13 58.57
C THR F 193 -4.45 -10.90 58.57
N TRP F 194 -5.06 -9.73 58.56
CA TRP F 194 -4.31 -8.48 58.50
C TRP F 194 -4.86 -7.54 59.57
N PRO F 195 -4.02 -6.66 60.16
CA PRO F 195 -2.60 -6.39 59.96
C PRO F 195 -1.69 -7.49 60.47
N SER F 196 -2.29 -8.44 61.19
CA SER F 196 -1.57 -9.58 61.74
C SER F 196 -0.48 -10.01 60.75
N GLU F 197 -0.90 -10.63 59.64
CA GLU F 197 0.00 -11.11 58.59
C GLU F 197 0.32 -9.98 57.61
N THR F 198 1.46 -10.07 56.94
CA THR F 198 1.88 -9.05 55.99
C THR F 198 1.17 -9.16 54.64
N VAL F 199 0.81 -8.01 54.09
CA VAL F 199 0.18 -7.99 52.76
C VAL F 199 0.92 -6.97 51.90
N THR F 200 1.43 -7.43 50.78
CA THR F 200 2.16 -6.58 49.88
C THR F 200 1.62 -6.75 48.48
N CYS F 201 1.45 -5.66 47.75
CA CYS F 201 1.02 -5.81 46.39
C CYS F 201 2.27 -5.57 45.50
N ASN F 202 2.52 -6.48 44.56
CA ASN F 202 3.67 -6.38 43.67
C ASN F 202 3.21 -5.92 42.29
N VAL F 203 3.61 -4.70 41.92
CA VAL F 203 3.24 -4.12 40.64
C VAL F 203 4.43 -4.16 39.71
N ALA F 204 4.21 -4.54 38.46
CA ALA F 204 5.30 -4.59 37.50
C ALA F 204 4.87 -3.95 36.20
N HIS F 205 5.74 -3.10 35.68
CA HIS F 205 5.47 -2.39 34.46
C HIS F 205 6.55 -2.77 33.46
N PRO F 206 6.38 -3.91 32.75
CA PRO F 206 7.35 -4.38 31.77
C PRO F 206 7.91 -3.26 30.88
N ALA F 207 7.02 -2.49 30.29
CA ALA F 207 7.43 -1.42 29.39
C ALA F 207 8.57 -0.56 29.92
N SER F 208 8.63 -0.34 31.22
CA SER F 208 9.69 0.52 31.77
C SER F 208 10.71 -0.18 32.66
N SER F 209 10.70 -1.51 32.63
CA SER F 209 11.64 -2.28 33.45
C SER F 209 11.52 -1.87 34.92
N THR F 210 10.30 -1.54 35.34
CA THR F 210 10.04 -1.13 36.72
C THR F 210 9.21 -2.15 37.48
N LYS F 211 9.56 -2.37 38.73
CA LYS F 211 8.86 -3.31 39.57
C LYS F 211 8.80 -2.70 40.96
N VAL F 212 7.61 -2.61 41.53
CA VAL F 212 7.47 -2.05 42.86
C VAL F 212 6.68 -2.96 43.76
N ASP F 213 7.20 -3.19 44.96
CA ASP F 213 6.52 -4.00 45.97
C ASP F 213 6.21 -2.99 47.07
N LYS F 214 4.92 -2.80 47.35
CA LYS F 214 4.49 -1.81 48.34
C LYS F 214 3.77 -2.50 49.47
N LYS F 215 4.37 -2.51 50.66
CA LYS F 215 3.69 -3.14 51.79
C LYS F 215 2.50 -2.26 52.16
N ILE F 216 1.35 -2.89 52.35
CA ILE F 216 0.17 -2.14 52.72
C ILE F 216 0.06 -2.23 54.23
N VAL F 217 0.29 -1.09 54.89
CA VAL F 217 0.24 -0.98 56.33
C VAL F 217 -0.95 -0.15 56.80
N PRO F 218 -1.42 -0.39 58.04
CA PRO F 218 -2.56 0.32 58.62
C PRO F 218 -2.32 1.82 58.83
N GLN G 1 -14.61 28.01 -3.32
CA GLN G 1 -15.17 27.12 -2.26
C GLN G 1 -16.68 27.26 -2.17
N ALA G 2 -17.33 26.24 -1.59
CA ALA G 2 -18.77 26.26 -1.43
C ALA G 2 -19.14 27.22 -0.30
N VAL G 3 -20.27 27.90 -0.45
CA VAL G 3 -20.76 28.84 0.55
C VAL G 3 -21.95 28.19 1.25
N VAL G 4 -21.88 28.07 2.57
CA VAL G 4 -22.97 27.46 3.32
C VAL G 4 -23.93 28.53 3.82
N THR G 5 -25.22 28.32 3.57
CA THR G 5 -26.26 29.27 3.95
C THR G 5 -27.32 28.72 4.89
N GLN G 6 -27.50 29.38 6.03
CA GLN G 6 -28.48 28.96 7.03
C GLN G 6 -29.57 30.01 7.20
N GLU G 7 -30.64 29.65 7.92
CA GLU G 7 -31.72 30.60 8.16
C GLU G 7 -31.18 31.60 9.16
N SER G 8 -31.24 32.88 8.80
CA SER G 8 -30.72 33.95 9.65
C SER G 8 -31.20 33.89 11.09
N ALA G 9 -32.49 34.05 11.29
CA ALA G 9 -33.02 34.05 12.65
C ALA G 9 -34.36 33.35 12.79
N LEU G 10 -34.54 32.65 13.90
CA LEU G 10 -35.79 31.95 14.18
C LEU G 10 -36.25 32.28 15.59
N THR G 11 -37.57 32.43 15.75
CA THR G 11 -38.18 32.70 17.05
C THR G 11 -39.12 31.55 17.37
N THR G 12 -38.94 30.91 18.51
CA THR G 12 -39.79 29.78 18.86
C THR G 12 -40.37 29.94 20.28
N SER G 13 -41.31 29.08 20.63
CA SER G 13 -41.93 29.14 21.94
C SER G 13 -41.59 27.87 22.68
N PRO G 14 -41.31 27.96 23.98
CA PRO G 14 -40.97 26.77 24.75
C PRO G 14 -41.88 25.63 24.32
N GLY G 15 -41.31 24.44 24.14
CA GLY G 15 -42.12 23.32 23.73
C GLY G 15 -42.17 23.08 22.23
N GLU G 16 -42.42 24.15 21.46
CA GLU G 16 -42.47 24.05 20.00
C GLU G 16 -41.27 23.26 19.48
N THR G 17 -41.34 22.81 18.23
CA THR G 17 -40.21 22.07 17.69
C THR G 17 -39.68 22.80 16.48
N VAL G 18 -38.55 23.45 16.67
CA VAL G 18 -37.91 24.21 15.63
C VAL G 18 -36.96 23.32 14.82
N THR G 19 -36.81 23.64 13.54
CA THR G 19 -35.94 22.86 12.66
C THR G 19 -35.16 23.83 11.76
N LEU G 20 -33.84 23.80 11.91
CA LEU G 20 -32.98 24.65 11.10
C LEU G 20 -32.43 23.85 9.91
N THR G 21 -32.02 24.56 8.86
CA THR G 21 -31.48 23.90 7.68
C THR G 21 -30.14 24.50 7.24
N CYS G 22 -29.30 23.63 6.70
CA CYS G 22 -27.97 23.98 6.24
C CYS G 22 -27.95 23.61 4.75
N ARG G 23 -27.78 24.59 3.87
CA ARG G 23 -27.73 24.30 2.43
C ARG G 23 -26.37 24.70 1.85
N SER G 24 -25.99 24.09 0.74
CA SER G 24 -24.69 24.37 0.13
C SER G 24 -24.76 24.85 -1.31
N SER G 25 -23.90 25.79 -1.66
CA SER G 25 -23.85 26.33 -3.00
C SER G 25 -23.47 25.20 -3.96
N SER G 26 -22.33 24.57 -3.71
CA SER G 26 -21.85 23.47 -4.52
C SER G 26 -23.03 22.63 -5.02
N GLY G 27 -23.87 22.18 -4.09
CA GLY G 27 -25.01 21.38 -4.48
C GLY G 27 -25.71 20.65 -3.36
N ALA G 28 -26.18 19.45 -3.66
CA ALA G 28 -26.88 18.63 -2.68
C ALA G 28 -25.91 18.25 -1.59
N ILE G 29 -26.36 18.36 -0.35
CA ILE G 29 -25.52 18.00 0.78
C ILE G 29 -25.73 16.52 1.06
N THR G 30 -24.64 15.77 1.08
CA THR G 30 -24.70 14.34 1.33
C THR G 30 -24.04 14.04 2.67
N THR G 31 -23.85 12.76 2.96
CA THR G 31 -23.22 12.38 4.21
C THR G 31 -21.72 12.38 4.00
N SER G 32 -21.29 12.92 2.86
CA SER G 32 -19.88 13.01 2.55
C SER G 32 -19.39 14.38 2.99
N HIS G 33 -20.33 15.20 3.43
CA HIS G 33 -20.03 16.54 3.90
C HIS G 33 -19.83 16.49 5.41
N TYR G 34 -20.34 15.45 6.04
CA TYR G 34 -20.19 15.27 7.47
C TYR G 34 -20.80 16.43 8.24
N ALA G 35 -22.01 16.81 7.84
CA ALA G 35 -22.73 17.91 8.47
C ALA G 35 -22.43 17.97 9.95
N ASN G 36 -22.04 19.15 10.43
CA ASN G 36 -21.75 19.35 11.84
C ASN G 36 -22.45 20.63 12.32
N TRP G 37 -23.13 20.54 13.46
CA TRP G 37 -23.85 21.67 14.03
C TRP G 37 -23.26 22.09 15.36
N ILE G 38 -22.83 23.35 15.43
CA ILE G 38 -22.22 23.91 16.63
C ILE G 38 -23.13 24.93 17.29
N GLN G 39 -23.17 24.93 18.62
CA GLN G 39 -24.01 25.88 19.35
C GLN G 39 -23.15 27.00 19.92
N GLU G 40 -23.52 28.24 19.66
CA GLU G 40 -22.74 29.37 20.17
C GLU G 40 -23.51 30.27 21.16
N LYS G 41 -23.16 30.18 22.44
CA LYS G 41 -23.78 31.03 23.45
C LYS G 41 -22.87 32.23 23.66
N PRO G 42 -23.42 33.34 24.19
CA PRO G 42 -22.71 34.60 24.45
C PRO G 42 -21.27 34.50 24.95
N ASP G 43 -20.39 35.25 24.29
CA ASP G 43 -18.97 35.32 24.61
C ASP G 43 -18.09 34.22 24.02
N HIS G 44 -18.35 33.82 22.79
CA HIS G 44 -17.55 32.81 22.13
C HIS G 44 -17.53 31.43 22.72
N LEU G 45 -18.51 31.12 23.56
CA LEU G 45 -18.57 29.79 24.12
C LEU G 45 -19.19 28.93 23.04
N PHE G 46 -18.44 27.91 22.59
CA PHE G 46 -18.89 27.00 21.54
C PHE G 46 -19.02 25.58 22.06
N THR G 47 -20.02 24.87 21.56
CA THR G 47 -20.26 23.47 21.91
C THR G 47 -20.80 22.74 20.68
N GLY G 48 -20.24 21.56 20.42
CA GLY G 48 -20.70 20.78 19.30
C GLY G 48 -21.98 20.07 19.66
N LEU G 49 -22.97 20.18 18.80
CA LEU G 49 -24.24 19.54 19.04
C LEU G 49 -24.25 18.19 18.30
N ILE G 50 -24.21 18.27 16.97
CA ILE G 50 -24.22 17.08 16.13
C ILE G 50 -23.01 17.05 15.20
N SER G 51 -22.43 15.88 14.99
CA SER G 51 -21.29 15.73 14.09
C SER G 51 -21.59 14.56 13.17
N GLY G 52 -20.93 14.50 12.02
CA GLY G 52 -21.17 13.41 11.08
C GLY G 52 -22.62 13.29 10.66
N THR G 53 -23.23 14.41 10.29
CA THR G 53 -24.64 14.46 9.84
C THR G 53 -25.70 14.19 10.91
N ASN G 54 -25.50 13.19 11.77
CA ASN G 54 -26.49 12.89 12.80
C ASN G 54 -25.97 12.27 14.10
N ASN G 55 -24.70 12.50 14.43
CA ASN G 55 -24.16 11.96 15.66
C ASN G 55 -24.24 12.94 16.83
N ARG G 56 -25.19 12.71 17.72
CA ARG G 56 -25.35 13.58 18.87
C ARG G 56 -24.09 13.50 19.73
N ALA G 57 -23.53 14.66 20.09
CA ALA G 57 -22.32 14.70 20.90
C ALA G 57 -22.56 14.20 22.34
N PRO G 58 -21.50 13.72 23.01
CA PRO G 58 -21.64 13.21 24.38
C PRO G 58 -22.05 14.29 25.36
N GLY G 59 -23.30 14.23 25.83
CA GLY G 59 -23.76 15.22 26.79
C GLY G 59 -24.79 16.14 26.17
N VAL G 60 -25.15 15.86 24.92
CA VAL G 60 -26.12 16.68 24.23
C VAL G 60 -27.55 16.20 24.47
N PRO G 61 -28.42 17.10 24.95
CA PRO G 61 -29.83 16.78 25.22
C PRO G 61 -30.38 16.08 24.01
N ALA G 62 -31.10 14.99 24.23
CA ALA G 62 -31.65 14.22 23.13
C ALA G 62 -32.71 14.93 22.28
N ARG G 63 -33.12 16.14 22.66
CA ARG G 63 -34.13 16.85 21.87
C ARG G 63 -33.45 17.49 20.68
N PHE G 64 -32.16 17.20 20.55
CA PHE G 64 -31.32 17.69 19.47
C PHE G 64 -31.00 16.58 18.48
N SER G 65 -31.63 16.64 17.31
CA SER G 65 -31.42 15.62 16.30
C SER G 65 -30.80 16.17 15.01
N GLY G 66 -29.94 15.37 14.40
CA GLY G 66 -29.30 15.76 13.16
C GLY G 66 -29.72 14.86 12.01
N SER G 67 -29.89 15.43 10.83
CA SER G 67 -30.31 14.64 9.68
C SER G 67 -30.27 15.44 8.38
N LEU G 68 -30.33 14.72 7.26
CA LEU G 68 -30.37 15.34 5.94
C LEU G 68 -31.82 15.34 5.54
N ILE G 69 -32.24 16.39 4.85
CA ILE G 69 -33.63 16.50 4.42
C ILE G 69 -33.62 17.00 3.00
N GLY G 70 -33.56 16.07 2.07
CA GLY G 70 -33.54 16.46 0.67
C GLY G 70 -32.09 16.76 0.35
N ASP G 71 -31.86 17.94 -0.24
CA ASP G 71 -30.51 18.35 -0.61
C ASP G 71 -29.85 19.14 0.51
N LYS G 72 -30.58 19.34 1.60
CA LYS G 72 -30.07 20.09 2.74
C LYS G 72 -29.88 19.25 4.01
N ALA G 73 -28.91 19.68 4.82
CA ALA G 73 -28.64 19.05 6.10
C ALA G 73 -29.47 19.91 7.05
N ALA G 74 -29.95 19.33 8.14
CA ALA G 74 -30.75 20.14 9.04
C ALA G 74 -30.65 19.70 10.48
N LEU G 75 -30.93 20.64 11.37
CA LEU G 75 -30.91 20.39 12.81
C LEU G 75 -32.33 20.59 13.32
N THR G 76 -32.79 19.67 14.17
CA THR G 76 -34.13 19.78 14.74
C THR G 76 -34.08 19.73 16.26
N ILE G 77 -34.88 20.61 16.86
CA ILE G 77 -35.00 20.69 18.30
C ILE G 77 -36.45 20.33 18.63
N THR G 78 -36.65 19.12 19.14
CA THR G 78 -37.97 18.65 19.50
C THR G 78 -38.27 19.04 20.93
N GLY G 79 -39.08 20.09 21.09
CA GLY G 79 -39.40 20.55 22.42
C GLY G 79 -38.30 21.46 22.93
N ALA G 80 -38.32 22.69 22.46
CA ALA G 80 -37.33 23.69 22.82
C ALA G 80 -37.42 24.18 24.25
N GLN G 81 -36.25 24.41 24.85
CA GLN G 81 -36.15 24.92 26.21
C GLN G 81 -35.71 26.38 26.09
N THR G 82 -35.80 27.12 27.18
CA THR G 82 -35.39 28.52 27.15
C THR G 82 -33.87 28.61 27.03
N GLU G 83 -33.21 27.55 27.46
CA GLU G 83 -31.75 27.46 27.41
C GLU G 83 -31.28 27.17 26.00
N ASP G 84 -32.23 26.90 25.12
CA ASP G 84 -31.88 26.60 23.75
C ASP G 84 -31.67 27.85 22.92
N GLU G 85 -31.92 29.00 23.52
CA GLU G 85 -31.72 30.26 22.81
C GLU G 85 -30.22 30.42 22.58
N ALA G 86 -29.80 30.36 21.32
CA ALA G 86 -28.40 30.48 20.98
C ALA G 86 -28.21 30.65 19.49
N ILE G 87 -26.96 30.59 19.04
CA ILE G 87 -26.67 30.71 17.64
C ILE G 87 -26.15 29.37 17.16
N TYR G 88 -26.89 28.79 16.22
CA TYR G 88 -26.58 27.50 15.67
C TYR G 88 -25.84 27.65 14.37
N ILE G 89 -24.60 27.16 14.39
CA ILE G 89 -23.69 27.24 13.27
C ILE G 89 -23.45 25.85 12.70
N CYS G 90 -23.63 25.69 11.39
CA CYS G 90 -23.40 24.41 10.77
C CYS G 90 -22.20 24.44 9.84
N ALA G 91 -21.45 23.35 9.82
CA ALA G 91 -20.28 23.29 8.98
C ALA G 91 -20.32 22.05 8.12
N LEU G 92 -19.86 22.20 6.88
CA LEU G 92 -19.80 21.11 5.92
C LEU G 92 -18.35 20.89 5.50
N TRP G 93 -17.97 19.62 5.42
CA TRP G 93 -16.63 19.25 5.02
C TRP G 93 -16.48 19.45 3.53
N PHE G 94 -15.33 19.94 3.10
CA PHE G 94 -15.06 20.14 1.69
C PHE G 94 -13.62 19.80 1.51
N SER G 95 -13.29 18.57 1.88
CA SER G 95 -11.94 18.01 1.79
C SER G 95 -10.87 19.04 2.11
N ASN G 96 -10.11 18.76 3.17
CA ASN G 96 -9.03 19.63 3.61
C ASN G 96 -9.46 20.83 4.48
N GLN G 97 -10.73 20.84 4.91
CA GLN G 97 -11.25 21.89 5.77
C GLN G 97 -12.76 21.88 5.92
N PHE G 98 -13.25 22.47 7.01
CA PHE G 98 -14.67 22.59 7.26
C PHE G 98 -15.00 24.02 6.90
N ILE G 99 -16.16 24.21 6.27
CA ILE G 99 -16.63 25.54 5.89
C ILE G 99 -17.85 25.84 6.75
N PHE G 100 -17.88 27.02 7.37
CA PHE G 100 -19.00 27.34 8.25
C PHE G 100 -20.07 28.25 7.69
N GLY G 101 -21.30 28.05 8.15
CA GLY G 101 -22.39 28.92 7.74
C GLY G 101 -22.37 30.15 8.65
N SER G 102 -22.90 31.27 8.19
CA SER G 102 -22.91 32.49 8.99
C SER G 102 -23.78 32.38 10.24
N GLY G 103 -24.20 31.16 10.57
CA GLY G 103 -25.00 30.92 11.77
C GLY G 103 -26.46 31.34 11.77
N THR G 104 -27.24 30.62 12.60
CA THR G 104 -28.68 30.84 12.78
C THR G 104 -28.93 31.28 14.24
N LYS G 105 -29.62 32.40 14.43
CA LYS G 105 -29.89 32.89 15.78
C LYS G 105 -31.28 32.48 16.30
N VAL G 106 -31.33 31.48 17.17
CA VAL G 106 -32.61 31.04 17.73
C VAL G 106 -33.05 31.82 18.98
N THR G 107 -34.32 32.22 19.01
CA THR G 107 -34.86 33.00 20.11
C THR G 107 -36.09 32.35 20.77
N VAL G 108 -35.99 32.07 22.07
CA VAL G 108 -37.09 31.46 22.83
C VAL G 108 -37.84 32.57 23.59
N LYS G 113 -39.19 36.02 33.58
CA LYS G 113 -39.20 37.41 33.98
C LYS G 113 -38.64 37.44 35.40
N SER G 114 -37.51 38.11 35.59
CA SER G 114 -36.86 38.18 36.88
C SER G 114 -36.49 39.62 37.24
N SER G 115 -36.77 40.01 38.48
CA SER G 115 -36.42 41.37 38.88
C SER G 115 -34.92 41.45 39.13
N PRO G 116 -34.32 42.59 38.81
CA PRO G 116 -32.89 42.79 39.00
C PRO G 116 -32.41 42.98 40.43
N SER G 117 -31.18 42.56 40.67
CA SER G 117 -30.57 42.71 41.95
C SER G 117 -29.59 43.83 41.79
N VAL G 118 -29.82 44.90 42.54
CA VAL G 118 -28.98 46.07 42.51
C VAL G 118 -27.88 46.00 43.58
N THR G 119 -26.65 46.37 43.23
CA THR G 119 -25.54 46.38 44.18
C THR G 119 -24.70 47.65 44.02
N LEU G 120 -24.76 48.54 45.02
CA LEU G 120 -24.02 49.82 45.01
C LEU G 120 -22.67 49.63 45.72
N PHE G 121 -21.71 50.45 45.37
CA PHE G 121 -20.38 50.42 45.99
C PHE G 121 -19.94 51.88 46.07
N PRO G 122 -19.46 52.31 47.25
CA PRO G 122 -19.02 53.70 47.39
C PRO G 122 -17.62 53.92 46.79
N PRO G 123 -17.20 55.18 46.65
CA PRO G 123 -15.87 55.46 46.09
C PRO G 123 -14.79 54.75 46.87
N SER G 124 -13.72 54.37 46.18
CA SER G 124 -12.62 53.71 46.83
C SER G 124 -11.83 54.81 47.52
N SER G 125 -11.24 54.48 48.66
CA SER G 125 -10.44 55.47 49.39
C SER G 125 -9.35 55.98 48.43
N GLU G 126 -8.62 55.04 47.85
CA GLU G 126 -7.56 55.34 46.91
C GLU G 126 -8.06 56.30 45.85
N GLU G 127 -9.23 56.06 45.29
CA GLU G 127 -9.76 56.95 44.25
C GLU G 127 -10.08 58.35 44.80
N LEU G 128 -10.69 58.39 45.98
CA LEU G 128 -11.03 59.68 46.58
C LEU G 128 -9.79 60.54 46.68
N GLU G 129 -8.68 59.92 47.09
CA GLU G 129 -7.41 60.62 47.23
C GLU G 129 -7.06 61.38 45.94
N THR G 130 -7.45 60.84 44.80
CA THR G 130 -7.19 61.47 43.51
C THR G 130 -8.27 62.54 43.21
N ASN G 131 -9.03 62.90 44.25
CA ASN G 131 -10.12 63.88 44.16
C ASN G 131 -11.24 63.42 43.23
N LYS G 132 -11.24 62.14 42.92
CA LYS G 132 -12.26 61.54 42.04
C LYS G 132 -13.15 60.62 42.88
N ALA G 133 -14.36 60.38 42.41
CA ALA G 133 -15.28 59.49 43.12
C ALA G 133 -16.20 58.82 42.11
N THR G 134 -16.10 57.50 42.02
CA THR G 134 -16.93 56.75 41.08
C THR G 134 -17.90 55.86 41.80
N LEU G 135 -19.18 56.21 41.74
CA LEU G 135 -20.21 55.38 42.36
C LEU G 135 -20.52 54.24 41.39
N VAL G 136 -20.41 53.01 41.88
CA VAL G 136 -20.66 51.83 41.07
C VAL G 136 -21.99 51.16 41.39
N CYS G 137 -22.81 50.95 40.38
CA CYS G 137 -24.08 50.30 40.58
C CYS G 137 -24.15 49.10 39.66
N THR G 138 -23.93 47.90 40.22
CA THR G 138 -23.96 46.71 39.39
C THR G 138 -25.33 46.00 39.45
N ILE G 139 -26.00 45.97 38.31
CA ILE G 139 -27.33 45.40 38.11
C ILE G 139 -27.31 43.96 37.57
N THR G 140 -27.94 43.01 38.26
CA THR G 140 -27.93 41.62 37.81
C THR G 140 -29.23 40.84 37.94
N ASP G 141 -29.19 39.58 37.50
CA ASP G 141 -30.31 38.66 37.57
C ASP G 141 -31.61 39.08 36.94
N PHE G 142 -31.57 39.83 35.85
CA PHE G 142 -32.82 40.22 35.25
C PHE G 142 -33.03 39.71 33.85
N TYR G 143 -34.31 39.54 33.51
CA TYR G 143 -34.79 39.07 32.21
C TYR G 143 -36.25 39.53 32.27
N PRO G 144 -36.76 40.13 31.19
CA PRO G 144 -36.05 40.40 29.94
C PRO G 144 -34.92 41.41 30.11
N GLY G 145 -33.96 41.38 29.19
CA GLY G 145 -32.83 42.29 29.24
C GLY G 145 -33.24 43.62 28.68
N VAL G 146 -33.79 44.46 29.54
CA VAL G 146 -34.26 45.77 29.15
C VAL G 146 -34.61 46.58 30.40
N VAL G 147 -33.69 47.44 30.84
CA VAL G 147 -33.90 48.26 32.04
C VAL G 147 -33.55 49.71 31.81
N THR G 148 -33.92 50.53 32.76
CA THR G 148 -33.67 51.96 32.71
C THR G 148 -33.10 52.39 34.04
N VAL G 149 -31.80 52.71 34.09
CA VAL G 149 -31.24 53.13 35.37
C VAL G 149 -31.20 54.66 35.49
N ASP G 150 -31.54 55.15 36.68
CA ASP G 150 -31.55 56.58 36.94
C ASP G 150 -30.78 56.73 38.24
N TRP G 151 -30.07 57.85 38.42
CA TRP G 151 -29.34 58.07 39.66
C TRP G 151 -29.96 59.25 40.33
N LYS G 152 -29.97 59.25 41.64
CA LYS G 152 -30.53 60.36 42.37
C LYS G 152 -29.53 60.73 43.45
N VAL G 153 -29.48 62.02 43.77
CA VAL G 153 -28.58 62.50 44.78
C VAL G 153 -29.41 63.38 45.68
N ASP G 154 -29.57 62.96 46.94
CA ASP G 154 -30.39 63.70 47.89
C ASP G 154 -31.82 63.67 47.35
N GLY G 155 -32.24 62.49 46.90
CA GLY G 155 -33.58 62.33 46.36
C GLY G 155 -33.80 63.05 45.05
N THR G 156 -32.84 63.87 44.63
CA THR G 156 -32.94 64.63 43.39
C THR G 156 -32.22 63.90 42.27
N PRO G 157 -32.86 63.81 41.09
CA PRO G 157 -32.23 63.12 39.96
C PRO G 157 -31.07 63.90 39.36
N VAL G 158 -30.07 63.17 38.89
CA VAL G 158 -28.89 63.76 38.28
C VAL G 158 -28.72 63.18 36.88
N THR G 159 -28.37 64.01 35.92
CA THR G 159 -28.23 63.54 34.56
C THR G 159 -26.78 63.39 34.13
N GLN G 160 -25.96 64.36 34.52
CA GLN G 160 -24.55 64.38 34.16
C GLN G 160 -23.64 63.45 34.94
N GLY G 161 -22.66 62.92 34.23
CA GLY G 161 -21.68 62.04 34.87
C GLY G 161 -22.12 60.62 35.07
N MET G 162 -23.13 60.18 34.33
CA MET G 162 -23.61 58.82 34.48
C MET G 162 -23.37 57.97 33.22
N GLU G 163 -22.71 56.83 33.42
CA GLU G 163 -22.37 55.89 32.35
C GLU G 163 -22.99 54.54 32.66
N THR G 164 -23.91 54.07 31.80
CA THR G 164 -24.55 52.77 32.03
C THR G 164 -24.30 51.83 30.88
N THR G 165 -23.85 50.62 31.17
CA THR G 165 -23.55 49.61 30.16
C THR G 165 -24.74 49.12 29.34
N GLN G 166 -24.48 48.08 28.56
CA GLN G 166 -25.49 47.46 27.73
C GLN G 166 -25.74 46.12 28.38
N PRO G 167 -26.98 45.65 28.37
CA PRO G 167 -27.23 44.36 28.98
C PRO G 167 -26.37 43.24 28.34
N SER G 168 -25.91 42.30 29.15
CA SER G 168 -25.11 41.19 28.64
C SER G 168 -25.68 39.90 29.17
N LYS G 169 -25.97 38.98 28.28
CA LYS G 169 -26.54 37.70 28.68
C LYS G 169 -25.53 36.96 29.55
N GLN G 170 -26.00 36.37 30.65
CA GLN G 170 -25.14 35.64 31.56
C GLN G 170 -25.36 34.15 31.36
N SER G 171 -24.38 33.35 31.76
CA SER G 171 -24.46 31.90 31.63
C SER G 171 -25.73 31.35 32.26
N ASN G 172 -26.28 32.08 33.23
CA ASN G 172 -27.51 31.65 33.89
C ASN G 172 -28.74 32.07 33.08
N ASN G 173 -28.51 32.44 31.83
CA ASN G 173 -29.58 32.86 30.93
C ASN G 173 -30.34 34.06 31.51
N LYS G 174 -29.58 35.05 31.97
CA LYS G 174 -30.15 36.28 32.53
C LYS G 174 -29.19 37.40 32.20
N TYR G 175 -29.72 38.61 32.06
CA TYR G 175 -28.90 39.77 31.72
C TYR G 175 -28.32 40.47 32.94
N MET G 176 -27.31 41.30 32.69
CA MET G 176 -26.63 42.03 33.73
C MET G 176 -26.13 43.30 33.10
N ALA G 177 -25.94 44.35 33.89
CA ALA G 177 -25.46 45.62 33.39
C ALA G 177 -24.86 46.45 34.53
N SER G 178 -24.15 47.51 34.18
CA SER G 178 -23.55 48.35 35.22
C SER G 178 -23.69 49.83 34.89
N SER G 179 -23.82 50.64 35.93
CA SER G 179 -23.96 52.08 35.77
C SER G 179 -22.94 52.79 36.66
N TYR G 180 -22.36 53.86 36.14
CA TYR G 180 -21.35 54.60 36.88
C TYR G 180 -21.74 56.04 37.07
N LEU G 181 -21.49 56.55 38.26
CA LEU G 181 -21.78 57.95 38.55
C LEU G 181 -20.42 58.55 38.85
N THR G 182 -19.94 59.40 37.95
CA THR G 182 -18.63 60.03 38.13
C THR G 182 -18.78 61.33 38.89
N LEU G 183 -18.16 61.41 40.07
CA LEU G 183 -18.24 62.61 40.88
C LEU G 183 -16.84 63.07 41.31
N THR G 184 -16.80 64.17 42.04
CA THR G 184 -15.54 64.68 42.56
C THR G 184 -15.59 64.38 44.04
N ALA G 185 -14.42 64.19 44.65
CA ALA G 185 -14.39 63.91 46.08
C ALA G 185 -15.29 64.93 46.78
N ARG G 186 -15.32 66.15 46.25
CA ARG G 186 -16.14 67.21 46.82
C ARG G 186 -17.60 66.77 46.83
N ALA G 187 -18.17 66.73 45.63
CA ALA G 187 -19.56 66.36 45.43
C ALA G 187 -19.95 65.13 46.27
N TRP G 188 -19.11 64.10 46.27
CA TRP G 188 -19.40 62.89 47.04
C TRP G 188 -19.68 63.14 48.52
N GLU G 189 -18.93 64.03 49.16
CA GLU G 189 -19.09 64.35 50.58
C GLU G 189 -20.15 65.45 50.79
N ARG G 190 -20.33 66.26 49.76
CA ARG G 190 -21.27 67.36 49.77
C ARG G 190 -22.75 66.94 49.84
N HIS G 191 -23.03 65.64 49.71
CA HIS G 191 -24.42 65.15 49.73
C HIS G 191 -24.77 64.16 50.81
N SER G 192 -26.06 63.95 51.03
CA SER G 192 -26.48 63.04 52.08
C SER G 192 -26.64 61.60 51.63
N SER G 193 -27.03 61.42 50.36
CA SER G 193 -27.21 60.07 49.85
C SER G 193 -27.25 60.06 48.33
N TYR G 194 -27.00 58.89 47.77
CA TYR G 194 -27.06 58.69 46.33
C TYR G 194 -27.89 57.47 46.15
N SER G 195 -28.80 57.54 45.21
CA SER G 195 -29.69 56.44 44.96
C SER G 195 -29.52 55.96 43.52
N CYS G 196 -29.27 54.65 43.37
CA CYS G 196 -29.17 54.04 42.06
C CYS G 196 -30.55 53.43 41.90
N GLN G 197 -31.31 53.94 40.93
CA GLN G 197 -32.67 53.44 40.69
C GLN G 197 -32.85 52.73 39.35
N VAL G 198 -33.36 51.51 39.41
CA VAL G 198 -33.58 50.72 38.20
C VAL G 198 -35.07 50.47 37.98
N THR G 199 -35.50 50.60 36.74
CA THR G 199 -36.90 50.35 36.42
C THR G 199 -36.92 49.23 35.42
N HIS G 200 -37.64 48.17 35.77
CA HIS G 200 -37.70 47.01 34.91
C HIS G 200 -39.09 46.38 34.90
N GLU G 201 -39.57 46.08 33.70
CA GLU G 201 -40.87 45.47 33.48
C GLU G 201 -42.00 45.98 34.37
N GLY G 202 -42.18 47.30 34.41
CA GLY G 202 -43.27 47.83 35.21
C GLY G 202 -42.93 48.25 36.61
N HIS G 203 -42.07 47.50 37.30
CA HIS G 203 -41.72 47.96 38.63
C HIS G 203 -40.29 48.46 38.84
N THR G 204 -40.13 49.29 39.89
CA THR G 204 -38.86 49.92 40.23
C THR G 204 -38.14 49.35 41.43
N VAL G 205 -36.82 49.34 41.34
CA VAL G 205 -35.97 48.85 42.40
C VAL G 205 -34.93 49.93 42.63
N GLU G 206 -34.67 50.28 43.88
CA GLU G 206 -33.66 51.28 44.14
C GLU G 206 -32.92 51.09 45.46
N LYS G 207 -31.62 51.40 45.41
CA LYS G 207 -30.73 51.31 46.56
C LYS G 207 -29.98 52.63 46.70
N SER G 208 -29.56 52.91 47.94
CA SER G 208 -28.86 54.14 48.22
C SER G 208 -27.70 53.92 49.18
N LEU G 209 -26.76 54.85 49.17
CA LEU G 209 -25.64 54.78 50.08
C LEU G 209 -25.37 56.21 50.51
N SER G 210 -24.93 56.39 51.76
CA SER G 210 -24.68 57.73 52.29
C SER G 210 -23.22 58.00 52.59
N ALA G 211 -22.68 59.08 52.04
CA ALA G 211 -21.27 59.42 52.30
C ALA G 211 -20.92 59.30 53.79
N ALA G 212 -21.91 59.51 54.66
CA ALA G 212 -21.73 59.42 56.11
C ALA G 212 -21.51 57.95 56.54
N GLU H 1 -14.84 17.07 32.27
CA GLU H 1 -13.38 17.13 32.59
C GLU H 1 -12.57 17.60 31.40
N VAL H 2 -13.07 17.34 30.19
CA VAL H 2 -12.38 17.75 28.98
C VAL H 2 -12.20 19.25 29.00
N GLN H 3 -11.04 19.73 28.61
CA GLN H 3 -10.86 21.16 28.58
C GLN H 3 -9.64 21.58 27.81
N LEU H 4 -9.82 22.60 26.98
CA LEU H 4 -8.78 23.17 26.15
C LEU H 4 -8.74 24.60 26.61
N GLN H 5 -7.61 25.02 27.16
CA GLN H 5 -7.45 26.39 27.66
C GLN H 5 -6.51 27.15 26.74
N GLN H 6 -6.94 28.32 26.28
CA GLN H 6 -6.14 29.13 25.36
C GLN H 6 -5.38 30.26 26.07
N SER H 7 -4.26 30.70 25.49
CA SER H 7 -3.51 31.77 26.11
C SER H 7 -4.40 33.02 26.08
N GLY H 8 -3.93 34.11 26.68
CA GLY H 8 -4.74 35.31 26.74
C GLY H 8 -4.75 36.23 25.54
N ALA H 9 -5.52 37.30 25.64
CA ALA H 9 -5.63 38.28 24.56
C ALA H 9 -4.26 38.73 24.10
N GLU H 10 -4.20 39.28 22.90
CA GLU H 10 -2.94 39.73 22.38
C GLU H 10 -3.13 40.93 21.46
N LEU H 11 -2.33 41.95 21.71
CA LEU H 11 -2.35 43.17 20.92
C LEU H 11 -1.06 42.99 20.16
N ALA H 12 -1.03 43.39 18.90
CA ALA H 12 0.19 43.25 18.12
C ALA H 12 0.16 44.22 16.97
N ARG H 13 1.33 44.74 16.63
CA ARG H 13 1.43 45.69 15.53
C ARG H 13 1.46 44.93 14.21
N PRO H 14 1.15 45.62 13.11
CA PRO H 14 1.15 44.98 11.80
C PRO H 14 2.56 44.45 11.49
N GLY H 15 2.63 43.40 10.67
CA GLY H 15 3.91 42.85 10.31
C GLY H 15 4.53 41.98 11.38
N ALA H 16 4.06 42.11 12.61
CA ALA H 16 4.58 41.31 13.70
C ALA H 16 4.07 39.87 13.63
N SER H 17 4.08 39.20 14.77
CA SER H 17 3.60 37.82 14.84
C SER H 17 3.20 37.44 16.26
N VAL H 18 2.42 36.37 16.38
CA VAL H 18 1.96 35.91 17.68
C VAL H 18 2.02 34.39 17.81
N LYS H 19 2.21 33.94 19.04
CA LYS H 19 2.29 32.53 19.33
C LYS H 19 1.15 32.26 20.31
N LEU H 20 0.05 31.74 19.79
CA LEU H 20 -1.08 31.45 20.64
C LEU H 20 -0.94 30.03 21.12
N SER H 21 -1.73 29.62 22.10
CA SER H 21 -1.65 28.27 22.61
C SER H 21 -2.93 27.65 23.17
N CYS H 22 -3.14 26.37 22.84
CA CYS H 22 -4.29 25.61 23.34
C CYS H 22 -3.74 24.42 24.11
N ARG H 23 -4.02 24.40 25.42
CA ARG H 23 -3.57 23.30 26.28
C ARG H 23 -4.76 22.41 26.55
N THR H 24 -4.58 21.11 26.38
CA THR H 24 -5.66 20.17 26.62
C THR H 24 -5.44 19.46 27.94
N SER H 25 -6.48 18.78 28.42
CA SER H 25 -6.40 18.03 29.66
C SER H 25 -7.75 17.39 29.94
N GLY H 26 -7.83 16.10 29.65
CA GLY H 26 -9.07 15.40 29.87
C GLY H 26 -9.24 14.31 28.83
N TYR H 27 -8.18 14.08 28.07
CA TYR H 27 -8.19 13.07 27.02
C TYR H 27 -6.79 12.95 26.42
N SER H 28 -6.56 11.90 25.64
CA SER H 28 -5.25 11.70 25.03
C SER H 28 -4.88 12.78 24.02
N PHE H 29 -3.93 13.61 24.41
CA PHE H 29 -3.44 14.69 23.58
C PHE H 29 -2.97 14.16 22.23
N THR H 30 -2.48 12.93 22.25
CA THR H 30 -1.94 12.28 21.07
C THR H 30 -2.90 11.63 20.07
N THR H 31 -3.98 11.04 20.56
CA THR H 31 -4.94 10.38 19.68
C THR H 31 -6.10 11.26 19.19
N TYR H 32 -5.97 12.58 19.36
CA TYR H 32 -7.00 13.52 18.92
C TYR H 32 -6.43 14.61 18.02
N TRP H 33 -7.29 15.20 17.21
CA TRP H 33 -6.88 16.30 16.35
C TRP H 33 -7.14 17.60 17.09
N MET H 34 -6.47 18.64 16.63
CA MET H 34 -6.58 19.98 17.20
C MET H 34 -6.70 20.95 16.03
N GLN H 35 -7.83 21.63 15.90
CA GLN H 35 -7.99 22.58 14.80
C GLN H 35 -8.17 23.98 15.31
N TRP H 36 -7.79 24.93 14.48
CA TRP H 36 -7.96 26.32 14.85
C TRP H 36 -8.92 26.95 13.88
N VAL H 37 -9.85 27.71 14.43
CA VAL H 37 -10.85 28.44 13.65
C VAL H 37 -10.65 29.87 14.11
N ARG H 38 -11.14 30.83 13.35
CA ARG H 38 -11.00 32.21 13.76
C ARG H 38 -12.22 32.95 13.26
N GLN H 39 -12.76 33.82 14.10
CA GLN H 39 -13.94 34.58 13.73
C GLN H 39 -13.59 36.08 13.74
N ARG H 40 -13.58 36.68 12.56
CA ARG H 40 -13.22 38.08 12.50
C ARG H 40 -14.41 38.89 12.95
N PRO H 41 -14.17 40.15 13.36
CA PRO H 41 -15.23 41.04 13.84
C PRO H 41 -16.64 40.52 13.68
N GLY H 42 -17.20 40.56 12.48
CA GLY H 42 -18.54 40.04 12.36
C GLY H 42 -18.70 39.14 11.16
N GLN H 43 -17.84 38.14 11.00
CA GLN H 43 -17.93 37.33 9.81
C GLN H 43 -18.09 35.82 9.80
N GLY H 44 -18.35 35.17 10.92
CA GLY H 44 -18.49 33.71 10.81
C GLY H 44 -17.17 32.97 10.72
N LEU H 45 -17.15 31.78 11.29
CA LEU H 45 -15.97 30.92 11.38
C LEU H 45 -15.18 30.63 10.12
N GLU H 46 -13.86 30.68 10.26
CA GLU H 46 -12.89 30.44 9.18
C GLU H 46 -11.90 29.36 9.60
N TRP H 47 -11.92 28.24 8.91
CA TRP H 47 -11.03 27.14 9.23
C TRP H 47 -9.59 27.45 8.86
N ILE H 48 -8.68 27.32 9.82
CA ILE H 48 -7.25 27.58 9.57
C ILE H 48 -6.43 26.33 9.28
N ALA H 49 -6.11 25.57 10.33
CA ALA H 49 -5.31 24.36 10.20
C ALA H 49 -5.67 23.39 11.30
N ALA H 50 -5.04 22.22 11.29
CA ALA H 50 -5.28 21.23 12.32
C ALA H 50 -3.99 20.47 12.49
N ILE H 51 -3.85 19.71 13.56
CA ILE H 51 -2.61 19.00 13.75
C ILE H 51 -2.88 17.78 14.57
N TYR H 52 -2.25 16.67 14.23
CA TYR H 52 -2.43 15.45 15.00
C TYR H 52 -1.20 15.40 15.90
N PRO H 53 -1.32 15.95 17.12
CA PRO H 53 -0.23 16.00 18.09
C PRO H 53 0.68 14.77 18.14
N GLY H 54 0.10 13.61 18.38
CA GLY H 54 0.90 12.40 18.45
C GLY H 54 1.30 11.90 17.08
N ASP H 55 1.78 12.78 16.23
CA ASP H 55 2.15 12.38 14.88
C ASP H 55 2.83 13.55 14.19
N ASP H 56 2.64 14.73 14.77
CA ASP H 56 3.21 15.95 14.22
C ASP H 56 2.68 16.22 12.80
N ASP H 57 1.49 15.70 12.52
CA ASP H 57 0.84 15.87 11.21
C ASP H 57 0.03 17.18 11.18
N ALA H 58 0.57 18.20 10.52
CA ALA H 58 -0.15 19.45 10.46
C ALA H 58 -0.69 19.75 9.07
N ARG H 59 -2.01 19.80 8.96
CA ARG H 59 -2.64 20.09 7.70
C ARG H 59 -3.12 21.53 7.68
N TYR H 60 -2.86 22.24 6.58
CA TYR H 60 -3.24 23.64 6.46
C TYR H 60 -4.14 23.87 5.26
N THR H 61 -4.72 25.06 5.16
CA THR H 61 -5.58 25.37 4.01
C THR H 61 -4.79 26.39 3.20
N GLN H 62 -5.10 26.48 1.91
CA GLN H 62 -4.40 27.42 1.02
C GLN H 62 -4.25 28.81 1.65
N LYS H 63 -5.35 29.29 2.22
CA LYS H 63 -5.42 30.61 2.82
C LYS H 63 -4.40 30.89 3.93
N PHE H 64 -4.00 29.86 4.66
CA PHE H 64 -3.06 30.05 5.74
C PHE H 64 -1.73 29.36 5.55
N LYS H 65 -1.63 28.58 4.48
CA LYS H 65 -0.41 27.85 4.19
C LYS H 65 0.77 28.75 4.55
N GLY H 66 0.72 29.98 4.04
CA GLY H 66 1.79 30.92 4.34
C GLY H 66 1.97 31.28 5.82
N LYS H 67 1.15 32.18 6.33
CA LYS H 67 1.24 32.62 7.73
C LYS H 67 1.19 31.57 8.83
N ALA H 68 0.00 31.10 9.17
CA ALA H 68 -0.16 30.10 10.23
C ALA H 68 0.73 28.86 10.15
N THR H 69 1.19 28.38 11.31
CA THR H 69 1.99 27.15 11.41
C THR H 69 1.76 26.53 12.79
N LEU H 70 1.42 25.25 12.82
CA LEU H 70 1.15 24.58 14.09
C LEU H 70 2.28 23.68 14.58
N THR H 71 2.66 23.86 15.85
CA THR H 71 3.69 23.04 16.47
C THR H 71 3.00 22.33 17.64
N ALA H 72 3.60 21.24 18.14
CA ALA H 72 2.99 20.51 19.25
C ALA H 72 4.02 20.03 20.25
N ASP H 73 3.79 20.37 21.52
CA ASP H 73 4.69 19.99 22.59
C ASP H 73 4.04 18.87 23.37
N ARG H 74 4.20 17.65 22.86
CA ARG H 74 3.60 16.47 23.49
C ARG H 74 3.82 16.33 25.00
N SER H 75 4.83 17.00 25.54
CA SER H 75 5.09 16.89 26.98
C SER H 75 4.32 17.90 27.84
N SER H 76 3.34 18.57 27.24
CA SER H 76 2.54 19.55 27.97
C SER H 76 1.09 19.53 27.54
N SER H 77 0.80 18.78 26.49
CA SER H 77 -0.56 18.74 25.96
C SER H 77 -0.88 20.17 25.54
N ILE H 78 0.09 20.79 24.88
CA ILE H 78 -0.03 22.16 24.43
C ILE H 78 0.31 22.24 22.95
N VAL H 79 -0.46 23.05 22.22
CA VAL H 79 -0.26 23.23 20.79
C VAL H 79 -0.17 24.72 20.48
N TYR H 80 0.92 25.11 19.84
CA TYR H 80 1.12 26.51 19.51
C TYR H 80 0.71 26.86 18.08
N LEU H 81 -0.15 27.85 17.95
CA LEU H 81 -0.59 28.30 16.64
C LEU H 81 0.10 29.64 16.44
N GLN H 82 1.03 29.68 15.50
CA GLN H 82 1.78 30.90 15.28
C GLN H 82 1.38 31.60 14.02
N LEU H 83 0.86 32.81 14.15
CA LEU H 83 0.48 33.59 12.98
C LEU H 83 1.63 34.51 12.62
N ASN H 84 1.85 34.71 11.32
CA ASN H 84 2.93 35.57 10.87
C ASN H 84 2.43 36.74 10.05
N SER H 85 3.30 37.74 9.91
CA SER H 85 3.01 38.94 9.14
C SER H 85 1.57 39.39 9.33
N LEU H 86 1.15 39.54 10.60
CA LEU H 86 -0.21 39.96 10.91
C LEU H 86 -0.54 41.30 10.26
N THR H 87 -1.82 41.48 9.91
CA THR H 87 -2.30 42.72 9.30
C THR H 87 -3.64 43.01 9.94
N SER H 88 -4.12 44.23 9.79
CA SER H 88 -5.40 44.54 10.37
C SER H 88 -6.37 43.38 10.12
N GLU H 89 -6.41 42.89 8.89
CA GLU H 89 -7.31 41.80 8.53
C GLU H 89 -7.27 40.58 9.43
N ASP H 90 -6.20 40.42 10.21
CA ASP H 90 -6.10 39.25 11.10
C ASP H 90 -6.63 39.42 12.50
N SER H 91 -7.27 40.56 12.79
CA SER H 91 -7.82 40.83 14.12
C SER H 91 -9.09 40.02 14.22
N ALA H 92 -9.12 39.07 15.17
CA ALA H 92 -10.26 38.22 15.38
C ALA H 92 -10.05 37.35 16.59
N VAL H 93 -11.07 36.57 16.92
CA VAL H 93 -10.96 35.66 18.04
C VAL H 93 -10.56 34.31 17.45
N TYR H 94 -9.44 33.79 17.91
CA TYR H 94 -8.95 32.52 17.43
C TYR H 94 -9.34 31.48 18.47
N SER H 95 -10.23 30.56 18.09
CA SER H 95 -10.65 29.54 19.02
C SER H 95 -9.92 28.27 18.68
N CYS H 96 -10.23 27.21 19.40
CA CYS H 96 -9.58 25.94 19.15
C CYS H 96 -10.51 24.84 19.68
N SER H 97 -10.57 23.73 18.94
CA SER H 97 -11.44 22.64 19.33
C SER H 97 -10.69 21.34 19.10
N ARG H 98 -11.33 20.22 19.45
CA ARG H 98 -10.71 18.90 19.27
C ARG H 98 -11.58 18.10 18.31
N GLY H 99 -11.13 16.88 18.01
CA GLY H 99 -11.87 16.03 17.11
C GLY H 99 -11.14 14.71 16.91
N ARG H 100 -11.89 13.63 16.72
CA ARG H 100 -11.27 12.33 16.51
C ARG H 100 -11.36 11.93 15.04
N SER H 101 -12.49 12.20 14.42
CA SER H 101 -12.70 11.85 13.02
C SER H 101 -13.67 12.83 12.41
N LEU H 102 -13.83 12.77 11.10
CA LEU H 102 -14.76 13.66 10.41
C LEU H 102 -16.17 13.32 10.84
N TYR H 103 -16.33 12.15 11.45
CA TYR H 103 -17.65 11.73 11.92
C TYR H 103 -17.94 12.27 13.30
N TYR H 104 -16.87 12.48 14.08
CA TYR H 104 -16.99 13.01 15.43
C TYR H 104 -15.93 14.09 15.61
N THR H 105 -16.37 15.34 15.69
CA THR H 105 -15.44 16.44 15.84
C THR H 105 -16.08 17.77 16.22
N MET H 106 -15.26 18.63 16.83
CA MET H 106 -15.64 19.95 17.28
C MET H 106 -16.70 19.88 18.36
N ASP H 107 -16.58 18.92 19.26
CA ASP H 107 -17.53 18.79 20.32
C ASP H 107 -17.14 19.71 21.49
N TYR H 108 -15.86 19.74 21.83
CA TYR H 108 -15.36 20.59 22.91
C TYR H 108 -14.46 21.70 22.36
N TRP H 109 -14.60 22.92 22.86
CA TRP H 109 -13.78 24.02 22.37
C TRP H 109 -13.05 24.76 23.48
N GLY H 110 -12.22 25.70 23.08
CA GLY H 110 -11.48 26.49 24.03
C GLY H 110 -12.22 27.81 24.13
N GLN H 111 -12.03 28.51 25.23
CA GLN H 111 -12.71 29.77 25.42
C GLN H 111 -12.43 30.79 24.34
N GLY H 112 -11.44 30.52 23.49
CA GLY H 112 -11.12 31.45 22.42
C GLY H 112 -10.21 32.57 22.89
N THR H 113 -9.31 33.02 22.01
CA THR H 113 -8.38 34.09 22.36
C THR H 113 -8.34 35.24 21.36
N SER H 114 -8.46 36.45 21.88
CA SER H 114 -8.51 37.64 21.04
C SER H 114 -7.16 38.14 20.58
N VAL H 115 -7.10 38.59 19.34
CA VAL H 115 -5.87 39.11 18.75
C VAL H 115 -6.24 40.39 18.01
N THR H 116 -5.69 41.51 18.46
CA THR H 116 -5.94 42.79 17.84
C THR H 116 -4.64 43.25 17.21
N VAL H 117 -4.75 43.92 16.06
CA VAL H 117 -3.58 44.42 15.36
C VAL H 117 -3.74 45.91 15.07
N THR H 122 -1.96 52.88 23.47
CA THR H 122 -2.34 52.09 24.65
C THR H 122 -2.16 52.75 26.01
N THR H 123 -3.15 52.59 26.89
CA THR H 123 -3.05 53.13 28.26
C THR H 123 -3.52 52.08 29.25
N PRO H 124 -2.68 51.72 30.23
CA PRO H 124 -3.05 50.71 31.23
C PRO H 124 -4.10 51.21 32.19
N PRO H 125 -4.80 50.30 32.86
CA PRO H 125 -5.86 50.63 33.82
C PRO H 125 -5.45 51.00 35.24
N SER H 126 -6.39 51.60 35.96
CA SER H 126 -6.17 51.96 37.35
C SER H 126 -7.11 50.98 38.05
N VAL H 127 -6.60 50.18 38.97
CA VAL H 127 -7.46 49.23 39.64
C VAL H 127 -7.75 49.69 41.06
N TYR H 128 -9.03 49.78 41.40
CA TYR H 128 -9.46 50.23 42.72
C TYR H 128 -10.28 49.16 43.41
N PRO H 129 -9.95 48.80 44.66
CA PRO H 129 -10.71 47.77 45.37
C PRO H 129 -12.02 48.36 45.87
N LEU H 130 -13.08 47.57 45.80
CA LEU H 130 -14.38 48.04 46.26
C LEU H 130 -14.89 47.22 47.41
N ALA H 131 -14.77 47.77 48.61
CA ALA H 131 -15.24 47.10 49.83
C ALA H 131 -16.75 47.27 49.92
N PRO H 132 -17.42 46.27 50.48
CA PRO H 132 -18.87 46.30 50.63
C PRO H 132 -19.38 47.24 51.70
N GLY H 133 -20.55 47.83 51.43
CA GLY H 133 -21.18 48.73 52.38
C GLY H 133 -22.47 48.07 52.82
N SER H 134 -23.50 48.86 53.10
CA SER H 134 -24.78 48.31 53.54
C SER H 134 -25.52 47.73 52.34
N ALA H 135 -25.13 48.15 51.14
CA ALA H 135 -25.79 47.66 49.93
C ALA H 135 -24.97 46.65 49.14
N ALA H 136 -24.07 45.96 49.83
CA ALA H 136 -23.23 44.93 49.23
C ALA H 136 -23.11 43.77 50.23
N GLN H 137 -22.92 44.08 51.50
CA GLN H 137 -22.85 43.05 52.53
C GLN H 137 -24.34 42.82 52.79
N THR H 138 -24.80 41.61 52.51
CA THR H 138 -26.21 41.30 52.69
C THR H 138 -26.52 40.00 53.41
N ASN H 139 -26.23 40.00 54.71
CA ASN H 139 -26.52 38.89 55.63
C ASN H 139 -25.66 37.63 55.61
N SER H 140 -25.85 36.81 54.57
CA SER H 140 -25.13 35.55 54.42
C SER H 140 -24.08 35.65 53.30
N MET H 141 -24.39 36.46 52.30
CA MET H 141 -23.50 36.67 51.17
C MET H 141 -23.01 38.11 51.17
N VAL H 142 -21.70 38.30 51.11
CA VAL H 142 -21.13 39.64 51.05
C VAL H 142 -20.46 39.68 49.69
N THR H 143 -20.52 40.81 49.01
CA THR H 143 -19.86 40.85 47.71
C THR H 143 -18.84 41.97 47.57
N LEU H 144 -17.61 41.58 47.26
CA LEU H 144 -16.51 42.53 47.06
C LEU H 144 -16.49 42.86 45.58
N GLY H 145 -15.81 43.93 45.21
CA GLY H 145 -15.73 44.29 43.81
C GLY H 145 -14.41 44.96 43.43
N CYS H 146 -14.23 45.15 42.12
CA CYS H 146 -13.03 45.79 41.61
C CYS H 146 -13.37 46.71 40.48
N LEU H 147 -12.90 47.96 40.59
CA LEU H 147 -13.14 48.97 39.57
C LEU H 147 -11.89 49.06 38.73
N VAL H 148 -12.01 48.65 37.47
CA VAL H 148 -10.91 48.69 36.51
C VAL H 148 -11.21 49.88 35.59
N LYS H 149 -10.60 51.01 35.93
CA LYS H 149 -10.84 52.28 35.26
C LYS H 149 -9.86 52.85 34.24
N GLY H 150 -10.42 53.48 33.21
CA GLY H 150 -9.65 54.12 32.17
C GLY H 150 -8.50 53.39 31.53
N TYR H 151 -8.77 52.23 30.94
CA TYR H 151 -7.75 51.46 30.26
C TYR H 151 -8.11 51.40 28.77
N PHE H 152 -7.13 51.02 27.95
CA PHE H 152 -7.32 50.92 26.52
C PHE H 152 -6.18 50.15 25.87
N PRO H 153 -6.51 49.25 24.92
CA PRO H 153 -7.84 48.92 24.44
C PRO H 153 -8.40 47.69 25.16
N GLU H 154 -9.52 47.17 24.68
CA GLU H 154 -10.08 45.98 25.27
C GLU H 154 -9.17 44.85 24.85
N PRO H 155 -9.10 43.78 25.62
CA PRO H 155 -9.81 43.57 26.87
C PRO H 155 -8.92 43.56 28.11
N VAL H 156 -9.57 43.41 29.26
CA VAL H 156 -8.88 43.30 30.53
C VAL H 156 -9.37 41.96 31.02
N THR H 157 -8.52 41.22 31.73
CA THR H 157 -8.92 39.92 32.24
C THR H 157 -8.91 40.01 33.75
N VAL H 158 -10.10 40.03 34.34
CA VAL H 158 -10.22 40.11 35.79
C VAL H 158 -10.41 38.74 36.41
N SER H 159 -9.63 38.47 37.44
CA SER H 159 -9.71 37.20 38.12
C SER H 159 -9.75 37.44 39.62
N TRP H 160 -10.26 36.46 40.36
CA TRP H 160 -10.31 36.60 41.80
C TRP H 160 -9.49 35.50 42.44
N ASN H 161 -8.62 35.87 43.37
CA ASN H 161 -7.76 34.90 44.03
C ASN H 161 -7.09 33.98 43.02
N THR H 162 -6.49 34.60 42.00
CA THR H 162 -5.79 33.86 40.97
C THR H 162 -6.61 32.74 40.35
N GLY H 163 -7.93 32.92 40.34
CA GLY H 163 -8.79 31.91 39.75
C GLY H 163 -9.36 30.92 40.73
N SER H 164 -8.91 30.96 41.98
CA SER H 164 -9.43 30.04 42.99
C SER H 164 -10.89 30.33 43.21
N LEU H 165 -11.22 31.61 43.20
CA LEU H 165 -12.60 32.06 43.35
C LEU H 165 -13.19 32.05 41.95
N SER H 166 -13.85 30.96 41.60
CA SER H 166 -14.45 30.83 40.28
C SER H 166 -15.96 31.03 40.22
N SER H 167 -16.66 30.66 41.30
CA SER H 167 -18.11 30.82 41.31
C SER H 167 -18.53 32.13 41.95
N GLY H 168 -19.68 32.65 41.52
CA GLY H 168 -20.16 33.90 42.08
C GLY H 168 -19.41 35.09 41.53
N VAL H 169 -18.54 34.84 40.56
CA VAL H 169 -17.77 35.92 39.94
C VAL H 169 -18.62 36.51 38.84
N HIS H 170 -18.63 37.83 38.74
CA HIS H 170 -19.42 38.50 37.71
C HIS H 170 -18.62 39.67 37.19
N THR H 171 -18.17 39.59 35.95
CA THR H 171 -17.44 40.68 35.36
C THR H 171 -18.44 41.37 34.45
N PHE H 172 -18.68 42.66 34.68
CA PHE H 172 -19.69 43.37 33.89
C PHE H 172 -19.13 43.97 32.66
N PRO H 173 -20.00 44.23 31.67
CA PRO H 173 -19.58 44.82 30.41
C PRO H 173 -18.93 46.18 30.64
N ALA H 174 -17.84 46.42 29.94
CA ALA H 174 -17.11 47.68 30.08
C ALA H 174 -17.91 48.82 29.48
N VAL H 175 -17.53 50.04 29.81
CA VAL H 175 -18.19 51.21 29.24
C VAL H 175 -17.12 52.13 28.71
N LEU H 176 -17.45 52.78 27.60
CA LEU H 176 -16.52 53.68 26.96
C LEU H 176 -16.88 55.12 27.23
N GLN H 177 -15.91 55.89 27.66
CA GLN H 177 -16.14 57.29 27.94
C GLN H 177 -14.84 58.03 27.62
N SER H 178 -14.76 58.56 26.40
CA SER H 178 -13.58 59.29 25.94
C SER H 178 -12.42 58.35 25.63
N ASP H 179 -12.62 57.51 24.64
CA ASP H 179 -11.61 56.55 24.21
C ASP H 179 -10.96 55.78 25.36
N LEU H 180 -11.63 55.72 26.49
CA LEU H 180 -11.12 54.98 27.65
C LEU H 180 -12.16 54.09 28.27
N TYR H 181 -11.84 52.80 28.37
CA TYR H 181 -12.75 51.85 28.95
C TYR H 181 -12.65 51.79 30.46
N THR H 182 -13.74 51.41 31.08
CA THR H 182 -13.78 51.26 32.52
C THR H 182 -14.83 50.19 32.72
N LEU H 183 -14.47 49.18 33.51
CA LEU H 183 -15.33 48.04 33.78
C LEU H 183 -15.29 47.70 35.26
N SER H 184 -16.18 46.82 35.69
CA SER H 184 -16.23 46.44 37.09
C SER H 184 -16.44 44.94 37.23
N SER H 185 -15.79 44.33 38.21
CA SER H 185 -15.95 42.92 38.41
C SER H 185 -16.29 42.68 39.87
N SER H 186 -17.21 41.76 40.13
CA SER H 186 -17.60 41.46 41.48
C SER H 186 -17.53 39.99 41.75
N VAL H 187 -17.42 39.65 43.03
CA VAL H 187 -17.39 38.26 43.44
C VAL H 187 -18.16 38.17 44.74
N THR H 188 -19.02 37.16 44.85
CA THR H 188 -19.80 36.97 46.05
C THR H 188 -19.32 35.79 46.87
N VAL H 189 -19.16 36.02 48.16
CA VAL H 189 -18.69 34.96 49.04
C VAL H 189 -19.51 34.93 50.32
N PRO H 190 -19.41 33.85 51.11
CA PRO H 190 -20.16 33.76 52.37
C PRO H 190 -19.66 34.81 53.36
N SER H 191 -20.59 35.51 54.01
CA SER H 191 -20.23 36.55 54.95
C SER H 191 -19.17 36.14 55.96
N SER H 192 -18.98 34.84 56.14
CA SER H 192 -17.98 34.35 57.08
C SER H 192 -16.60 34.36 56.43
N THR H 193 -16.57 34.11 55.13
CA THR H 193 -15.34 34.05 54.33
C THR H 193 -14.45 35.27 54.37
N TRP H 194 -15.05 36.45 54.37
CA TRP H 194 -14.31 37.70 54.35
C TRP H 194 -14.85 38.60 55.46
N PRO H 195 -14.00 39.45 56.07
CA PRO H 195 -12.57 39.71 55.86
C PRO H 195 -11.71 38.56 56.33
N SER H 196 -12.33 37.60 57.03
CA SER H 196 -11.62 36.45 57.54
C SER H 196 -10.52 36.03 56.56
N GLU H 197 -10.94 35.46 55.43
CA GLU H 197 -10.02 35.00 54.41
C GLU H 197 -9.70 36.16 53.46
N THR H 198 -8.52 36.10 52.83
CA THR H 198 -8.09 37.14 51.90
C THR H 198 -8.76 37.07 50.53
N VAL H 199 -9.12 38.23 50.00
CA VAL H 199 -9.73 38.31 48.68
C VAL H 199 -8.97 39.35 47.87
N THR H 200 -8.48 38.94 46.71
CA THR H 200 -7.70 39.80 45.83
C THR H 200 -8.20 39.66 44.43
N CYS H 201 -8.34 40.78 43.73
CA CYS H 201 -8.77 40.66 42.35
C CYS H 201 -7.53 40.90 41.49
N ASN H 202 -7.31 40.01 40.52
CA ASN H 202 -6.15 40.09 39.65
C ASN H 202 -6.55 40.59 38.29
N VAL H 203 -6.18 41.82 37.99
CA VAL H 203 -6.53 42.42 36.71
C VAL H 203 -5.34 42.34 35.79
N ALA H 204 -5.57 42.02 34.53
CA ALA H 204 -4.49 41.94 33.55
C ALA H 204 -4.89 42.69 32.30
N HIS H 205 -3.97 43.47 31.75
CA HIS H 205 -4.23 44.24 30.56
C HIS H 205 -3.17 43.88 29.56
N PRO H 206 -3.33 42.75 28.84
CA PRO H 206 -2.36 42.30 27.85
C PRO H 206 -1.79 43.43 26.98
N ALA H 207 -2.65 44.23 26.38
CA ALA H 207 -2.20 45.31 25.51
C ALA H 207 -1.09 46.19 26.08
N SER H 208 -1.01 46.32 27.40
CA SER H 208 0.02 47.17 27.98
C SER H 208 1.01 46.43 28.88
N SER H 209 1.02 45.11 28.79
CA SER H 209 1.92 44.30 29.60
C SER H 209 1.79 44.68 31.07
N THR H 210 0.56 45.00 31.48
CA THR H 210 0.28 45.40 32.86
C THR H 210 -0.56 44.37 33.60
N LYS H 211 -0.20 44.12 34.85
CA LYS H 211 -0.91 43.17 35.67
C LYS H 211 -0.97 43.79 37.06
N VAL H 212 -2.17 43.85 37.64
CA VAL H 212 -2.31 44.40 38.97
C VAL H 212 -3.13 43.50 39.85
N ASP H 213 -2.58 43.14 41.01
CA ASP H 213 -3.29 42.35 41.98
C ASP H 213 -3.59 43.35 43.09
N LYS H 214 -4.86 43.54 43.40
CA LYS H 214 -5.28 44.51 44.41
C LYS H 214 -6.03 43.82 45.55
N LYS H 215 -5.43 43.73 46.73
CA LYS H 215 -6.14 43.10 47.85
C LYS H 215 -7.32 43.98 48.24
N ILE H 216 -8.48 43.37 48.40
CA ILE H 216 -9.64 44.15 48.79
C ILE H 216 -9.79 44.01 50.30
N VAL H 217 -9.52 45.12 50.99
CA VAL H 217 -9.60 45.20 52.44
C VAL H 217 -10.78 46.05 52.90
N PRO H 218 -11.32 45.76 54.10
CA PRO H 218 -12.46 46.46 54.70
C PRO H 218 -12.21 47.94 54.97
C1 ECO I . 12.04 -26.39 -0.30
C2 ECO I . 11.07 -25.43 0.09
C3 ECO I . 11.35 -24.55 1.19
O3 ECO I . 10.39 -23.61 1.55
C4 ECO I . 12.58 -24.62 1.90
C5 ECO I . 13.59 -25.59 1.52
C6 ECO I . 14.91 -25.64 2.33
C7 ECO I . 15.91 -26.78 1.84
C8 ECO I . 15.84 -27.05 0.31
C9 ECO I . 14.37 -27.56 -0.05
C10 ECO I . 13.31 -26.51 0.38
C11 ECO I . 14.30 -27.84 -1.61
C12 ECO I . 15.34 -28.87 -2.11
C13 ECO I . 16.77 -28.42 -1.77
C14 ECO I . 16.86 -28.18 -0.17
C15 ECO I . 18.38 -28.01 -0.01
C16 ECO I . 18.93 -29.26 -0.80
C17 ECO I . 17.86 -29.53 -1.93
O17 ECO I . 18.52 -29.57 -3.21
C18 ECO I . 17.18 -27.17 -2.66
N19 ECO I . 14.77 -25.21 3.63
O19 ECO I . 15.39 -25.63 4.92
C19 ECO I . 16.27 -26.71 5.04
C20 ECO I . 15.80 -27.91 5.89
O20 ECO I . 15.26 -27.55 6.96
O21 ECO I . 16.66 -28.81 5.97
C1 ECO J . -0.61 26.58 -7.53
C2 ECO J . -1.55 27.64 -7.74
C3 ECO J . -1.34 28.93 -7.11
O3 ECO J . -2.27 29.94 -7.32
C4 ECO J . -0.18 29.16 -6.29
C5 ECO J . 0.80 28.11 -6.06
C6 ECO J . 2.03 28.40 -5.16
C7 ECO J . 3.00 27.16 -4.98
C8 ECO J . 3.08 26.23 -6.22
C9 ECO J . 1.61 25.63 -6.50
C10 ECO J . 0.58 26.77 -6.70
C11 ECO J . 1.71 24.69 -7.75
C12 ECO J . 2.73 23.54 -7.61
C13 ECO J . 4.16 24.08 -7.34
C14 ECO J . 4.08 25.01 -6.02
C15 ECO J . 5.58 25.22 -5.76
C16 ECO J . 6.14 23.73 -5.85
C17 ECO J . 5.19 23.01 -6.87
O17 ECO J . 5.99 22.42 -7.92
C18 ECO J . 4.72 24.83 -8.65
N19 ECO J . 1.83 29.38 -4.20
O19 ECO J . 2.34 29.55 -2.82
C19 ECO J . 3.18 28.62 -2.17
C20 ECO J . 2.69 27.98 -0.84
O20 ECO J . 1.53 27.53 -0.94
O21 ECO J . 2.94 28.70 0.16
C1 ECO K . -3.82 -17.41 0.51
C2 ECO K . -3.86 -16.59 -0.68
C3 ECO K . -4.32 -17.15 -1.92
O3 ECO K . -4.36 -16.36 -3.06
C4 ECO K . -4.76 -18.52 -1.99
C5 ECO K . -4.73 -19.38 -0.81
C6 ECO K . -5.20 -20.86 -0.93
C7 ECO K . -5.11 -21.70 0.42
C8 ECO K . -5.35 -20.84 1.70
C9 ECO K . -4.22 -19.70 1.77
C10 ECO K . -4.25 -18.81 0.49
C11 ECO K . -4.45 -18.85 3.08
C12 ECO K . -4.45 -19.68 4.39
C13 ECO K . -5.57 -20.76 4.33
C14 ECO K . -5.28 -21.69 3.05
C15 ECO K . -6.24 -22.86 3.32
C16 ECO K . -5.94 -23.19 4.84
C17 ECO K . -5.51 -21.82 5.48
O17 ECO K . -6.35 -21.55 6.64
C18 ECO K . -7.02 -20.06 4.37
N19 ECO K . -5.23 -21.37 -2.21
O19 ECO K . -5.14 -22.74 -2.77
C19 ECO K . -4.96 -23.89 -2.00
C20 ECO K . -3.99 -24.95 -2.57
O20 ECO K . -4.57 -25.78 -3.29
O21 ECO K . -3.18 -25.38 -1.72
C1 ECO L . -7.17 18.26 7.16
C2 ECO L . -6.77 18.48 5.81
C3 ECO L . -6.88 17.40 4.86
O3 ECO L . -6.50 17.63 3.55
C4 ECO L . -7.39 16.12 5.25
C5 ECO L . -7.80 15.88 6.63
C6 ECO L . -8.32 14.47 7.01
C7 ECO L . -8.71 14.31 8.53
C8 ECO L . -9.24 15.63 9.19
C9 ECO L . -8.11 16.76 9.10
C10 ECO L . -7.68 16.98 7.63
C11 ECO L . -8.66 18.07 9.77
C12 ECO L . -9.09 17.91 11.24
C13 ECO L . -10.18 16.81 11.40
C14 ECO L . -9.61 15.44 10.73
C15 ECO L . -10.67 14.44 11.18
C16 ECO L . -10.78 14.76 12.73
C17 ECO L . -10.44 16.30 12.86
O17 ECO L . -11.52 16.96 13.59
C18 ECO L . -11.55 17.36 10.79
N19 ECO L . -7.89 13.46 6.18
O19 ECO L . -7.62 12.03 6.39
C19 ECO L . -7.72 11.39 7.63
C20 ECO L . -6.54 10.53 8.10
O20 ECO L . -5.97 9.94 7.14
O21 ECO L . -6.81 9.84 9.11
#